data_7JP5
# 
_entry.id   7JP5 
# 
_audit_conform.dict_name       mmcif_pdbx.dic 
_audit_conform.dict_version    5.380 
_audit_conform.dict_location   http://mmcif.pdb.org/dictionaries/ascii/mmcif_pdbx.dic 
# 
loop_
_database_2.database_id 
_database_2.database_code 
_database_2.pdbx_database_accession 
_database_2.pdbx_DOI 
PDB   7JP5         pdb_00007jp5 10.2210/pdb7jp5/pdb 
WWPDB D_1000250930 ?            ?                   
# 
_pdbx_database_status.status_code                     REL 
_pdbx_database_status.status_code_sf                  REL 
_pdbx_database_status.status_code_mr                  ? 
_pdbx_database_status.entry_id                        7JP5 
_pdbx_database_status.recvd_initial_deposition_date   2020-08-07 
_pdbx_database_status.SG_entry                        N 
_pdbx_database_status.deposit_site                    RCSB 
_pdbx_database_status.process_site                    RCSB 
_pdbx_database_status.status_code_cs                  ? 
_pdbx_database_status.status_code_nmr_data            ? 
_pdbx_database_status.methods_development_category    ? 
_pdbx_database_status.pdb_format_compatible           Y 
# 
loop_
_audit_author.name 
_audit_author.pdbx_ordinal 
_audit_author.identifier_ORCID 
'Simmons, C.R.'      1 0000-0002-2290-6132 
'MacCulloch, T.'     2 0000-0001-5875-3361 
'Stephanopoulos, N.' 3 0000-0001-7859-410X 
'Yan, H.'            4 0000-0001-7397-9852 
# 
_citation.abstract                  ? 
_citation.abstract_id_CAS           ? 
_citation.book_id_ISBN              ? 
_citation.book_publisher            ? 
_citation.book_publisher_city       ? 
_citation.book_title                ? 
_citation.coordinate_linkage        ? 
_citation.country                   UK 
_citation.database_id_Medline       ? 
_citation.details                   ? 
_citation.id                        primary 
_citation.journal_abbrev            'Nat Commun' 
_citation.journal_id_ASTM           ? 
_citation.journal_id_CSD            ? 
_citation.journal_id_ISSN           2041-1723 
_citation.journal_full              ? 
_citation.journal_issue             ? 
_citation.journal_volume            13 
_citation.language                  ? 
_citation.page_first                3112 
_citation.page_last                 3112 
_citation.title                     'The influence of Holliday junction sequence and dynamics on DNA crystal self-assembly.' 
_citation.year                      2022 
_citation.database_id_CSD           ? 
_citation.pdbx_database_id_DOI      10.1038/s41467-022-30779-6 
_citation.pdbx_database_id_PubMed   35662248 
_citation.unpublished_flag          ? 
# 
loop_
_citation_author.citation_id 
_citation_author.name 
_citation_author.ordinal 
_citation_author.identifier_ORCID 
primary 'Simmons, C.R.'      1  ?                   
primary 'MacCulloch, T.'     2  ?                   
primary 'Krepl, M.'          3  0000-0002-9833-4281 
primary 'Matthies, M.'       4  ?                   
primary 'Buchberger, A.'     5  ?                   
primary 'Crawford, I.'       6  ?                   
primary 'Sponer, J.'         7  0000-0001-6558-6186 
primary 'Sulc, P.'           8  0000-0003-1565-6769 
primary 'Stephanopoulos, N.' 9  0000-0001-7859-410X 
primary 'Yan, H.'            10 0000-0001-7397-9852 
# 
_cell.angle_alpha                  90.000 
_cell.angle_alpha_esd              ? 
_cell.angle_beta                   90.000 
_cell.angle_beta_esd               ? 
_cell.angle_gamma                  120.000 
_cell.angle_gamma_esd              ? 
_cell.entry_id                     7JP5 
_cell.details                      ? 
_cell.formula_units_Z              ? 
_cell.length_a                     68.554 
_cell.length_a_esd                 ? 
_cell.length_b                     68.554 
_cell.length_b_esd                 ? 
_cell.length_c                     55.361 
_cell.length_c_esd                 ? 
_cell.volume                       ? 
_cell.volume_esd                   ? 
_cell.Z_PDB                        3 
_cell.reciprocal_angle_alpha       ? 
_cell.reciprocal_angle_beta        ? 
_cell.reciprocal_angle_gamma       ? 
_cell.reciprocal_angle_alpha_esd   ? 
_cell.reciprocal_angle_beta_esd    ? 
_cell.reciprocal_angle_gamma_esd   ? 
_cell.reciprocal_length_a          ? 
_cell.reciprocal_length_b          ? 
_cell.reciprocal_length_c          ? 
_cell.reciprocal_length_a_esd      ? 
_cell.reciprocal_length_b_esd      ? 
_cell.reciprocal_length_c_esd      ? 
_cell.pdbx_unique_axis             ? 
# 
_symmetry.entry_id                         7JP5 
_symmetry.cell_setting                     ? 
_symmetry.Int_Tables_number                145 
_symmetry.space_group_name_Hall            ? 
_symmetry.space_group_name_H-M             'P 32' 
_symmetry.pdbx_full_space_group_name_H-M   ? 
# 
loop_
_entity.id 
_entity.type 
_entity.src_method 
_entity.pdbx_description 
_entity.formula_weight 
_entity.pdbx_number_of_molecules 
_entity.pdbx_ec 
_entity.pdbx_mutation 
_entity.pdbx_fragment 
_entity.details 
1 polymer     syn 
;DNA (5'-D(*GP*AP*GP*CP*AP*GP*AP*CP*CP*TP*GP*AP*CP*GP*GP*CP*AP*CP*TP*CP*A)-3')
;
6442.176 1 ? ? ? ? 
2 polymer     syn 
;DNA (5'-D(P*CP*CP*GP*TP*CP*A)-3')
;
1769.193 1 ? ? ? ? 
3 polymer     syn 
;DNA (5'-D(*TP*CP*TP*GP*AP*GP*TP*G)-3')
;
2457.627 1 ? ? ? ? 
4 polymer     syn 
;DNA (5'-D(P*GP*GP*TP*CP*TP*GP*C)-3')
;
2129.409 1 ? ? ? ? 
5 non-polymer syn 'CACODYLATE ION'                                                                136.989  1 ? ? ? ? 
6 non-polymer syn 'MAGNESIUM ION'                                                                 24.305   1 ? ? ? ? 
# 
loop_
_entity_poly.entity_id 
_entity_poly.type 
_entity_poly.nstd_linkage 
_entity_poly.nstd_monomer 
_entity_poly.pdbx_seq_one_letter_code 
_entity_poly.pdbx_seq_one_letter_code_can 
_entity_poly.pdbx_strand_id 
_entity_poly.pdbx_target_identifier 
1 polydeoxyribonucleotide no no 
;(DG)(DA)(DG)(DC)(DA)(DG)(DA)(DC)(DC)(DT)(DG)(DA)(DC)(DG)(DG)(DC)(DA)(DC)(DT)(DC)
(DA)
;
GAGCAGACCTGACGGCACTCA A ? 
2 polydeoxyribonucleotide no no '(DC)(DC)(DG)(DT)(DC)(DA)'                                                              CCGTCA B ? 
3 polydeoxyribonucleotide no no '(DT)(DC)(DT)(DG)(DA)(DG)(DT)(DG)'                                                      TCTGAGTG C 
? 
4 polydeoxyribonucleotide no no '(DG)(DG)(DT)(DC)(DT)(DG)(DC)'                                                          GGTCTGC D 
? 
# 
loop_
_entity_poly_seq.entity_id 
_entity_poly_seq.num 
_entity_poly_seq.mon_id 
_entity_poly_seq.hetero 
1 1  DG n 
1 2  DA n 
1 3  DG n 
1 4  DC n 
1 5  DA n 
1 6  DG n 
1 7  DA n 
1 8  DC n 
1 9  DC n 
1 10 DT n 
1 11 DG n 
1 12 DA n 
1 13 DC n 
1 14 DG n 
1 15 DG n 
1 16 DC n 
1 17 DA n 
1 18 DC n 
1 19 DT n 
1 20 DC n 
1 21 DA n 
2 1  DC n 
2 2  DC n 
2 3  DG n 
2 4  DT n 
2 5  DC n 
2 6  DA n 
3 1  DT n 
3 2  DC n 
3 3  DT n 
3 4  DG n 
3 5  DA n 
3 6  DG n 
3 7  DT n 
3 8  DG n 
4 1  DG n 
4 2  DG n 
4 3  DT n 
4 4  DC n 
4 5  DT n 
4 6  DG n 
4 7  DC n 
# 
loop_
_pdbx_entity_src_syn.entity_id 
_pdbx_entity_src_syn.pdbx_src_id 
_pdbx_entity_src_syn.pdbx_alt_source_flag 
_pdbx_entity_src_syn.pdbx_beg_seq_num 
_pdbx_entity_src_syn.pdbx_end_seq_num 
_pdbx_entity_src_syn.organism_scientific 
_pdbx_entity_src_syn.organism_common_name 
_pdbx_entity_src_syn.ncbi_taxonomy_id 
_pdbx_entity_src_syn.details 
1 1 sample 1 21 'synthetic construct' ? 32630 ? 
2 1 sample 1 6  'synthetic construct' ? 32630 ? 
3 1 sample 1 8  'synthetic construct' ? 32630 ? 
4 1 sample 1 7  'synthetic construct' ? 32630 ? 
# 
loop_
_struct_ref.id 
_struct_ref.db_name 
_struct_ref.db_code 
_struct_ref.pdbx_db_accession 
_struct_ref.pdbx_db_isoform 
_struct_ref.entity_id 
_struct_ref.pdbx_seq_one_letter_code 
_struct_ref.pdbx_align_begin 
1 PDB 7JP5 7JP5 ? 1 ? 1 
2 PDB 7JP5 7JP5 ? 2 ? 1 
3 PDB 7JP5 7JP5 ? 3 ? 1 
4 PDB 7JP5 7JP5 ? 4 ? 1 
# 
loop_
_struct_ref_seq.align_id 
_struct_ref_seq.ref_id 
_struct_ref_seq.pdbx_PDB_id_code 
_struct_ref_seq.pdbx_strand_id 
_struct_ref_seq.seq_align_beg 
_struct_ref_seq.pdbx_seq_align_beg_ins_code 
_struct_ref_seq.seq_align_end 
_struct_ref_seq.pdbx_seq_align_end_ins_code 
_struct_ref_seq.pdbx_db_accession 
_struct_ref_seq.db_align_beg 
_struct_ref_seq.pdbx_db_align_beg_ins_code 
_struct_ref_seq.db_align_end 
_struct_ref_seq.pdbx_db_align_end_ins_code 
_struct_ref_seq.pdbx_auth_seq_align_beg 
_struct_ref_seq.pdbx_auth_seq_align_end 
1 1 7JP5 A 1 ? 21 ? 7JP5 1  ? 21 ? 1  21 
2 2 7JP5 B 1 ? 6  ? 7JP5 0  ? 5  ? 0  5  
3 3 7JP5 C 1 ? 8  ? 7JP5 1  ? 8  ? 1  8  
4 4 7JP5 D 1 ? 7  ? 7JP5 10 ? 16 ? 10 16 
# 
loop_
_chem_comp.id 
_chem_comp.type 
_chem_comp.mon_nstd_flag 
_chem_comp.name 
_chem_comp.pdbx_synonyms 
_chem_comp.formula 
_chem_comp.formula_weight 
CAC non-polymer   . 'CACODYLATE ION'                     dimethylarsinate 'C2 H6 As O2 -1'  136.989 
DA  'DNA linking' y "2'-DEOXYADENOSINE-5'-MONOPHOSPHATE" ?                'C10 H14 N5 O6 P' 331.222 
DC  'DNA linking' y "2'-DEOXYCYTIDINE-5'-MONOPHOSPHATE"  ?                'C9 H14 N3 O7 P'  307.197 
DG  'DNA linking' y "2'-DEOXYGUANOSINE-5'-MONOPHOSPHATE" ?                'C10 H14 N5 O7 P' 347.221 
DT  'DNA linking' y "THYMIDINE-5'-MONOPHOSPHATE"         ?                'C10 H15 N2 O8 P' 322.208 
MG  non-polymer   . 'MAGNESIUM ION'                      ?                'Mg 2'            24.305  
# 
_exptl.absorpt_coefficient_mu     ? 
_exptl.absorpt_correction_T_max   ? 
_exptl.absorpt_correction_T_min   ? 
_exptl.absorpt_correction_type    ? 
_exptl.absorpt_process_details    ? 
_exptl.entry_id                   7JP5 
_exptl.crystals_number            1 
_exptl.details                    ? 
_exptl.method                     'X-RAY DIFFRACTION' 
_exptl.method_details             ? 
# 
_exptl_crystal.colour                      ? 
_exptl_crystal.density_diffrn              ? 
_exptl_crystal.density_Matthews            5.87 
_exptl_crystal.density_method              ? 
_exptl_crystal.density_percent_sol         79.04 
_exptl_crystal.description                 ? 
_exptl_crystal.F_000                       ? 
_exptl_crystal.id                          1 
_exptl_crystal.preparation                 ? 
_exptl_crystal.size_max                    ? 
_exptl_crystal.size_mid                    ? 
_exptl_crystal.size_min                    ? 
_exptl_crystal.size_rad                    ? 
_exptl_crystal.colour_lustre               ? 
_exptl_crystal.colour_modifier             ? 
_exptl_crystal.colour_primary              ? 
_exptl_crystal.density_meas                ? 
_exptl_crystal.density_meas_esd            ? 
_exptl_crystal.density_meas_gt             ? 
_exptl_crystal.density_meas_lt             ? 
_exptl_crystal.density_meas_temp           ? 
_exptl_crystal.density_meas_temp_esd       ? 
_exptl_crystal.density_meas_temp_gt        ? 
_exptl_crystal.density_meas_temp_lt        ? 
_exptl_crystal.pdbx_crystal_image_url      ? 
_exptl_crystal.pdbx_crystal_image_format   ? 
_exptl_crystal.pdbx_mosaicity              ? 
_exptl_crystal.pdbx_mosaicity_esd          ? 
# 
_exptl_crystal_grow.apparatus       ? 
_exptl_crystal_grow.atmosphere      ? 
_exptl_crystal_grow.crystal_id      1 
_exptl_crystal_grow.details         ? 
_exptl_crystal_grow.method          'VAPOR DIFFUSION, SITTING DROP' 
_exptl_crystal_grow.method_ref      ? 
_exptl_crystal_grow.pH              ? 
_exptl_crystal_grow.pressure        ? 
_exptl_crystal_grow.pressure_esd    ? 
_exptl_crystal_grow.seeding         ? 
_exptl_crystal_grow.seeding_ref     ? 
_exptl_crystal_grow.temp            298 
_exptl_crystal_grow.temp_details    'temperature gradient generated from 60 to 25 C at 0.3 degrees per hour' 
_exptl_crystal_grow.temp_esd        ? 
_exptl_crystal_grow.time            ? 
_exptl_crystal_grow.pdbx_details    
;0.5 mL of 0.05 M TRIS pH 8.0 with 200 mM MgCl2 and 15% ethanol was added to the reservoir with 2 uL added to the drop containing 4 uL of DNA stock
;
_exptl_crystal_grow.pdbx_pH_range   ? 
# 
_diffrn.ambient_environment              ? 
_diffrn.ambient_temp                     100 
_diffrn.ambient_temp_details             ? 
_diffrn.ambient_temp_esd                 ? 
_diffrn.crystal_id                       1 
_diffrn.crystal_support                  ? 
_diffrn.crystal_treatment                ? 
_diffrn.details                          ? 
_diffrn.id                               1 
_diffrn.ambient_pressure                 ? 
_diffrn.ambient_pressure_esd             ? 
_diffrn.ambient_pressure_gt              ? 
_diffrn.ambient_pressure_lt              ? 
_diffrn.ambient_temp_gt                  ? 
_diffrn.ambient_temp_lt                  ? 
_diffrn.pdbx_serial_crystal_experiment   N 
# 
_diffrn_detector.details                      ? 
_diffrn_detector.detector                     CCD 
_diffrn_detector.diffrn_id                    1 
_diffrn_detector.type                         'ADSC QUANTUM 210r' 
_diffrn_detector.area_resol_mean              ? 
_diffrn_detector.dtime                        ? 
_diffrn_detector.pdbx_frames_total            ? 
_diffrn_detector.pdbx_collection_time_total   ? 
_diffrn_detector.pdbx_collection_date         2017-08-15 
_diffrn_detector.pdbx_frequency               ? 
# 
_diffrn_radiation.collimation                      ? 
_diffrn_radiation.diffrn_id                        1 
_diffrn_radiation.filter_edge                      ? 
_diffrn_radiation.inhomogeneity                    ? 
_diffrn_radiation.monochromator                    ? 
_diffrn_radiation.polarisn_norm                    ? 
_diffrn_radiation.polarisn_ratio                   ? 
_diffrn_radiation.probe                            ? 
_diffrn_radiation.type                             ? 
_diffrn_radiation.xray_symbol                      ? 
_diffrn_radiation.wavelength_id                    1 
_diffrn_radiation.pdbx_monochromatic_or_laue_m_l   M 
_diffrn_radiation.pdbx_wavelength_list             ? 
_diffrn_radiation.pdbx_wavelength                  ? 
_diffrn_radiation.pdbx_diffrn_protocol             'SINGLE WAVELENGTH' 
_diffrn_radiation.pdbx_analyzer                    ? 
_diffrn_radiation.pdbx_scattering_type             x-ray 
# 
_diffrn_radiation_wavelength.id           1 
_diffrn_radiation_wavelength.wavelength   1.1 
_diffrn_radiation_wavelength.wt           1.0 
# 
_diffrn_source.current                     ? 
_diffrn_source.details                     ? 
_diffrn_source.diffrn_id                   1 
_diffrn_source.power                       ? 
_diffrn_source.size                        ? 
_diffrn_source.source                      SYNCHROTRON 
_diffrn_source.target                      ? 
_diffrn_source.type                        'APS BEAMLINE 19-BM' 
_diffrn_source.voltage                     ? 
_diffrn_source.take-off_angle              ? 
_diffrn_source.pdbx_wavelength_list        1.1 
_diffrn_source.pdbx_wavelength             ? 
_diffrn_source.pdbx_synchrotron_beamline   19-BM 
_diffrn_source.pdbx_synchrotron_site       APS 
# 
_reflns.B_iso_Wilson_estimate            45.680 
_reflns.entry_id                         7JP5 
_reflns.data_reduction_details           ? 
_reflns.data_reduction_method            ? 
_reflns.d_resolution_high                3.094 
_reflns.d_resolution_low                 50.000 
_reflns.details                          ? 
_reflns.limit_h_max                      ? 
_reflns.limit_h_min                      ? 
_reflns.limit_k_max                      ? 
_reflns.limit_k_min                      ? 
_reflns.limit_l_max                      ? 
_reflns.limit_l_min                      ? 
_reflns.number_all                       ? 
_reflns.number_obs                       4420 
_reflns.observed_criterion               ? 
_reflns.observed_criterion_F_max         ? 
_reflns.observed_criterion_F_min         ? 
_reflns.observed_criterion_I_max         ? 
_reflns.observed_criterion_I_min         ? 
_reflns.observed_criterion_sigma_F       ? 
_reflns.observed_criterion_sigma_I       ? 
_reflns.percent_possible_obs             83.200 
_reflns.R_free_details                   ? 
_reflns.Rmerge_F_all                     ? 
_reflns.Rmerge_F_obs                     ? 
_reflns.Friedel_coverage                 ? 
_reflns.number_gt                        ? 
_reflns.threshold_expression             ? 
_reflns.pdbx_redundancy                  5.100 
_reflns.pdbx_Rmerge_I_obs                0.141 
_reflns.pdbx_Rmerge_I_all                ? 
_reflns.pdbx_Rsym_value                  ? 
_reflns.pdbx_netI_over_av_sigmaI         ? 
_reflns.pdbx_netI_over_sigmaI            7.300 
_reflns.pdbx_res_netI_over_av_sigmaI_2   ? 
_reflns.pdbx_res_netI_over_sigmaI_2      ? 
_reflns.pdbx_chi_squared                 3.124 
_reflns.pdbx_scaling_rejects             ? 
_reflns.pdbx_d_res_high_opt              ? 
_reflns.pdbx_d_res_low_opt               ? 
_reflns.pdbx_d_res_opt_method            ? 
_reflns.phase_calculation_details        ? 
_reflns.pdbx_Rrim_I_all                  0.156 
_reflns.pdbx_Rpim_I_all                  0.066 
_reflns.pdbx_d_opt                       ? 
_reflns.pdbx_number_measured_all         ? 
_reflns.pdbx_diffrn_id                   1 
_reflns.pdbx_ordinal                     1 
_reflns.pdbx_CC_half                     0.998 
_reflns.pdbx_CC_star                     ? 
_reflns.pdbx_R_split                     ? 
# 
loop_
_reflns_shell.d_res_high 
_reflns_shell.d_res_low 
_reflns_shell.meanI_over_sigI_all 
_reflns_shell.meanI_over_sigI_obs 
_reflns_shell.number_measured_all 
_reflns_shell.number_measured_obs 
_reflns_shell.number_possible 
_reflns_shell.number_unique_all 
_reflns_shell.number_unique_obs 
_reflns_shell.percent_possible_all 
_reflns_shell.percent_possible_obs 
_reflns_shell.Rmerge_F_all 
_reflns_shell.Rmerge_F_obs 
_reflns_shell.Rmerge_I_all 
_reflns_shell.Rmerge_I_obs 
_reflns_shell.meanI_over_sigI_gt 
_reflns_shell.meanI_over_uI_all 
_reflns_shell.meanI_over_uI_gt 
_reflns_shell.number_measured_gt 
_reflns_shell.number_unique_gt 
_reflns_shell.percent_possible_gt 
_reflns_shell.Rmerge_F_gt 
_reflns_shell.Rmerge_I_gt 
_reflns_shell.pdbx_redundancy 
_reflns_shell.pdbx_Rsym_value 
_reflns_shell.pdbx_chi_squared 
_reflns_shell.pdbx_netI_over_sigmaI_all 
_reflns_shell.pdbx_netI_over_sigmaI_obs 
_reflns_shell.pdbx_Rrim_I_all 
_reflns_shell.pdbx_Rpim_I_all 
_reflns_shell.pdbx_rejects 
_reflns_shell.pdbx_ordinal 
_reflns_shell.pdbx_diffrn_id 
_reflns_shell.pdbx_CC_half 
_reflns_shell.pdbx_CC_star 
_reflns_shell.pdbx_R_split 
3.100 3.150  ? ? ? ? ? ? 134 48.900  ? ? ? ? 0.921 ? ? ? ? ? ? ? ? 4.100 ? 1.279  ? ? 1.033 0.462 ? 1  1 0.700 ? ? 
3.150 3.210  ? ? ? ? ? ? 155 60.100  ? ? ? ? 0.286 ? ? ? ? ? ? ? ? 4.200 ? 1.483  ? ? 0.319 0.140 ? 2  1 0.980 ? ? 
3.210 3.270  ? ? ? ? ? ? 169 60.100  ? ? ? ? 0.116 ? ? ? ? ? ? ? ? 4.300 ? 2.418  ? ? 0.128 0.054 ? 3  1 0.994 ? ? 
3.270 3.340  ? ? ? ? ? ? 156 62.200  ? ? ? ? 0.335 ? ? ? ? ? ? ? ? 4.600 ? 1.554  ? ? 0.371 0.159 ? 4  1 0.962 ? ? 
3.340 3.410  ? ? ? ? ? ? 186 71.000  ? ? ? ? 0.172 ? ? ? ? ? ? ? ? 4.400 ? 1.702  ? ? 0.191 0.082 ? 5  1 0.989 ? ? 
3.410 3.490  ? ? ? ? ? ? 194 72.400  ? ? ? ? 0.287 ? ? ? ? ? ? ? ? 4.700 ? 1.667  ? ? 0.318 0.136 ? 6  1 0.982 ? ? 
3.490 3.580  ? ? ? ? ? ? 193 74.500  ? ? ? ? 0.298 ? ? ? ? ? ? ? ? 4.700 ? 1.524  ? ? 0.330 0.141 ? 7  1 0.975 ? ? 
3.580 3.680  ? ? ? ? ? ? 213 74.000  ? ? ? ? 0.352 ? ? ? ? ? ? ? ? 4.700 ? 1.370  ? ? 0.392 0.170 ? 8  1 0.951 ? ? 
3.680 3.780  ? ? ? ? ? ? 209 81.600  ? ? ? ? 0.386 ? ? ? ? ? ? ? ? 4.900 ? 1.601  ? ? 0.427 0.182 ? 9  1 0.930 ? ? 
3.780 3.910  ? ? ? ? ? ? 209 83.300  ? ? ? ? 0.452 ? ? ? ? ? ? ? ? 4.900 ? 1.451  ? ? 0.500 0.212 ? 10 1 0.942 ? ? 
3.910 4.040  ? ? ? ? ? ? 242 87.100  ? ? ? ? 0.406 ? ? ? ? ? ? ? ? 5.200 ? 1.449  ? ? 0.448 0.188 ? 11 1 0.958 ? ? 
4.040 4.210  ? ? ? ? ? ? 250 94.000  ? ? ? ? 0.343 ? ? ? ? ? ? ? ? 4.900 ? 1.459  ? ? 0.380 0.160 ? 12 1 0.962 ? ? 
4.210 4.400  ? ? ? ? ? ? 258 98.100  ? ? ? ? 0.364 ? ? ? ? ? ? ? ? 5.200 ? 1.601  ? ? 0.402 0.169 ? 13 1 0.959 ? ? 
4.400 4.630  ? ? ? ? ? ? 282 100.000 ? ? ? ? 0.391 ? ? ? ? ? ? ? ? 5.400 ? 1.500  ? ? 0.432 0.182 ? 14 1 0.955 ? ? 
4.630 4.920  ? ? ? ? ? ? 253 100.000 ? ? ? ? 0.272 ? ? ? ? ? ? ? ? 5.500 ? 1.725  ? ? 0.300 0.126 ? 15 1 0.977 ? ? 
4.920 5.300  ? ? ? ? ? ? 256 100.000 ? ? ? ? 0.190 ? ? ? ? ? ? ? ? 5.700 ? 1.786  ? ? 0.209 0.087 ? 16 1 0.985 ? ? 
5.300 5.830  ? ? ? ? ? ? 269 100.000 ? ? ? ? 0.141 ? ? ? ? ? ? ? ? 5.800 ? 2.480  ? ? 0.155 0.064 ? 17 1 0.990 ? ? 
5.830 6.670  ? ? ? ? ? ? 265 100.000 ? ? ? ? 0.128 ? ? ? ? ? ? ? ? 5.800 ? 2.336  ? ? 0.141 0.058 ? 18 1 0.992 ? ? 
6.670 8.400  ? ? ? ? ? ? 254 100.000 ? ? ? ? 0.088 ? ? ? ? ? ? ? ? 5.800 ? 3.847  ? ? 0.096 0.040 ? 19 1 0.996 ? ? 
8.400 50.000 ? ? ? ? ? ? 273 97.800  ? ? ? ? 0.088 ? ? ? ? ? ? ? ? 5.600 ? 19.803 ? ? 0.097 0.041 ? 20 1 0.986 ? ? 
# 
_refine.aniso_B[1][1]                            ? 
_refine.aniso_B[1][2]                            ? 
_refine.aniso_B[1][3]                            ? 
_refine.aniso_B[2][2]                            ? 
_refine.aniso_B[2][3]                            ? 
_refine.aniso_B[3][3]                            ? 
_refine.B_iso_max                                161.770 
_refine.B_iso_mean                               78.4622 
_refine.B_iso_min                                30.850 
_refine.correlation_coeff_Fo_to_Fc               ? 
_refine.correlation_coeff_Fo_to_Fc_free          ? 
_refine.details                                  ? 
_refine.diff_density_max                         ? 
_refine.diff_density_max_esd                     ? 
_refine.diff_density_min                         ? 
_refine.diff_density_min_esd                     ? 
_refine.diff_density_rms                         ? 
_refine.diff_density_rms_esd                     ? 
_refine.entry_id                                 7JP5 
_refine.pdbx_refine_id                           'X-RAY DIFFRACTION' 
_refine.ls_abs_structure_details                 ? 
_refine.ls_abs_structure_Flack                   ? 
_refine.ls_abs_structure_Flack_esd               ? 
_refine.ls_abs_structure_Rogers                  ? 
_refine.ls_abs_structure_Rogers_esd              ? 
_refine.ls_d_res_high                            3.0940 
_refine.ls_d_res_low                             34.2770 
_refine.ls_extinction_coef                       ? 
_refine.ls_extinction_coef_esd                   ? 
_refine.ls_extinction_expression                 ? 
_refine.ls_extinction_method                     ? 
_refine.ls_goodness_of_fit_all                   ? 
_refine.ls_goodness_of_fit_all_esd               ? 
_refine.ls_goodness_of_fit_obs                   ? 
_refine.ls_goodness_of_fit_obs_esd               ? 
_refine.ls_hydrogen_treatment                    ? 
_refine.ls_matrix_type                           ? 
_refine.ls_number_constraints                    ? 
_refine.ls_number_parameters                     ? 
_refine.ls_number_reflns_all                     ? 
_refine.ls_number_reflns_obs                     4369 
_refine.ls_number_reflns_R_free                  201 
_refine.ls_number_reflns_R_work                  4168 
_refine.ls_number_restraints                     ? 
_refine.ls_percent_reflns_obs                    82.2900 
_refine.ls_percent_reflns_R_free                 4.6000 
_refine.ls_R_factor_all                          ? 
_refine.ls_R_factor_obs                          0.2455 
_refine.ls_R_factor_R_free                       0.2686 
_refine.ls_R_factor_R_free_error                 ? 
_refine.ls_R_factor_R_free_error_details         ? 
_refine.ls_R_factor_R_work                       0.2443 
_refine.ls_R_Fsqd_factor_obs                     ? 
_refine.ls_R_I_factor_obs                        ? 
_refine.ls_redundancy_reflns_all                 ? 
_refine.ls_redundancy_reflns_obs                 ? 
_refine.ls_restrained_S_all                      ? 
_refine.ls_restrained_S_obs                      ? 
_refine.ls_shift_over_esd_max                    ? 
_refine.ls_shift_over_esd_mean                   ? 
_refine.ls_structure_factor_coef                 ? 
_refine.ls_weighting_details                     ? 
_refine.ls_weighting_scheme                      ? 
_refine.ls_wR_factor_all                         ? 
_refine.ls_wR_factor_obs                         ? 
_refine.ls_wR_factor_R_free                      ? 
_refine.ls_wR_factor_R_work                      ? 
_refine.occupancy_max                            ? 
_refine.occupancy_min                            ? 
_refine.solvent_model_details                    'FLAT BULK SOLVENT MODEL' 
_refine.solvent_model_param_bsol                 ? 
_refine.solvent_model_param_ksol                 ? 
_refine.pdbx_R_complete                          ? 
_refine.ls_R_factor_gt                           ? 
_refine.ls_goodness_of_fit_gt                    ? 
_refine.ls_goodness_of_fit_ref                   ? 
_refine.ls_shift_over_su_max                     ? 
_refine.ls_shift_over_su_max_lt                  ? 
_refine.ls_shift_over_su_mean                    ? 
_refine.ls_shift_over_su_mean_lt                 ? 
_refine.pdbx_ls_sigma_I                          ? 
_refine.pdbx_ls_sigma_F                          1.960 
_refine.pdbx_ls_sigma_Fsqd                       ? 
_refine.pdbx_data_cutoff_high_absF               ? 
_refine.pdbx_data_cutoff_high_rms_absF           ? 
_refine.pdbx_data_cutoff_low_absF                ? 
_refine.pdbx_isotropic_thermal_model             ? 
_refine.pdbx_ls_cross_valid_method               THROUGHOUT 
_refine.pdbx_method_to_determine_struct          'MOLECULAR REPLACEMENT' 
_refine.pdbx_starting_model                      5VY6 
_refine.pdbx_stereochemistry_target_values       ML 
_refine.pdbx_R_Free_selection_details            ? 
_refine.pdbx_stereochem_target_val_spec_case     ? 
_refine.pdbx_overall_ESU_R                       ? 
_refine.pdbx_overall_ESU_R_Free                  ? 
_refine.pdbx_solvent_vdw_probe_radii             1.1100 
_refine.pdbx_solvent_ion_probe_radii             ? 
_refine.pdbx_solvent_shrinkage_radii             0.9000 
_refine.pdbx_real_space_R                        ? 
_refine.pdbx_density_correlation                 ? 
_refine.pdbx_pd_number_of_powder_patterns        ? 
_refine.pdbx_pd_number_of_points                 ? 
_refine.pdbx_pd_meas_number_of_points            ? 
_refine.pdbx_pd_proc_ls_prof_R_factor            ? 
_refine.pdbx_pd_proc_ls_prof_wR_factor           ? 
_refine.pdbx_pd_Marquardt_correlation_coeff      ? 
_refine.pdbx_pd_Fsqrd_R_factor                   ? 
_refine.pdbx_pd_ls_matrix_band_width             ? 
_refine.pdbx_overall_phase_error                 34.4100 
_refine.pdbx_overall_SU_R_free_Cruickshank_DPI   ? 
_refine.pdbx_overall_SU_R_free_Blow_DPI          ? 
_refine.pdbx_overall_SU_R_Blow_DPI               ? 
_refine.pdbx_TLS_residual_ADP_flag               ? 
_refine.pdbx_diffrn_id                           1 
_refine.overall_SU_B                             ? 
_refine.overall_SU_ML                            0.2100 
_refine.overall_SU_R_Cruickshank_DPI             ? 
_refine.overall_SU_R_free                        ? 
_refine.overall_FOM_free_R_set                   ? 
_refine.overall_FOM_work_R_set                   ? 
_refine.pdbx_average_fsc_overall                 ? 
_refine.pdbx_average_fsc_work                    ? 
_refine.pdbx_average_fsc_free                    ? 
# 
_refine_hist.pdbx_refine_id                   'X-RAY DIFFRACTION' 
_refine_hist.cycle_id                         final 
_refine_hist.details                          ? 
_refine_hist.d_res_high                       3.0940 
_refine_hist.d_res_low                        34.2770 
_refine_hist.number_atoms_solvent             0 
_refine_hist.number_atoms_total               857 
_refine_hist.number_reflns_all                ? 
_refine_hist.number_reflns_obs                ? 
_refine_hist.number_reflns_R_free             ? 
_refine_hist.number_reflns_R_work             ? 
_refine_hist.R_factor_all                     ? 
_refine_hist.R_factor_obs                     ? 
_refine_hist.R_factor_R_free                  ? 
_refine_hist.R_factor_R_work                  ? 
_refine_hist.pdbx_number_residues_total       42 
_refine_hist.pdbx_B_iso_mean_ligand           110.96 
_refine_hist.pdbx_B_iso_mean_solvent          ? 
_refine_hist.pdbx_number_atoms_protein        0 
_refine_hist.pdbx_number_atoms_nucleic_acid   855 
_refine_hist.pdbx_number_atoms_ligand         2 
_refine_hist.pdbx_number_atoms_lipid          ? 
_refine_hist.pdbx_number_atoms_carb           ? 
_refine_hist.pdbx_pseudo_atom_details         ? 
# 
loop_
_refine_ls_restr.pdbx_refine_id 
_refine_ls_restr.criterion 
_refine_ls_restr.dev_ideal 
_refine_ls_restr.dev_ideal_target 
_refine_ls_restr.number 
_refine_ls_restr.rejects 
_refine_ls_restr.type 
_refine_ls_restr.weight 
_refine_ls_restr.pdbx_restraint_function 
'X-RAY DIFFRACTION' ? 0.005  ? 956  ? f_bond_d           ? ? 
'X-RAY DIFFRACTION' ? 0.798  ? 1467 ? f_angle_d          ? ? 
'X-RAY DIFFRACTION' ? 0.045  ? 166  ? f_chiral_restr     ? ? 
'X-RAY DIFFRACTION' ? 0.005  ? 42   ? f_plane_restr      ? ? 
'X-RAY DIFFRACTION' ? 33.294 ? 406  ? f_dihedral_angle_d ? ? 
# 
_refine_ls_shell.pdbx_refine_id                   'X-RAY DIFFRACTION' 
_refine_ls_shell.d_res_high                       3.0942 
_refine_ls_shell.d_res_low                        ? 
_refine_ls_shell.number_reflns_all                ? 
_refine_ls_shell.number_reflns_obs                ? 
_refine_ls_shell.number_reflns_R_free             201 
_refine_ls_shell.number_reflns_R_work             4168 
_refine_ls_shell.percent_reflns_obs               82.0000 
_refine_ls_shell.percent_reflns_R_free            ? 
_refine_ls_shell.R_factor_all                     ? 
_refine_ls_shell.R_factor_obs                     ? 
_refine_ls_shell.R_factor_R_free                  0.2686 
_refine_ls_shell.R_factor_R_free_error            0.0000 
_refine_ls_shell.R_factor_R_work                  0.2443 
_refine_ls_shell.redundancy_reflns_all            ? 
_refine_ls_shell.redundancy_reflns_obs            ? 
_refine_ls_shell.wR_factor_all                    ? 
_refine_ls_shell.wR_factor_obs                    ? 
_refine_ls_shell.wR_factor_R_free                 ? 
_refine_ls_shell.wR_factor_R_work                 ? 
_refine_ls_shell.pdbx_R_complete                  ? 
_refine_ls_shell.pdbx_total_number_of_bins_used   ? 
_refine_ls_shell.pdbx_phase_error                 ? 
_refine_ls_shell.pdbx_fsc_work                    ? 
_refine_ls_shell.pdbx_fsc_free                    ? 
# 
_struct.entry_id                     7JP5 
_struct.title                        
'Self-assembly of a 3D DNA crystal lattice (4x6 duplex version) containing the J22 immobile Holliday junction' 
_struct.pdbx_model_details           ? 
_struct.pdbx_formula_weight          ? 
_struct.pdbx_formula_weight_method   ? 
_struct.pdbx_model_type_details      ? 
_struct.pdbx_CASP_flag               N 
# 
_struct_keywords.entry_id        7JP5 
_struct_keywords.text            
'Structural DNA nanotechnology, immobile Holliday junctions, 3D DNA self-assembly, designer DNA crystals, DNA' 
_struct_keywords.pdbx_keywords   DNA 
# 
loop_
_struct_asym.id 
_struct_asym.pdbx_blank_PDB_chainid_flag 
_struct_asym.pdbx_modified 
_struct_asym.entity_id 
_struct_asym.details 
A N N 1 ? 
B N N 2 ? 
C N N 3 ? 
D N N 4 ? 
E N N 5 ? 
F N N 6 ? 
# 
loop_
_struct_conn.id 
_struct_conn.conn_type_id 
_struct_conn.pdbx_leaving_atom_flag 
_struct_conn.pdbx_PDB_id 
_struct_conn.ptnr1_label_asym_id 
_struct_conn.ptnr1_label_comp_id 
_struct_conn.ptnr1_label_seq_id 
_struct_conn.ptnr1_label_atom_id 
_struct_conn.pdbx_ptnr1_label_alt_id 
_struct_conn.pdbx_ptnr1_PDB_ins_code 
_struct_conn.pdbx_ptnr1_standard_comp_id 
_struct_conn.ptnr1_symmetry 
_struct_conn.ptnr2_label_asym_id 
_struct_conn.ptnr2_label_comp_id 
_struct_conn.ptnr2_label_seq_id 
_struct_conn.ptnr2_label_atom_id 
_struct_conn.pdbx_ptnr2_label_alt_id 
_struct_conn.pdbx_ptnr2_PDB_ins_code 
_struct_conn.ptnr1_auth_asym_id 
_struct_conn.ptnr1_auth_comp_id 
_struct_conn.ptnr1_auth_seq_id 
_struct_conn.ptnr2_auth_asym_id 
_struct_conn.ptnr2_auth_comp_id 
_struct_conn.ptnr2_auth_seq_id 
_struct_conn.ptnr2_symmetry 
_struct_conn.pdbx_ptnr3_label_atom_id 
_struct_conn.pdbx_ptnr3_label_seq_id 
_struct_conn.pdbx_ptnr3_label_comp_id 
_struct_conn.pdbx_ptnr3_label_asym_id 
_struct_conn.pdbx_ptnr3_label_alt_id 
_struct_conn.pdbx_ptnr3_PDB_ins_code 
_struct_conn.details 
_struct_conn.pdbx_dist_value 
_struct_conn.pdbx_value_order 
_struct_conn.pdbx_role 
hydrog1  hydrog ? ? A DG 3  N2 ? ? ? 1_555 D DC 7 N3 ? ? A DG 3  D DC 16 1_555 ? ? ? ? ? ? 'DG-DC PAIR'    ? ? ? 
hydrog2  hydrog ? ? A DC 4  N3 ? ? ? 1_555 D DG 6 N1 ? ? A DC 4  D DG 15 1_555 ? ? ? ? ? ? WATSON-CRICK    ? ? ? 
hydrog3  hydrog ? ? A DC 4  N4 ? ? ? 1_555 D DG 6 O6 ? ? A DC 4  D DG 15 1_555 ? ? ? ? ? ? WATSON-CRICK    ? ? ? 
hydrog4  hydrog ? ? A DC 4  O2 ? ? ? 1_555 D DG 6 N2 ? ? A DC 4  D DG 15 1_555 ? ? ? ? ? ? WATSON-CRICK    ? ? ? 
hydrog5  hydrog ? ? A DA 5  N1 ? ? ? 1_555 D DT 5 N3 ? ? A DA 5  D DT 14 1_555 ? ? ? ? ? ? WATSON-CRICK    ? ? ? 
hydrog6  hydrog ? ? A DA 5  N6 ? ? ? 1_555 D DT 5 O4 ? ? A DA 5  D DT 14 1_555 ? ? ? ? ? ? WATSON-CRICK    ? ? ? 
hydrog7  hydrog ? ? A DG 6  N1 ? ? ? 1_555 D DC 4 N3 ? ? A DG 6  D DC 13 1_555 ? ? ? ? ? ? WATSON-CRICK    ? ? ? 
hydrog8  hydrog ? ? A DG 6  N2 ? ? ? 1_555 D DC 4 O2 ? ? A DG 6  D DC 13 1_555 ? ? ? ? ? ? WATSON-CRICK    ? ? ? 
hydrog9  hydrog ? ? A DG 6  O6 ? ? ? 1_555 D DC 4 N4 ? ? A DG 6  D DC 13 1_555 ? ? ? ? ? ? WATSON-CRICK    ? ? ? 
hydrog10 hydrog ? ? A DA 7  N1 ? ? ? 1_555 D DT 3 N3 ? ? A DA 7  D DT 12 1_555 ? ? ? ? ? ? WATSON-CRICK    ? ? ? 
hydrog11 hydrog ? ? A DA 7  N6 ? ? ? 1_555 D DT 3 O4 ? ? A DA 7  D DT 12 1_555 ? ? ? ? ? ? WATSON-CRICK    ? ? ? 
hydrog12 hydrog ? ? A DC 8  N3 ? ? ? 1_555 D DG 2 N1 ? ? A DC 8  D DG 11 1_555 ? ? ? ? ? ? WATSON-CRICK    ? ? ? 
hydrog13 hydrog ? ? A DC 8  N4 ? ? ? 1_555 D DG 2 O6 ? ? A DC 8  D DG 11 1_555 ? ? ? ? ? ? WATSON-CRICK    ? ? ? 
hydrog14 hydrog ? ? A DC 8  O2 ? ? ? 1_555 D DG 2 N2 ? ? A DC 8  D DG 11 1_555 ? ? ? ? ? ? WATSON-CRICK    ? ? ? 
hydrog15 hydrog ? ? A DC 9  N3 ? ? ? 1_555 D DG 1 N1 ? ? A DC 9  D DG 10 1_555 ? ? ? ? ? ? WATSON-CRICK    ? ? ? 
hydrog16 hydrog ? ? A DC 9  N4 ? ? ? 1_555 D DG 1 O6 ? ? A DC 9  D DG 10 1_555 ? ? ? ? ? ? WATSON-CRICK    ? ? ? 
hydrog17 hydrog ? ? A DC 9  O2 ? ? ? 1_555 D DG 1 N2 ? ? A DC 9  D DG 10 1_555 ? ? ? ? ? ? WATSON-CRICK    ? ? ? 
hydrog18 hydrog ? ? A DT 10 N3 ? ? ? 1_555 B DA 6 N1 ? ? A DT 10 B DA 5  1_555 ? ? ? ? ? ? 'DT-DA PAIR'    ? ? ? 
hydrog19 hydrog ? ? A DG 11 N2 ? ? ? 1_555 B DC 5 N3 ? ? A DG 11 B DC 4  1_555 ? ? ? ? ? ? 'DG-DC PAIR'    ? ? ? 
hydrog20 hydrog ? ? A DA 12 N6 ? ? ? 1_555 B DG 3 O6 ? ? A DA 12 B DG 2  1_555 ? ? ? ? ? ? 'DA-DG MISPAIR' ? ? ? 
hydrog21 hydrog ? ? A DC 13 N3 ? ? ? 1_555 B DG 3 N1 ? ? A DC 13 B DG 2  1_555 ? ? ? ? ? ? WATSON-CRICK    ? ? ? 
hydrog22 hydrog ? ? A DC 13 N4 ? ? ? 1_555 B DG 3 O6 ? ? A DC 13 B DG 2  1_555 ? ? ? ? ? ? WATSON-CRICK    ? ? ? 
hydrog23 hydrog ? ? A DC 13 O2 ? ? ? 1_555 B DG 3 N2 ? ? A DC 13 B DG 2  1_555 ? ? ? ? ? ? WATSON-CRICK    ? ? ? 
hydrog24 hydrog ? ? A DG 14 N1 ? ? ? 1_555 B DC 2 N3 ? ? A DG 14 B DC 1  1_555 ? ? ? ? ? ? WATSON-CRICK    ? ? ? 
hydrog25 hydrog ? ? A DG 14 N2 ? ? ? 1_555 B DC 2 O2 ? ? A DG 14 B DC 1  1_555 ? ? ? ? ? ? WATSON-CRICK    ? ? ? 
hydrog26 hydrog ? ? A DG 14 O6 ? ? ? 1_555 B DC 2 N4 ? ? A DG 14 B DC 1  1_555 ? ? ? ? ? ? WATSON-CRICK    ? ? ? 
hydrog27 hydrog ? ? A DG 15 N2 ? ? ? 1_555 B DC 1 N3 ? ? A DG 15 B DC 0  1_555 ? ? ? ? ? ? 'DG-DC PAIR'    ? ? ? 
hydrog28 hydrog ? ? A DG 15 N1 ? ? ? 1_555 C DG 8 O6 ? ? A DG 15 C DG 8  1_555 ? ? ? ? ? ? 'DG-DG MISPAIR' ? ? ? 
hydrog29 hydrog ? ? A DC 16 N3 ? ? ? 1_555 C DG 8 N1 ? ? A DC 16 C DG 8  1_555 ? ? ? ? ? ? WATSON-CRICK    ? ? ? 
hydrog30 hydrog ? ? A DC 16 N4 ? ? ? 1_555 C DG 8 O6 ? ? A DC 16 C DG 8  1_555 ? ? ? ? ? ? WATSON-CRICK    ? ? ? 
hydrog31 hydrog ? ? A DC 16 O2 ? ? ? 1_555 C DG 8 N2 ? ? A DC 16 C DG 8  1_555 ? ? ? ? ? ? WATSON-CRICK    ? ? ? 
hydrog32 hydrog ? ? A DA 17 N1 ? ? ? 1_555 C DT 7 N3 ? ? A DA 17 C DT 7  1_555 ? ? ? ? ? ? WATSON-CRICK    ? ? ? 
hydrog33 hydrog ? ? A DA 17 N6 ? ? ? 1_555 C DT 7 O4 ? ? A DA 17 C DT 7  1_555 ? ? ? ? ? ? WATSON-CRICK    ? ? ? 
hydrog34 hydrog ? ? A DC 18 N3 ? ? ? 1_555 C DG 6 N1 ? ? A DC 18 C DG 6  1_555 ? ? ? ? ? ? WATSON-CRICK    ? ? ? 
hydrog35 hydrog ? ? A DC 18 N4 ? ? ? 1_555 C DG 6 O6 ? ? A DC 18 C DG 6  1_555 ? ? ? ? ? ? WATSON-CRICK    ? ? ? 
hydrog36 hydrog ? ? A DC 18 O2 ? ? ? 1_555 C DG 6 N2 ? ? A DC 18 C DG 6  1_555 ? ? ? ? ? ? WATSON-CRICK    ? ? ? 
hydrog37 hydrog ? ? A DT 19 N3 ? ? ? 1_555 C DA 5 N1 ? ? A DT 19 C DA 5  1_555 ? ? ? ? ? ? WATSON-CRICK    ? ? ? 
hydrog38 hydrog ? ? A DT 19 O4 ? ? ? 1_555 C DA 5 N6 ? ? A DT 19 C DA 5  1_555 ? ? ? ? ? ? WATSON-CRICK    ? ? ? 
hydrog39 hydrog ? ? A DC 20 N3 ? ? ? 1_555 C DG 4 N1 ? ? A DC 20 C DG 4  1_555 ? ? ? ? ? ? WATSON-CRICK    ? ? ? 
hydrog40 hydrog ? ? A DC 20 N4 ? ? ? 1_555 C DG 4 O6 ? ? A DC 20 C DG 4  1_555 ? ? ? ? ? ? WATSON-CRICK    ? ? ? 
hydrog41 hydrog ? ? A DC 20 O2 ? ? ? 1_555 C DG 4 N2 ? ? A DC 20 C DG 4  1_555 ? ? ? ? ? ? WATSON-CRICK    ? ? ? 
hydrog42 hydrog ? ? A DA 21 N1 ? ? ? 1_555 C DT 3 N3 ? ? A DA 21 C DT 3  1_555 ? ? ? ? ? ? WATSON-CRICK    ? ? ? 
hydrog43 hydrog ? ? A DA 21 N6 ? ? ? 1_555 C DT 3 O4 ? ? A DA 21 C DT 3  1_555 ? ? ? ? ? ? WATSON-CRICK    ? ? ? 
# 
_struct_conn_type.id          hydrog 
_struct_conn_type.criteria    ? 
_struct_conn_type.reference   ? 
# 
_atom_sites.entry_id                    7JP5 
_atom_sites.Cartn_transf_matrix[1][1]   ? 
_atom_sites.Cartn_transf_matrix[1][2]   ? 
_atom_sites.Cartn_transf_matrix[1][3]   ? 
_atom_sites.Cartn_transf_matrix[2][1]   ? 
_atom_sites.Cartn_transf_matrix[2][2]   ? 
_atom_sites.Cartn_transf_matrix[2][3]   ? 
_atom_sites.Cartn_transf_matrix[3][1]   ? 
_atom_sites.Cartn_transf_matrix[3][2]   ? 
_atom_sites.Cartn_transf_matrix[3][3]   ? 
_atom_sites.Cartn_transf_vector[1]      ? 
_atom_sites.Cartn_transf_vector[2]      ? 
_atom_sites.Cartn_transf_vector[3]      ? 
_atom_sites.fract_transf_matrix[1][1]   0.00052708 
_atom_sites.fract_transf_matrix[1][2]   -0.00293265 
_atom_sites.fract_transf_matrix[1][3]   -0.01657807 
_atom_sites.fract_transf_matrix[2][1]   0.00220308 
_atom_sites.fract_transf_matrix[2][2]   -0.01569236 
_atom_sites.fract_transf_matrix[2][3]   -0.00571109 
_atom_sites.fract_transf_matrix[3][1]   -0.01789370 
_atom_sites.fract_transf_matrix[3][2]   -0.00246369 
_atom_sites.fract_transf_matrix[3][3]   -0.00013308 
_atom_sites.fract_transf_vector[1]      1.139892 
_atom_sites.fract_transf_vector[2]      0.045679 
_atom_sites.fract_transf_vector[3]      0.058039 
_atom_sites.solution_primary            ? 
_atom_sites.solution_secondary          ? 
_atom_sites.solution_hydrogens          ? 
_atom_sites.special_details             ? 
# 
loop_
_atom_type.symbol 
AS 
C  
H  
MG 
N  
O  
P  
# 
loop_
_atom_site.group_PDB 
_atom_site.id 
_atom_site.type_symbol 
_atom_site.label_atom_id 
_atom_site.label_alt_id 
_atom_site.label_comp_id 
_atom_site.label_asym_id 
_atom_site.label_entity_id 
_atom_site.label_seq_id 
_atom_site.pdbx_PDB_ins_code 
_atom_site.Cartn_x 
_atom_site.Cartn_y 
_atom_site.Cartn_z 
_atom_site.occupancy 
_atom_site.B_iso_or_equiv 
_atom_site.pdbx_formal_charge 
_atom_site.auth_seq_id 
_atom_site.auth_comp_id 
_atom_site.auth_asym_id 
_atom_site.auth_atom_id 
_atom_site.pdbx_PDB_model_num 
ATOM   1    O  "O5'"  . DG  A 1 1  ? 1.204   35.682  1.754   1.00 113.13 ? 1   DG  A "O5'"  1 
ATOM   2    C  "C5'"  . DG  A 1 1  ? 0.875   36.476  0.622   1.00 79.39  ? 1   DG  A "C5'"  1 
ATOM   3    C  "C4'"  . DG  A 1 1  ? -0.631  36.601  0.474   1.00 70.95  ? 1   DG  A "C4'"  1 
ATOM   4    O  "O4'"  . DG  A 1 1  ? -0.928  37.230  -0.786  1.00 56.36  ? 1   DG  A "O4'"  1 
ATOM   5    C  "C3'"  . DG  A 1 1  ? -1.386  35.276  0.503   1.00 85.77  ? 1   DG  A "C3'"  1 
ATOM   6    O  "O3'"  . DG  A 1 1  ? -2.007  35.118  1.774   1.00 90.07  ? 1   DG  A "O3'"  1 
ATOM   7    C  "C2'"  . DG  A 1 1  ? -2.429  35.384  -0.611  1.00 78.31  ? 1   DG  A "C2'"  1 
ATOM   8    C  "C1'"  . DG  A 1 1  ? -1.945  36.543  -1.477  1.00 53.26  ? 1   DG  A "C1'"  1 
ATOM   9    N  N9     . DG  A 1 1  ? -1.414  36.150  -2.777  1.00 55.83  ? 1   DG  A N9     1 
ATOM   10   C  C8     . DG  A 1 1  ? -0.090  36.023  -3.117  1.00 57.60  ? 1   DG  A C8     1 
ATOM   11   N  N7     . DG  A 1 1  ? 0.096   35.683  -4.361  1.00 57.38  ? 1   DG  A N7     1 
ATOM   12   C  C5     . DG  A 1 1  ? -1.185  35.583  -4.884  1.00 58.10  ? 1   DG  A C5     1 
ATOM   13   C  C6     . DG  A 1 1  ? -1.612  35.240  -6.190  1.00 59.90  ? 1   DG  A C6     1 
ATOM   14   O  O6     . DG  A 1 1  ? -0.916  34.956  -7.175  1.00 53.18  ? 1   DG  A O6     1 
ATOM   15   N  N1     . DG  A 1 1  ? -2.998  35.257  -6.303  1.00 58.17  ? 1   DG  A N1     1 
ATOM   16   C  C2     . DG  A 1 1  ? -3.865  35.559  -5.283  1.00 68.12  ? 1   DG  A C2     1 
ATOM   17   N  N2     . DG  A 1 1  ? -5.169  35.515  -5.587  1.00 71.21  ? 1   DG  A N2     1 
ATOM   18   N  N3     . DG  A 1 1  ? -3.482  35.879  -4.048  1.00 60.52  ? 1   DG  A N3     1 
ATOM   19   C  C4     . DG  A 1 1  ? -2.131  35.871  -3.924  1.00 58.15  ? 1   DG  A C4     1 
ATOM   20   P  P      . DA  A 1 2  ? -2.784  33.762  2.139   1.00 105.68 ? 2   DA  A P      1 
ATOM   21   O  OP1    . DA  A 1 2  ? -3.210  33.865  3.556   1.00 73.39  ? 2   DA  A OP1    1 
ATOM   22   O  OP2    . DA  A 1 2  ? -1.946  32.626  1.696   1.00 102.19 ? 2   DA  A OP2    1 
ATOM   23   O  "O5'"  . DA  A 1 2  ? -4.063  33.785  1.181   1.00 70.88  ? 2   DA  A "O5'"  1 
ATOM   24   C  "C5'"  . DA  A 1 2  ? -5.312  33.328  1.662   1.00 80.26  ? 2   DA  A "C5'"  1 
ATOM   25   C  "C4'"  . DA  A 1 2  ? -6.356  33.363  0.566   1.00 73.39  ? 2   DA  A "C4'"  1 
ATOM   26   O  "O4'"  . DA  A 1 2  ? -5.720  33.754  -0.680  1.00 70.34  ? 2   DA  A "O4'"  1 
ATOM   27   C  "C3'"  . DA  A 1 2  ? -7.031  32.024  0.293   1.00 89.51  ? 2   DA  A "C3'"  1 
ATOM   28   O  "O3'"  . DA  A 1 2  ? -8.403  32.192  -0.057  1.00 99.12  ? 2   DA  A "O3'"  1 
ATOM   29   C  "C2'"  . DA  A 1 2  ? -6.209  31.448  -0.847  1.00 84.59  ? 2   DA  A "C2'"  1 
ATOM   30   C  "C1'"  . DA  A 1 2  ? -5.741  32.684  -1.605  1.00 72.41  ? 2   DA  A "C1'"  1 
ATOM   31   N  N9     . DA  A 1 2  ? -4.408  32.530  -2.171  1.00 69.40  ? 2   DA  A N9     1 
ATOM   32   C  C8     . DA  A 1 2  ? -3.228  32.478  -1.486  1.00 69.84  ? 2   DA  A C8     1 
ATOM   33   N  N7     . DA  A 1 2  ? -2.177  32.319  -2.255  1.00 72.35  ? 2   DA  A N7     1 
ATOM   34   C  C5     . DA  A 1 2  ? -2.708  32.256  -3.534  1.00 71.70  ? 2   DA  A C5     1 
ATOM   35   C  C6     . DA  A 1 2  ? -2.114  32.096  -4.804  1.00 72.96  ? 2   DA  A C6     1 
ATOM   36   N  N6     . DA  A 1 2  ? -0.797  31.964  -4.992  1.00 79.12  ? 2   DA  A N6     1 
ATOM   37   N  N1     . DA  A 1 2  ? -2.932  32.073  -5.877  1.00 74.62  ? 2   DA  A N1     1 
ATOM   38   C  C2     . DA  A 1 2  ? -4.250  32.207  -5.685  1.00 78.24  ? 2   DA  A C2     1 
ATOM   39   N  N3     . DA  A 1 2  ? -4.921  32.365  -4.545  1.00 79.03  ? 2   DA  A N3     1 
ATOM   40   C  C4     . DA  A 1 2  ? -4.083  32.381  -3.498  1.00 71.28  ? 2   DA  A C4     1 
ATOM   41   H  "H5'"  . DA  A 1 2  ? -5.599  33.896  2.394   1.00 96.31  ? 2   DA  A "H5'"  1 
ATOM   42   H  "H5''" . DA  A 1 2  ? -5.217  32.418  1.984   1.00 96.31  ? 2   DA  A "H5''" 1 
ATOM   43   H  "H4'"  . DA  A 1 2  ? -7.034  34.018  0.795   1.00 88.07  ? 2   DA  A "H4'"  1 
ATOM   44   H  "H3'"  . DA  A 1 2  ? -6.956  31.453  1.074   1.00 107.41 ? 2   DA  A "H3'"  1 
ATOM   45   H  "H2'"  . DA  A 1 2  ? -5.451  30.951  -0.504  1.00 101.51 ? 2   DA  A "H2'"  1 
ATOM   46   H  "H2''" . DA  A 1 2  ? -6.760  30.888  -1.416  1.00 101.51 ? 2   DA  A "H2''" 1 
ATOM   47   H  "H1'"  . DA  A 1 2  ? -6.372  32.884  -2.314  1.00 86.89  ? 2   DA  A "H1'"  1 
ATOM   48   H  H8     . DA  A 1 2  ? -3.173  32.553  -0.561  1.00 83.81  ? 2   DA  A H8     1 
ATOM   49   H  H61    . DA  A 1 2  ? -0.484  31.864  -5.787  1.00 94.94  ? 2   DA  A H61    1 
ATOM   50   H  H62    . DA  A 1 2  ? -0.263  31.978  -4.318  1.00 94.94  ? 2   DA  A H62    1 
ATOM   51   H  H2     . DA  A 1 2  ? -4.769  32.188  -6.457  1.00 93.89  ? 2   DA  A H2     1 
ATOM   52   P  P      . DG  A 1 3  ? -9.296  30.908  -0.434  1.00 96.78  ? 3   DG  A P      1 
ATOM   53   O  OP1    . DG  A 1 3  ? -10.668 31.129  0.077   1.00 94.30  ? 3   DG  A OP1    1 
ATOM   54   O  OP2    . DG  A 1 3  ? -8.542  29.705  -0.021  1.00 96.99  ? 3   DG  A OP2    1 
ATOM   55   O  "O5'"  . DG  A 1 3  ? -9.327  30.917  -2.031  1.00 79.66  ? 3   DG  A "O5'"  1 
ATOM   56   C  "C5'"  . DG  A 1 3  ? -10.134 29.982  -2.727  1.00 83.66  ? 3   DG  A "C5'"  1 
ATOM   57   C  "C4'"  . DG  A 1 3  ? -9.489  29.581  -4.041  1.00 92.43  ? 3   DG  A "C4'"  1 
ATOM   58   O  "O4'"  . DG  A 1 3  ? -8.103  29.972  -4.040  1.00 83.69  ? 3   DG  A "O4'"  1 
ATOM   59   C  "C3'"  . DG  A 1 3  ? -9.480  28.087  -4.316  1.00 104.82 ? 3   DG  A "C3'"  1 
ATOM   60   O  "O3'"  . DG  A 1 3  ? -10.628 27.719  -5.063  1.00 112.54 ? 3   DG  A "O3'"  1 
ATOM   61   C  "C2'"  . DG  A 1 3  ? -8.175  27.847  -5.092  1.00 96.58  ? 3   DG  A "C2'"  1 
ATOM   62   C  "C1'"  . DG  A 1 3  ? -7.384  29.149  -4.934  1.00 88.20  ? 3   DG  A "C1'"  1 
ATOM   63   N  N9     . DG  A 1 3  ? -6.035  28.974  -4.400  1.00 83.62  ? 3   DG  A N9     1 
ATOM   64   C  C8     . DG  A 1 3  ? -5.661  29.050  -3.080  1.00 82.50  ? 3   DG  A C8     1 
ATOM   65   N  N7     . DG  A 1 3  ? -4.385  28.875  -2.888  1.00 80.03  ? 3   DG  A N7     1 
ATOM   66   C  C5     . DG  A 1 3  ? -3.873  28.676  -4.163  1.00 79.61  ? 3   DG  A C5     1 
ATOM   67   C  C6     . DG  A 1 3  ? -2.542  28.434  -4.578  1.00 75.57  ? 3   DG  A C6     1 
ATOM   68   O  O6     . DG  A 1 3  ? -1.523  28.347  -3.872  1.00 71.51  ? 3   DG  A O6     1 
ATOM   69   N  N1     . DG  A 1 3  ? -2.453  28.288  -5.964  1.00 64.95  ? 3   DG  A N1     1 
ATOM   70   C  C2     . DG  A 1 3  ? -3.519  28.368  -6.833  1.00 69.27  ? 3   DG  A C2     1 
ATOM   71   N  N2     . DG  A 1 3  ? -3.237  28.199  -8.132  1.00 67.38  ? 3   DG  A N2     1 
ATOM   72   N  N3     . DG  A 1 3  ? -4.773  28.594  -6.455  1.00 68.56  ? 3   DG  A N3     1 
ATOM   73   C  C4     . DG  A 1 3  ? -4.875  28.739  -5.110  1.00 76.72  ? 3   DG  A C4     1 
ATOM   74   H  "H5'"  . DG  A 1 3  ? -11.000 30.379  -2.905  1.00 100.40 ? 3   DG  A "H5'"  1 
ATOM   75   H  "H5''" . DG  A 1 3  ? -10.253 29.193  -2.176  1.00 100.40 ? 3   DG  A "H5''" 1 
ATOM   76   H  "H4'"  . DG  A 1 3  ? -9.944  30.033  -4.768  1.00 110.92 ? 3   DG  A "H4'"  1 
ATOM   77   H  "H3'"  . DG  A 1 3  ? -9.459  27.598  -3.479  1.00 125.79 ? 3   DG  A "H3'"  1 
ATOM   78   H  "H2'"  . DG  A 1 3  ? -7.683  27.105  -4.706  1.00 115.89 ? 3   DG  A "H2'"  1 
ATOM   79   H  "H2''" . DG  A 1 3  ? -8.365  27.678  -6.028  1.00 115.89 ? 3   DG  A "H2''" 1 
ATOM   80   H  "H1'"  . DG  A 1 3  ? -7.329  29.591  -5.797  1.00 105.85 ? 3   DG  A "H1'"  1 
ATOM   81   H  H8     . DG  A 1 3  ? -6.264  29.208  -2.389  1.00 99.00  ? 3   DG  A H8     1 
ATOM   82   H  H1     . DG  A 1 3  ? -1.676  28.139  -6.300  1.00 77.94  ? 3   DG  A H1     1 
ATOM   83   H  H21    . DG  A 1 3  ? -3.869  28.216  -8.715  1.00 80.86  ? 3   DG  A H21    1 
ATOM   84   H  H22    . DG  A 1 3  ? -2.424  28.074  -8.383  1.00 80.86  ? 3   DG  A H22    1 
ATOM   85   P  P      . DC  A 1 4  ? -11.090 26.184  -5.121  1.00 114.89 ? 4   DC  A P      1 
ATOM   86   O  OP1    . DC  A 1 4  ? -12.480 26.156  -5.631  1.00 114.90 ? 4   DC  A OP1    1 
ATOM   87   O  OP2    . DC  A 1 4  ? -10.775 25.574  -3.810  1.00 107.12 ? 4   DC  A OP2    1 
ATOM   88   O  "O5'"  . DC  A 1 4  ? -10.122 25.542  -6.219  1.00 97.82  ? 4   DC  A "O5'"  1 
ATOM   89   C  "C5'"  . DC  A 1 4  ? -10.058 26.102  -7.525  1.00 95.73  ? 4   DC  A "C5'"  1 
ATOM   90   C  "C4'"  . DC  A 1 4  ? -8.910  25.503  -8.315  1.00 103.57 ? 4   DC  A "C4'"  1 
ATOM   91   O  "O4'"  . DC  A 1 4  ? -7.659  25.978  -7.786  1.00 105.43 ? 4   DC  A "O4'"  1 
ATOM   92   C  "C3'"  . DC  A 1 4  ? -8.813  23.989  -8.245  1.00 110.95 ? 4   DC  A "C3'"  1 
ATOM   93   O  "O3'"  . DC  A 1 4  ? -9.532  23.400  -9.318  1.00 118.54 ? 4   DC  A "O3'"  1 
ATOM   94   C  "C2'"  . DC  A 1 4  ? -7.305  23.700  -8.323  1.00 101.92 ? 4   DC  A "C2'"  1 
ATOM   95   C  "C1'"  . DC  A 1 4  ? -6.639  25.062  -8.125  1.00 98.13  ? 4   DC  A "C1'"  1 
ATOM   96   N  N1     . DC  A 1 4  ? -5.603  25.099  -7.043  1.00 89.54  ? 4   DC  A N1     1 
ATOM   97   C  C2     . DC  A 1 4  ? -4.240  25.043  -7.373  1.00 83.44  ? 4   DC  A C2     1 
ATOM   98   O  O2     . DC  A 1 4  ? -3.912  24.938  -8.564  1.00 87.34  ? 4   DC  A O2     1 
ATOM   99   N  N3     . DC  A 1 4  ? -3.320  25.101  -6.375  1.00 75.84  ? 4   DC  A N3     1 
ATOM   100  C  C4     . DC  A 1 4  ? -3.719  25.215  -5.104  1.00 84.12  ? 4   DC  A C4     1 
ATOM   101  N  N4     . DC  A 1 4  ? -2.782  25.266  -4.152  1.00 80.36  ? 4   DC  A N4     1 
ATOM   102  C  C5     . DC  A 1 4  ? -5.101  25.282  -4.752  1.00 82.97  ? 4   DC  A C5     1 
ATOM   103  C  C6     . DC  A 1 4  ? -5.996  25.223  -5.742  1.00 81.82  ? 4   DC  A C6     1 
ATOM   104  H  "H5'"  . DC  A 1 4  ? -9.931  27.062  -7.454  1.00 114.87 ? 4   DC  A "H5'"  1 
ATOM   105  H  "H5''" . DC  A 1 4  ? -10.891 25.924  -7.988  1.00 114.87 ? 4   DC  A "H5''" 1 
ATOM   106  H  "H4'"  . DC  A 1 4  ? -8.985  25.775  -9.242  1.00 124.28 ? 4   DC  A "H4'"  1 
ATOM   107  H  "H3'"  . DC  A 1 4  ? -9.165  23.675  -7.398  1.00 133.15 ? 4   DC  A "H3'"  1 
ATOM   108  H  "H2'"  . DC  A 1 4  ? -7.042  23.090  -7.616  1.00 122.30 ? 4   DC  A "H2'"  1 
ATOM   109  H  "H2''" . DC  A 1 4  ? -7.076  23.334  -9.190  1.00 122.30 ? 4   DC  A "H2''" 1 
ATOM   110  H  "H1'"  . DC  A 1 4  ? -6.231  25.339  -8.961  1.00 117.75 ? 4   DC  A "H1'"  1 
ATOM   111  H  H41    . DC  A 1 4  ? -3.010  25.326  -3.326  1.00 96.43  ? 4   DC  A H41    1 
ATOM   112  H  H42    . DC  A 1 4  ? -1.949  25.238  -4.367  1.00 96.43  ? 4   DC  A H42    1 
ATOM   113  H  H5     . DC  A 1 4  ? -5.368  25.359  -3.865  1.00 99.57  ? 4   DC  A H5     1 
ATOM   114  H  H6     . DC  A 1 4  ? -6.903  25.263  -5.541  1.00 98.19  ? 4   DC  A H6     1 
ATOM   115  P  P      . DA  A 1 5  ? -9.975  21.859  -9.246  1.00 114.00 ? 5   DA  A P      1 
ATOM   116  O  OP1    . DA  A 1 5  ? -11.216 21.721  -10.040 1.00 114.22 ? 5   DA  A OP1    1 
ATOM   117  O  OP2    . DA  A 1 5  ? -9.961  21.454  -7.819  1.00 93.91  ? 5   DA  A OP2    1 
ATOM   118  O  "O5'"  . DA  A 1 5  ? -8.791  21.090  -10.000 1.00 95.12  ? 5   DA  A "O5'"  1 
ATOM   119  C  "C5'"  . DA  A 1 5  ? -8.420  21.481  -11.317 1.00 91.33  ? 5   DA  A "C5'"  1 
ATOM   120  C  "C4'"  . DA  A 1 5  ? -6.956  21.173  -11.586 1.00 100.49 ? 5   DA  A "C4'"  1 
ATOM   121  O  "O4'"  . DA  A 1 5  ? -6.148  21.715  -10.521 1.00 87.54  ? 5   DA  A "O4'"  1 
ATOM   122  C  "C3'"  . DA  A 1 5  ? -6.605  19.685  -11.650 1.00 96.91  ? 5   DA  A "C3'"  1 
ATOM   123  O  "O3'"  . DA  A 1 5  ? -6.421  19.277  -13.003 1.00 104.29 ? 5   DA  A "O3'"  1 
ATOM   124  C  "C2'"  . DA  A 1 5  ? -5.315  19.546  -10.819 1.00 85.80  ? 5   DA  A "C2'"  1 
ATOM   125  C  "C1'"  . DA  A 1 5  ? -4.958  20.970  -10.425 1.00 80.77  ? 5   DA  A "C1'"  1 
ATOM   126  N  N9     . DA  A 1 5  ? -4.445  21.103  -9.067  1.00 74.12  ? 5   DA  A N9     1 
ATOM   127  C  C8     . DA  A 1 5  ? -5.190  21.229  -7.931  1.00 77.84  ? 5   DA  A C8     1 
ATOM   128  N  N7     . DA  A 1 5  ? -4.477  21.348  -6.840  1.00 73.02  ? 5   DA  A N7     1 
ATOM   129  C  C5     . DA  A 1 5  ? -3.169  21.297  -7.288  1.00 80.43  ? 5   DA  A C5     1 
ATOM   130  C  C6     . DA  A 1 5  ? -1.937  21.371  -6.610  1.00 76.14  ? 5   DA  A C6     1 
ATOM   131  N  N6     . DA  A 1 5  ? -1.847  21.500  -5.287  1.00 76.28  ? 5   DA  A N6     1 
ATOM   132  N  N1     . DA  A 1 5  ? -0.805  21.284  -7.341  1.00 79.35  ? 5   DA  A N1     1 
ATOM   133  C  C2     . DA  A 1 5  ? -0.908  21.144  -8.673  1.00 78.46  ? 5   DA  A C2     1 
ATOM   134  N  N3     . DA  A 1 5  ? -2.015  21.060  -9.427  1.00 76.30  ? 5   DA  A N3     1 
ATOM   135  C  C4     . DA  A 1 5  ? -3.122  21.146  -8.662  1.00 79.64  ? 5   DA  A C4     1 
ATOM   136  H  "H5'"  . DA  A 1 5  ? -8.569  22.435  -11.420 1.00 109.59 ? 5   DA  A "H5'"  1 
ATOM   137  H  "H5''" . DA  A 1 5  ? -8.968  21.003  -11.957 1.00 109.59 ? 5   DA  A "H5''" 1 
ATOM   138  H  "H4'"  . DA  A 1 5  ? -6.696  21.593  -12.421 1.00 120.58 ? 5   DA  A "H4'"  1 
ATOM   139  H  "H3'"  . DA  A 1 5  ? -7.314  19.164  -11.243 1.00 116.29 ? 5   DA  A "H3'"  1 
ATOM   140  H  "H2'"  . DA  A 1 5  ? -5.478  19.007  -10.028 1.00 102.96 ? 5   DA  A "H2'"  1 
ATOM   141  H  "H2''" . DA  A 1 5  ? -4.607  19.155  -11.356 1.00 102.96 ? 5   DA  A "H2''" 1 
ATOM   142  H  "H1'"  . DA  A 1 5  ? -4.306  21.324  -11.051 1.00 96.92  ? 5   DA  A "H1'"  1 
ATOM   143  H  H8     . DA  A 1 5  ? -6.120  21.233  -7.933  1.00 93.41  ? 5   DA  A H8     1 
ATOM   144  H  H61    . DA  A 1 5  ? -1.074  21.527  -4.910  1.00 91.54  ? 5   DA  A H61    1 
ATOM   145  H  H62    . DA  A 1 5  ? -2.559  21.556  -4.810  1.00 91.54  ? 5   DA  A H62    1 
ATOM   146  H  H2     . DA  A 1 5  ? -0.103  21.089  -9.135  1.00 94.15  ? 5   DA  A H2     1 
ATOM   147  P  P      . DG  A 1 6  ? -6.250  17.721  -13.372 1.00 118.63 ? 6   DG  A P      1 
ATOM   148  O  OP1    . DG  A 1 6  ? -5.733  17.658  -14.758 1.00 104.16 ? 6   DG  A OP1    1 
ATOM   149  O  OP2    . DG  A 1 6  ? -7.508  17.025  -13.019 1.00 102.04 ? 6   DG  A OP2    1 
ATOM   150  O  "O5'"  . DG  A 1 6  ? -5.115  17.212  -12.367 1.00 102.29 ? 6   DG  A "O5'"  1 
ATOM   151  C  "C5'"  . DG  A 1 6  ? -4.195  16.213  -12.771 1.00 102.08 ? 6   DG  A "C5'"  1 
ATOM   152  C  "C4'"  . DG  A 1 6  ? -2.769  16.731  -12.698 1.00 101.12 ? 6   DG  A "C4'"  1 
ATOM   153  O  "O4'"  . DG  A 1 6  ? -2.684  17.724  -11.655 1.00 85.95  ? 6   DG  A "O4'"  1 
ATOM   154  C  "C3'"  . DG  A 1 6  ? -1.726  15.667  -12.382 1.00 100.30 ? 6   DG  A "C3'"  1 
ATOM   155  O  "O3'"  . DG  A 1 6  ? -0.958  15.367  -13.540 1.00 106.58 ? 6   DG  A "O3'"  1 
ATOM   156  C  "C2'"  . DG  A 1 6  ? -0.862  16.252  -11.262 1.00 94.99  ? 6   DG  A "C2'"  1 
ATOM   157  C  "C1'"  . DG  A 1 6  ? -1.485  17.597  -10.924 1.00 83.47  ? 6   DG  A "C1'"  1 
ATOM   158  N  N9     . DG  A 1 6  ? -1.817  17.763  -9.512  1.00 83.86  ? 6   DG  A N9     1 
ATOM   159  C  C8     . DG  A 1 6  ? -3.080  17.803  -8.974  1.00 86.25  ? 6   DG  A C8     1 
ATOM   160  N  N7     . DG  A 1 6  ? -3.093  17.988  -7.687  1.00 73.66  ? 6   DG  A N7     1 
ATOM   161  C  C5     . DG  A 1 6  ? -1.753  18.082  -7.342  1.00 75.98  ? 6   DG  A C5     1 
ATOM   162  C  C6     . DG  A 1 6  ? -1.163  18.284  -6.077  1.00 72.85  ? 6   DG  A C6     1 
ATOM   163  O  O6     . DG  A 1 6  ? -1.733  18.421  -4.988  1.00 71.12  ? 6   DG  A O6     1 
ATOM   164  N  N1     . DG  A 1 6  ? 0.228   18.320  -6.155  1.00 69.71  ? 6   DG  A N1     1 
ATOM   165  C  C2     . DG  A 1 6  ? 0.955   18.179  -7.319  1.00 75.24  ? 6   DG  A C2     1 
ATOM   166  N  N2     . DG  A 1 6  ? 2.289   18.243  -7.199  1.00 75.84  ? 6   DG  A N2     1 
ATOM   167  N  N3     . DG  A 1 6  ? 0.409   17.986  -8.520  1.00 75.75  ? 6   DG  A N3     1 
ATOM   168  C  C4     . DG  A 1 6  ? -0.947  17.947  -8.453  1.00 81.68  ? 6   DG  A C4     1 
ATOM   169  H  "H5'"  . DG  A 1 6  ? -4.392  15.947  -13.683 1.00 122.49 ? 6   DG  A "H5'"  1 
ATOM   170  H  "H5''" . DG  A 1 6  ? -4.284  15.442  -12.188 1.00 122.49 ? 6   DG  A "H5''" 1 
ATOM   171  H  "H4'"  . DG  A 1 6  ? -2.544  17.147  -13.545 1.00 121.34 ? 6   DG  A "H4'"  1 
ATOM   172  H  "H3'"  . DG  A 1 6  ? -2.167  14.864  -12.065 1.00 120.36 ? 6   DG  A "H3'"  1 
ATOM   173  H  "H2'"  . DG  A 1 6  ? -0.879  15.670  -10.486 1.00 113.99 ? 6   DG  A "H2'"  1 
ATOM   174  H  "H2''" . DG  A 1 6  ? 0.051   16.374  -11.571 1.00 113.99 ? 6   DG  A "H2''" 1 
ATOM   175  H  "H1'"  . DG  A 1 6  ? -0.876  18.303  -11.191 1.00 100.16 ? 6   DG  A "H1'"  1 
ATOM   176  H  H8     . DG  A 1 6  ? -3.852  17.704  -9.482  1.00 103.50 ? 6   DG  A H8     1 
ATOM   177  H  H1     . DG  A 1 6  ? 0.665   18.442  -5.425  1.00 83.66  ? 6   DG  A H1     1 
ATOM   178  H  H21    . DG  A 1 6  ? 2.788   18.161  -7.895  1.00 91.00  ? 6   DG  A H21    1 
ATOM   179  H  H22    . DG  A 1 6  ? 2.646   18.365  -6.426  1.00 91.00  ? 6   DG  A H22    1 
ATOM   180  P  P      . DA  A 1 7  ? -0.163  13.976  -13.635 1.00 124.89 ? 7   DA  A P      1 
ATOM   181  O  OP1    . DA  A 1 7  ? 0.567   13.950  -14.924 1.00 118.30 ? 7   DA  A OP1    1 
ATOM   182  O  OP2    . DA  A 1 7  ? -1.121  12.896  -13.312 1.00 116.42 ? 7   DA  A OP2    1 
ATOM   183  O  "O5'"  . DA  A 1 7  ? 0.892   14.061  -12.438 1.00 103.34 ? 7   DA  A "O5'"  1 
ATOM   184  C  "C5'"  . DA  A 1 7  ? 2.098   14.802  -12.595 1.00 99.54  ? 7   DA  A "C5'"  1 
ATOM   185  C  "C4'"  . DA  A 1 7  ? 3.030   14.552  -11.423 1.00 99.43  ? 7   DA  A "C4'"  1 
ATOM   186  O  "O4'"  . DA  A 1 7  ? 2.451   15.137  -10.216 1.00 94.79  ? 7   DA  A "O4'"  1 
ATOM   187  C  "C3'"  . DA  A 1 7  ? 3.264   13.071  -11.096 1.00 106.45 ? 7   DA  A "C3'"  1 
ATOM   188  O  "O3'"  . DA  A 1 7  ? 4.630   12.822  -10.750 1.00 118.34 ? 7   DA  A "O3'"  1 
ATOM   189  C  "C2'"  . DA  A 1 7  ? 2.327   12.837  -9.925  1.00 105.39 ? 7   DA  A "C2'"  1 
ATOM   190  C  "C1'"  . DA  A 1 7  ? 2.428   14.159  -9.198  1.00 90.97  ? 7   DA  A "C1'"  1 
ATOM   191  N  N9     . DA  A 1 7  ? 1.321   14.414  -8.285  1.00 85.44  ? 7   DA  A N9     1 
ATOM   192  C  C8     . DA  A 1 7  ? -0.015  14.314  -8.555  1.00 83.51  ? 7   DA  A C8     1 
ATOM   193  N  N7     . DA  A 1 7  ? -0.786  14.591  -7.531  1.00 81.43  ? 7   DA  A N7     1 
ATOM   194  C  C5     . DA  A 1 7  ? 0.109   14.880  -6.513  1.00 83.54  ? 7   DA  A C5     1 
ATOM   195  C  C6     . DA  A 1 7  ? -0.074  15.244  -5.166  1.00 85.14  ? 7   DA  A C6     1 
ATOM   196  N  N6     . DA  A 1 7  ? -1.275  15.389  -4.599  1.00 82.05  ? 7   DA  A N6     1 
ATOM   197  N  N1     . DA  A 1 7  ? 1.033   15.460  -4.423  1.00 88.19  ? 7   DA  A N1     1 
ATOM   198  C  C2     . DA  A 1 7  ? 2.235   15.315  -4.997  1.00 86.36  ? 7   DA  A C2     1 
ATOM   199  N  N3     . DA  A 1 7  ? 2.529   14.973  -6.250  1.00 81.03  ? 7   DA  A N3     1 
ATOM   200  C  C4     . DA  A 1 7  ? 1.411   14.771  -6.962  1.00 80.96  ? 7   DA  A C4     1 
ATOM   201  H  "H5'"  . DA  A 1 7  ? 1.889   15.748  -12.641 1.00 119.45 ? 7   DA  A "H5'"  1 
ATOM   202  H  "H5''" . DA  A 1 7  ? 2.536   14.529  -13.416 1.00 119.45 ? 7   DA  A "H5''" 1 
ATOM   203  H  "H4'"  . DA  A 1 7  ? 3.884   14.976  -11.602 1.00 119.32 ? 7   DA  A "H4'"  1 
ATOM   204  H  "H3'"  . DA  A 1 7  ? 3.002   12.518  -11.848 1.00 127.74 ? 7   DA  A "H3'"  1 
ATOM   205  H  "H2'"  . DA  A 1 7  ? 1.421   12.677  -10.232 1.00 126.47 ? 7   DA  A "H2'"  1 
ATOM   206  H  "H2''" . DA  A 1 7  ? 2.643   12.109  -9.368  1.00 126.47 ? 7   DA  A "H2''" 1 
ATOM   207  H  "H1'"  . DA  A 1 7  ? 3.263   14.191  -8.706  1.00 109.17 ? 7   DA  A "H1'"  1 
ATOM   208  H  H8     . DA  A 1 7  ? -0.347  14.085  -9.393  1.00 100.21 ? 7   DA  A H8     1 
ATOM   209  H  H61    . DA  A 1 7  ? -1.336  15.613  -3.771  1.00 98.46  ? 7   DA  A H61    1 
ATOM   210  H  H62    . DA  A 1 7  ? -1.987  15.258  -5.063  1.00 98.46  ? 7   DA  A H62    1 
ATOM   211  H  H2     . DA  A 1 7  ? 2.965   15.474  -4.443  1.00 103.63 ? 7   DA  A H2     1 
ATOM   212  P  P      . DC  A 1 8  ? 5.071   11.385  -10.172 1.00 133.26 ? 8   DC  A P      1 
ATOM   213  O  OP1    . DC  A 1 8  ? 6.459   11.136  -10.619 1.00 120.62 ? 8   DC  A OP1    1 
ATOM   214  O  OP2    . DC  A 1 8  ? 3.998   10.422  -10.511 1.00 119.30 ? 8   DC  A OP2    1 
ATOM   215  O  "O5'"  . DC  A 1 8  ? 5.077   11.585  -8.578  1.00 104.30 ? 8   DC  A "O5'"  1 
ATOM   216  C  "C5'"  . DC  A 1 8  ? 6.140   12.308  -7.959  1.00 101.28 ? 8   DC  A "C5'"  1 
ATOM   217  C  "C4'"  . DC  A 1 8  ? 5.978   12.353  -6.448  1.00 106.22 ? 8   DC  A "C4'"  1 
ATOM   218  O  "O4'"  . DC  A 1 8  ? 4.624   12.760  -6.115  1.00 110.42 ? 8   DC  A "O4'"  1 
ATOM   219  C  "C3'"  . DC  A 1 8  ? 6.210   11.018  -5.727  1.00 103.48 ? 8   DC  A "C3'"  1 
ATOM   220  O  "O3'"  . DC  A 1 8  ? 7.278   11.148  -4.782  1.00 119.11 ? 8   DC  A "O3'"  1 
ATOM   221  C  "C2'"  . DC  A 1 8  ? 4.864   10.711  -5.057  1.00 97.95  ? 8   DC  A "C2'"  1 
ATOM   222  C  "C1'"  . DC  A 1 8  ? 4.216   12.077  -4.957  1.00 94.25  ? 8   DC  A "C1'"  1 
ATOM   223  N  N1     . DC  A 1 8  ? 2.726   12.044  -4.916  1.00 91.94  ? 8   DC  A N1     1 
ATOM   224  C  C2     . DC  A 1 8  ? 2.049   12.306  -3.714  1.00 83.14  ? 8   DC  A C2     1 
ATOM   225  O  O2     . DC  A 1 8  ? 2.708   12.560  -2.690  1.00 74.47  ? 8   DC  A O2     1 
ATOM   226  N  N3     . DC  A 1 8  ? 0.690   12.274  -3.709  1.00 80.77  ? 8   DC  A N3     1 
ATOM   227  C  C4     . DC  A 1 8  ? 0.024   11.986  -4.838  1.00 86.02  ? 8   DC  A C4     1 
ATOM   228  N  N4     . DC  A 1 8  ? -1.310  11.961  -4.790  1.00 82.92  ? 8   DC  A N4     1 
ATOM   229  C  C5     . DC  A 1 8  ? 0.700   11.720  -6.065  1.00 84.09  ? 8   DC  A C5     1 
ATOM   230  C  C6     . DC  A 1 8  ? 2.034   11.755  -6.057  1.00 89.35  ? 8   DC  A C6     1 
ATOM   231  H  "H5'"  . DC  A 1 8  ? 6.148   13.215  -8.304  1.00 121.54 ? 8   DC  A "H5'"  1 
ATOM   232  H  "H5''" . DC  A 1 8  ? 6.983   11.879  -8.175  1.00 121.54 ? 8   DC  A "H5''" 1 
ATOM   233  H  "H4'"  . DC  A 1 8  ? 6.595   13.009  -6.091  1.00 127.47 ? 8   DC  A "H4'"  1 
ATOM   234  H  "H3'"  . DC  A 1 8  ? 6.422   10.327  -6.373  1.00 124.18 ? 8   DC  A "H3'"  1 
ATOM   235  H  "H2'"  . DC  A 1 8  ? 4.332   10.119  -5.612  1.00 117.54 ? 8   DC  A "H2'"  1 
ATOM   236  H  "H2''" . DC  A 1 8  ? 4.999   10.330  -4.175  1.00 117.54 ? 8   DC  A "H2''" 1 
ATOM   237  H  "H1'"  . DC  A 1 8  ? 4.552   12.538  -4.172  1.00 113.10 ? 8   DC  A "H1'"  1 
ATOM   238  H  H41    . DC  A 1 8  ? -1.763  11.787  -5.500  1.00 99.50  ? 8   DC  A H41    1 
ATOM   239  H  H42    . DC  A 1 8  ? -1.716  12.121  -4.049  1.00 99.50  ? 8   DC  A H42    1 
ATOM   240  H  H5     . DC  A 1 8  ? 0.228   11.527  -6.843  1.00 100.90 ? 8   DC  A H5     1 
ATOM   241  H  H6     . DC  A 1 8  ? 2.499   11.589  -6.844  1.00 107.22 ? 8   DC  A H6     1 
ATOM   242  P  P      . DC  A 1 9  ? 7.625   9.954   -3.762  1.00 122.24 ? 9   DC  A P      1 
ATOM   243  O  OP1    . DC  A 1 9  ? 9.016   10.156  -3.295  1.00 106.72 ? 9   DC  A OP1    1 
ATOM   244  O  OP2    . DC  A 1 9  ? 7.247   8.678   -4.409  1.00 100.51 ? 9   DC  A OP2    1 
ATOM   245  O  "O5'"  . DC  A 1 9  ? 6.634   10.209  -2.533  1.00 92.67  ? 9   DC  A "O5'"  1 
ATOM   246  C  "C5'"  . DC  A 1 9  ? 6.501   9.234   -1.519  1.00 88.27  ? 9   DC  A "C5'"  1 
ATOM   247  C  "C4'"  . DC  A 1 9  ? 6.154   9.873   -0.189  1.00 97.12  ? 9   DC  A "C4'"  1 
ATOM   248  O  "O4'"  . DC  A 1 9  ? 4.875   10.554  -0.292  1.00 94.08  ? 9   DC  A "O4'"  1 
ATOM   249  C  "C3'"  . DC  A 1 9  ? 6.028   8.892   0.965   1.00 99.08  ? 9   DC  A "C3'"  1 
ATOM   250  O  "O3'"  . DC  A 1 9  ? 6.651   9.420   2.122   1.00 96.93  ? 9   DC  A "O3'"  1 
ATOM   251  C  "C2'"  . DC  A 1 9  ? 4.519   8.701   1.134   1.00 93.57  ? 9   DC  A "C2'"  1 
ATOM   252  C  "C1'"  . DC  A 1 9  ? 3.927   10.001  0.607   1.00 83.30  ? 9   DC  A "C1'"  1 
ATOM   253  N  N1     . DC  A 1 9  ? 2.639   9.833   -0.136  1.00 74.51  ? 9   DC  A N1     1 
ATOM   254  C  C2     . DC  A 1 9  ? 1.411   9.839   0.549   1.00 67.59  ? 9   DC  A C2     1 
ATOM   255  O  O2     . DC  A 1 9  ? 1.401   9.966   1.782   1.00 66.42  ? 9   DC  A O2     1 
ATOM   256  N  N3     . DC  A 1 9  ? 0.265   9.693   -0.168  1.00 62.56  ? 9   DC  A N3     1 
ATOM   257  C  C4     . DC  A 1 9  ? 0.318   9.559   -1.497  1.00 66.60  ? 9   DC  A C4     1 
ATOM   258  N  N4     . DC  A 1 9  ? -0.830  9.420   -2.160  1.00 69.86  ? 9   DC  A N4     1 
ATOM   259  C  C5     . DC  A 1 9  ? 1.555   9.555   -2.204  1.00 71.00  ? 9   DC  A C5     1 
ATOM   260  C  C6     . DC  A 1 9  ? 2.675   9.697   -1.493  1.00 71.83  ? 9   DC  A C6     1 
ATOM   261  H  "H5'"  . DC  A 1 9  ? 7.337   8.750   -1.431  1.00 105.92 ? 9   DC  A "H5'"  1 
ATOM   262  H  "H5''" . DC  A 1 9  ? 5.798   8.612   -1.766  1.00 105.92 ? 9   DC  A "H5''" 1 
ATOM   263  H  "H4'"  . DC  A 1 9  ? 6.838   10.524  0.030   1.00 116.55 ? 9   DC  A "H4'"  1 
ATOM   264  H  "H3'"  . DC  A 1 9  ? 6.440   8.048   0.724   1.00 118.90 ? 9   DC  A "H3'"  1 
ATOM   265  H  "H2'"  . DC  A 1 9  ? 4.210   7.948   0.607   1.00 112.29 ? 9   DC  A "H2'"  1 
ATOM   266  H  "H2''" . DC  A 1 9  ? 4.294   8.580   2.069   1.00 112.29 ? 9   DC  A "H2''" 1 
ATOM   267  H  "H1'"  . DC  A 1 9  ? 3.792   10.614  1.346   1.00 99.97  ? 9   DC  A "H1'"  1 
ATOM   268  H  H41    . DC  A 1 9  ? -0.826  9.321   -3.014  1.00 83.83  ? 9   DC  A H41    1 
ATOM   269  H  H42    . DC  A 1 9  ? -1.578  9.427   -1.733  1.00 83.83  ? 9   DC  A H42    1 
ATOM   270  H  H5     . DC  A 1 9  ? 1.580   9.461   -3.129  1.00 85.21  ? 9   DC  A H5     1 
ATOM   271  H  H6     . DC  A 1 9  ? 3.495   9.702   -1.930  1.00 86.19  ? 9   DC  A H6     1 
ATOM   272  P  P      . DT  A 1 10 ? 7.223   8.434   3.251   1.00 127.16 ? 10  DT  A P      1 
ATOM   273  O  OP1    . DT  A 1 10 ? 8.215   9.190   4.048   1.00 126.93 ? 10  DT  A OP1    1 
ATOM   274  O  OP2    . DT  A 1 10 ? 7.623   7.164   2.604   1.00 118.13 ? 10  DT  A OP2    1 
ATOM   275  O  "O5'"  . DT  A 1 10 ? 5.944   8.149   4.155   1.00 118.68 ? 10  DT  A "O5'"  1 
ATOM   276  C  "C5'"  . DT  A 1 10 ? 5.166   9.238   4.631   1.00 111.16 ? 10  DT  A "C5'"  1 
ATOM   277  C  "C4'"  . DT  A 1 10 ? 4.010   8.750   5.483   1.00 106.72 ? 10  DT  A "C4'"  1 
ATOM   278  O  "O4'"  . DT  A 1 10 ? 2.821   8.613   4.672   1.00 105.69 ? 10  DT  A "O4'"  1 
ATOM   279  C  "C3'"  . DT  A 1 10 ? 4.223   7.385   6.145   1.00 97.79  ? 10  DT  A "C3'"  1 
ATOM   280  O  "O3'"  . DT  A 1 10 ? 4.239   7.537   7.548   1.00 98.11  ? 10  DT  A "O3'"  1 
ATOM   281  C  "C2'"  . DT  A 1 10 ? 3.043   6.526   5.650   1.00 92.07  ? 10  DT  A "C2'"  1 
ATOM   282  C  "C1'"  . DT  A 1 10 ? 2.042   7.572   5.205   1.00 92.02  ? 10  DT  A "C1'"  1 
ATOM   283  N  N1     . DT  A 1 10 ? 1.061   7.134   4.160   1.00 79.86  ? 10  DT  A N1     1 
ATOM   284  C  C2     . DT  A 1 10 ? -0.269  7.021   4.499   1.00 74.96  ? 10  DT  A C2     1 
ATOM   285  O  O2     . DT  A 1 10 ? -0.692  7.218   5.626   1.00 74.46  ? 10  DT  A O2     1 
ATOM   286  N  N3     . DT  A 1 10 ? -1.092  6.653   3.469   1.00 67.48  ? 10  DT  A N3     1 
ATOM   287  C  C4     . DT  A 1 10 ? -0.731  6.404   2.159   1.00 69.50  ? 10  DT  A C4     1 
ATOM   288  O  O4     . DT  A 1 10 ? -1.549  6.079   1.304   1.00 71.41  ? 10  DT  A O4     1 
ATOM   289  C  C5     . DT  A 1 10 ? 0.675   6.553   1.866   1.00 71.39  ? 10  DT  A C5     1 
ATOM   290  C  C7     . DT  A 1 10 ? 1.184   6.305   0.476   1.00 64.44  ? 10  DT  A C7     1 
ATOM   291  C  C6     . DT  A 1 10 ? 1.496   6.914   2.868   1.00 70.53  ? 10  DT  A C6     1 
ATOM   292  H  "H5'"  . DT  A 1 10 ? 4.817   9.735   3.876   1.00 133.39 ? 10  DT  A "H5'"  1 
ATOM   293  H  "H5''" . DT  A 1 10 ? 5.729   9.822   5.164   1.00 133.39 ? 10  DT  A "H5''" 1 
ATOM   294  H  "H4'"  . DT  A 1 10 ? 3.838   9.407   6.176   1.00 128.07 ? 10  DT  A "H4'"  1 
ATOM   295  H  "H3'"  . DT  A 1 10 ? 5.061   6.999   5.843   1.00 117.34 ? 10  DT  A "H3'"  1 
ATOM   296  H  "H2'"  . DT  A 1 10 ? 3.313   5.969   4.903   1.00 110.49 ? 10  DT  A "H2'"  1 
ATOM   297  H  "H2''" . DT  A 1 10 ? 2.682   5.989   6.372   1.00 110.49 ? 10  DT  A "H2''" 1 
ATOM   298  H  "H1'"  . DT  A 1 10 ? 1.559   7.900   5.980   1.00 110.42 ? 10  DT  A "H1'"  1 
ATOM   299  H  H3     . DT  A 1 10 ? -1.927  6.570   3.658   1.00 80.97  ? 10  DT  A H3     1 
ATOM   300  H  H71    . DT  A 1 10 ? 1.608   7.109   0.138   1.00 77.33  ? 10  DT  A H71    1 
ATOM   301  H  H72    . DT  A 1 10 ? 1.829   5.582   0.493   1.00 77.33  ? 10  DT  A H72    1 
ATOM   302  H  H73    . DT  A 1 10 ? 0.442   6.063   -0.100  1.00 77.33  ? 10  DT  A H73    1 
ATOM   303  H  H6     . DT  A 1 10 ? 2.401   7.013   2.683   1.00 84.63  ? 10  DT  A H6     1 
ATOM   304  P  P      . DG  A 1 11 ? 4.767   6.350   8.487   1.00 125.50 ? 11  DG  A P      1 
ATOM   305  O  OP1    . DG  A 1 11 ? 5.304   6.962   9.724   1.00 114.20 ? 11  DG  A OP1    1 
ATOM   306  O  OP2    . DG  A 1 11 ? 5.626   5.463   7.670   1.00 104.02 ? 11  DG  A OP2    1 
ATOM   307  O  "O5'"  . DG  A 1 11 ? 3.434   5.553   8.843   1.00 109.07 ? 11  DG  A "O5'"  1 
ATOM   308  C  "C5'"  . DG  A 1 11 ? 2.234   6.266   9.130   1.00 104.12 ? 11  DG  A "C5'"  1 
ATOM   309  C  "C4'"  . DG  A 1 11 ? 1.068   5.310   9.258   1.00 99.14  ? 11  DG  A "C4'"  1 
ATOM   310  O  "O4'"  . DG  A 1 11 ? 0.427   5.149   7.958   1.00 91.18  ? 11  DG  A "O4'"  1 
ATOM   311  C  "C3'"  . DG  A 1 11 ? 1.461   3.903   9.714   1.00 93.57  ? 11  DG  A "C3'"  1 
ATOM   312  O  "O3'"  . DG  A 1 11 ? 0.562   3.410   10.686  1.00 88.14  ? 11  DG  A "O3'"  1 
ATOM   313  C  "C2'"  . DG  A 1 11 ? 1.422   3.091   8.428   1.00 76.78  ? 11  DG  A "C2'"  1 
ATOM   314  C  "C1'"  . DG  A 1 11 ? 0.311   3.774   7.655   1.00 66.77  ? 11  DG  A "C1'"  1 
ATOM   315  N  N9     . DG  A 1 11 ? 0.394   3.593   6.207   1.00 67.06  ? 11  DG  A N9     1 
ATOM   316  C  C8     . DG  A 1 11 ? 1.535   3.537   5.439   1.00 73.36  ? 11  DG  A C8     1 
ATOM   317  N  N7     . DG  A 1 11 ? 1.297   3.366   4.167   1.00 65.11  ? 11  DG  A N7     1 
ATOM   318  C  C5     . DG  A 1 11 ? -0.090  3.305   4.086   1.00 69.01  ? 11  DG  A C5     1 
ATOM   319  C  C6     . DG  A 1 11 ? -0.931  3.131   2.961   1.00 64.63  ? 11  DG  A C6     1 
ATOM   320  O  O6     . DG  A 1 11 ? -0.606  2.994   1.774   1.00 66.41  ? 11  DG  A O6     1 
ATOM   321  N  N1     . DG  A 1 11 ? -2.279  3.128   3.321   1.00 59.08  ? 11  DG  A N1     1 
ATOM   322  C  C2     . DG  A 1 11 ? -2.751  3.272   4.605   1.00 62.63  ? 11  DG  A C2     1 
ATOM   323  N  N2     . DG  A 1 11 ? -4.083  3.243   4.757   1.00 49.96  ? 11  DG  A N2     1 
ATOM   324  N  N3     . DG  A 1 11 ? -1.972  3.434   5.668   1.00 61.08  ? 11  DG  A N3     1 
ATOM   325  C  C4     . DG  A 1 11 ? -0.659  3.442   5.334   1.00 69.38  ? 11  DG  A C4     1 
ATOM   326  H  "H5'"  . DG  A 1 11 ? 2.056   6.895   8.413   1.00 124.95 ? 11  DG  A "H5'"  1 
ATOM   327  H  "H5''" . DG  A 1 11 ? 2.342   6.752   9.962   1.00 124.95 ? 11  DG  A "H5''" 1 
ATOM   328  H  "H4'"  . DG  A 1 11 ? 0.424   5.676   9.884   1.00 118.97 ? 11  DG  A "H4'"  1 
ATOM   329  H  "H3'"  . DG  A 1 11 ? 2.362   3.913   10.071  1.00 112.28 ? 11  DG  A "H3'"  1 
ATOM   330  H  "H2'"  . DG  A 1 11 ? 2.264   3.157   7.952   1.00 92.14  ? 11  DG  A "H2'"  1 
ATOM   331  H  "H2''" . DG  A 1 11 ? 1.196   2.166   8.611   1.00 92.14  ? 11  DG  A "H2''" 1 
ATOM   332  H  "H1'"  . DG  A 1 11 ? -0.546  3.448   7.970   1.00 80.12  ? 11  DG  A "H1'"  1 
ATOM   333  H  H8     . DG  A 1 11 ? 2.392   3.615   5.792   1.00 88.03  ? 11  DG  A H8     1 
ATOM   334  H  H1     . DG  A 1 11 ? -2.858  3.026   2.693   1.00 70.90  ? 11  DG  A H1     1 
ATOM   335  H  H21    . DG  A 1 11 ? -4.429  3.319   5.541   1.00 59.95  ? 11  DG  A H21    1 
ATOM   336  H  H22    . DG  A 1 11 ? -4.592  3.148   4.070   1.00 59.95  ? 11  DG  A H22    1 
ATOM   337  P  P      . DA  A 1 12 ? 0.915   2.053   11.466  1.00 92.18  ? 12  DA  A P      1 
ATOM   338  O  OP1    . DA  A 1 12 ? 0.941   2.368   12.911  1.00 92.22  ? 12  DA  A OP1    1 
ATOM   339  O  OP2    . DA  A 1 12 ? 2.109   1.466   10.818  1.00 81.79  ? 12  DA  A OP2    1 
ATOM   340  O  "O5'"  . DA  A 1 12 ? -0.323  1.096   11.147  1.00 85.88  ? 12  DA  A "O5'"  1 
ATOM   341  C  "C5'"  . DA  A 1 12 ? -1.324  0.885   12.130  1.00 91.82  ? 12  DA  A "C5'"  1 
ATOM   342  C  "C4'"  . DA  A 1 12 ? -2.699  0.819   11.494  1.00 80.25  ? 12  DA  A "C4'"  1 
ATOM   343  O  "O4'"  . DA  A 1 12 ? -2.605  1.251   10.111  1.00 58.92  ? 12  DA  A "O4'"  1 
ATOM   344  C  "C3'"  . DA  A 1 12 ? -3.328  -0.572  11.466  1.00 78.43  ? 12  DA  A "C3'"  1 
ATOM   345  O  "O3'"  . DA  A 1 12 ? -4.711  -0.500  11.778  1.00 86.43  ? 12  DA  A "O3'"  1 
ATOM   346  C  "C2'"  . DA  A 1 12 ? -3.077  -1.055  10.044  1.00 68.07  ? 12  DA  A "C2'"  1 
ATOM   347  C  "C1'"  . DA  A 1 12 ? -3.050  0.232   9.239   1.00 60.56  ? 12  DA  A "C1'"  1 
ATOM   348  N  N9     . DA  A 1 12 ? -2.151  0.186   8.091   1.00 59.94  ? 12  DA  A N9     1 
ATOM   349  C  C8     . DA  A 1 12 ? -0.791  0.315   8.107   1.00 63.61  ? 12  DA  A C8     1 
ATOM   350  N  N7     . DA  A 1 12 ? -0.237  0.232   6.922   1.00 63.93  ? 12  DA  A N7     1 
ATOM   351  C  C5     . DA  A 1 12 ? -1.308  0.034   6.068   1.00 56.54  ? 12  DA  A C5     1 
ATOM   352  C  C6     . DA  A 1 12 ? -1.390  -0.134  4.670   1.00 63.63  ? 12  DA  A C6     1 
ATOM   353  N  N6     . DA  A 1 12 ? -0.322  -0.126  3.864   1.00 66.43  ? 12  DA  A N6     1 
ATOM   354  N  N1     . DA  A 1 12 ? -2.616  -0.310  4.133   1.00 61.17  ? 12  DA  A N1     1 
ATOM   355  C  C2     . DA  A 1 12 ? -3.681  -0.317  4.946   1.00 60.76  ? 12  DA  A C2     1 
ATOM   356  N  N3     . DA  A 1 12 ? -3.728  -0.170  6.271   1.00 43.93  ? 12  DA  A N3     1 
ATOM   357  C  C4     . DA  A 1 12 ? -2.497  0.003   6.772   1.00 47.14  ? 12  DA  A C4     1 
ATOM   358  H  "H5'"  . DA  A 1 12 ? -1.303  1.615   12.769  1.00 110.19 ? 12  DA  A "H5'"  1 
ATOM   359  H  "H5''" . DA  A 1 12 ? -1.146  0.052   12.594  1.00 110.19 ? 12  DA  A "H5''" 1 
ATOM   360  H  "H4'"  . DA  A 1 12 ? -3.293  1.419   11.971  1.00 96.30  ? 12  DA  A "H4'"  1 
ATOM   361  H  "H3'"  . DA  A 1 12 ? -2.875  -1.152  12.097  1.00 94.11  ? 12  DA  A "H3'"  1 
ATOM   362  H  "H2'"  . DA  A 1 12 ? -2.225  -1.514  9.984   1.00 81.69  ? 12  DA  A "H2'"  1 
ATOM   363  H  "H2''" . DA  A 1 12 ? -3.799  -1.631  9.746   1.00 81.69  ? 12  DA  A "H2''" 1 
ATOM   364  H  "H1'"  . DA  A 1 12 ? -3.948  0.440   8.935   1.00 72.67  ? 12  DA  A "H1'"  1 
ATOM   365  H  H8     . DA  A 1 12 ? -0.304  0.451   8.887   1.00 76.33  ? 12  DA  A H8     1 
ATOM   366  H  H61    . DA  A 1 12 ? -0.422  -0.243  3.018   1.00 79.72  ? 12  DA  A H61    1 
ATOM   367  H  H62    . DA  A 1 12 ? 0.463   -0.005  4.192   1.00 79.72  ? 12  DA  A H62    1 
ATOM   368  H  H2     . DA  A 1 12 ? -4.502  -0.442  4.527   1.00 72.91  ? 12  DA  A H2     1 
ATOM   369  P  P      . DC  A 1 13 ? -5.515  -1.828  12.188  1.00 93.55  ? 13  DC  A P      1 
ATOM   370  O  OP1    . DC  A 1 13 ? -6.763  -1.408  12.865  1.00 90.51  ? 13  DC  A OP1    1 
ATOM   371  O  OP2    . DC  A 1 13 ? -4.572  -2.734  12.881  1.00 77.21  ? 13  DC  A OP2    1 
ATOM   372  O  "O5'"  . DC  A 1 13 ? -5.884  -2.489  10.784  1.00 75.83  ? 13  DC  A "O5'"  1 
ATOM   373  C  "C5'"  . DC  A 1 13 ? -7.114  -3.166  10.633  1.00 82.88  ? 13  DC  A "C5'"  1 
ATOM   374  C  "C4'"  . DC  A 1 13 ? -7.425  -3.423  9.167   1.00 78.30  ? 13  DC  A "C4'"  1 
ATOM   375  O  "O4'"  . DC  A 1 13 ? -6.338  -2.962  8.341   1.00 66.33  ? 13  DC  A "O4'"  1 
ATOM   376  C  "C3'"  . DC  A 1 13 ? -7.607  -4.893  8.794   1.00 82.26  ? 13  DC  A "C3'"  1 
ATOM   377  O  "O3'"  . DC  A 1 13 ? -8.984  -5.239  8.758   1.00 89.90  ? 13  DC  A "O3'"  1 
ATOM   378  C  "C2'"  . DC  A 1 13 ? -6.940  -5.022  7.414   1.00 77.19  ? 13  DC  A "C2'"  1 
ATOM   379  C  "C1'"  . DC  A 1 13 ? -6.453  -3.609  7.100   1.00 54.40  ? 13  DC  A "C1'"  1 
ATOM   380  N  N1     . DC  A 1 13 ? -5.139  -3.562  6.386   1.00 45.91  ? 13  DC  A N1     1 
ATOM   381  C  C2     . DC  A 1 13 ? -5.107  -3.746  5.000   1.00 51.86  ? 13  DC  A C2     1 
ATOM   382  O  O2     . DC  A 1 13 ? -6.167  -3.944  4.396   1.00 55.49  ? 13  DC  A O2     1 
ATOM   383  N  N3     . DC  A 1 13 ? -3.914  -3.703  4.359   1.00 54.09  ? 13  DC  A N3     1 
ATOM   384  C  C4     . DC  A 1 13 ? -2.792  -3.487  5.047   1.00 51.60  ? 13  DC  A C4     1 
ATOM   385  N  N4     . DC  A 1 13 ? -1.640  -3.452  4.368   1.00 55.90  ? 13  DC  A N4     1 
ATOM   386  C  C5     . DC  A 1 13 ? -2.803  -3.298  6.461   1.00 45.33  ? 13  DC  A C5     1 
ATOM   387  C  C6     . DC  A 1 13 ? -3.987  -3.343  7.083   1.00 46.39  ? 13  DC  A C6     1 
ATOM   388  H  "H5'"  . DC  A 1 13 ? -7.822  -2.628  11.020  1.00 99.46  ? 13  DC  A "H5'"  1 
ATOM   389  H  "H5''" . DC  A 1 13 ? -7.068  -4.015  11.101  1.00 99.46  ? 13  DC  A "H5''" 1 
ATOM   390  H  "H4'"  . DC  A 1 13 ? -8.230  -2.936  8.929   1.00 93.96  ? 13  DC  A "H4'"  1 
ATOM   391  H  "H3'"  . DC  A 1 13 ? -7.143  -5.454  9.436   1.00 98.71  ? 13  DC  A "H3'"  1 
ATOM   392  H  "H2'"  . DC  A 1 13 ? -6.191  -5.637  7.455   1.00 92.63  ? 13  DC  A "H2'"  1 
ATOM   393  H  "H2''" . DC  A 1 13 ? -7.585  -5.314  6.752   1.00 92.63  ? 13  DC  A "H2''" 1 
ATOM   394  H  "H1'"  . DC  A 1 13 ? -7.123  -3.155  6.566   1.00 65.28  ? 13  DC  A "H1'"  1 
ATOM   395  H  H41    . DC  A 1 13 ? -0.901  -3.304  4.782   1.00 67.08  ? 13  DC  A H41    1 
ATOM   396  H  H42    . DC  A 1 13 ? -1.637  -3.576  3.517   1.00 67.08  ? 13  DC  A H42    1 
ATOM   397  H  H5     . DC  A 1 13 ? -2.016  -3.147  6.933   1.00 54.40  ? 13  DC  A H5     1 
ATOM   398  H  H6     . DC  A 1 13 ? -4.026  -3.223  8.005   1.00 55.66  ? 13  DC  A H6     1 
ATOM   399  P  P      . DG  A 1 14 ? -9.425  -6.780  8.852   1.00 94.21  ? 14  DG  A P      1 
ATOM   400  O  OP1    . DG  A 1 14 ? -10.874 -6.814  9.151   1.00 100.36 ? 14  DG  A OP1    1 
ATOM   401  O  OP2    . DG  A 1 14 ? -8.463  -7.464  9.746   1.00 96.22  ? 14  DG  A OP2    1 
ATOM   402  O  "O5'"  . DG  A 1 14 ? -9.193  -7.335  7.371   1.00 65.04  ? 14  DG  A "O5'"  1 
ATOM   403  C  "C5'"  . DG  A 1 14 ? -10.184 -7.130  6.374   1.00 74.54  ? 14  DG  A "C5'"  1 
ATOM   404  C  "C4'"  . DG  A 1 14 ? -9.636  -7.444  4.997   1.00 84.78  ? 14  DG  A "C4'"  1 
ATOM   405  O  "O4'"  . DG  A 1 14 ? -8.335  -6.832  4.851   1.00 84.37  ? 14  DG  A "O4'"  1 
ATOM   406  C  "C3'"  . DG  A 1 14 ? -9.415  -8.930  4.716   1.00 86.93  ? 14  DG  A "C3'"  1 
ATOM   407  O  "O3'"  . DG  A 1 14 ? -10.427 -9.455  3.862   1.00 101.12 ? 14  DG  A "O3'"  1 
ATOM   408  C  "C2'"  . DG  A 1 14 ? -8.038  -9.004  4.056   1.00 81.51  ? 14  DG  A "C2'"  1 
ATOM   409  C  "C1'"  . DG  A 1 14 ? -7.614  -7.557  3.887   1.00 69.48  ? 14  DG  A "C1'"  1 
ATOM   410  N  N9     . DG  A 1 14 ? -6.184  -7.332  4.085   1.00 63.00  ? 14  DG  A N9     1 
ATOM   411  C  C8     . DG  A 1 14 ? -5.539  -7.149  5.285   1.00 52.28  ? 14  DG  A C8     1 
ATOM   412  N  N7     . DG  A 1 14 ? -4.254  -6.960  5.161   1.00 52.32  ? 14  DG  A N7     1 
ATOM   413  C  C5     . DG  A 1 14 ? -4.029  -7.021  3.790   1.00 57.46  ? 14  DG  A C5     1 
ATOM   414  C  C6     . DG  A 1 14 ? -2.822  -6.888  3.058   1.00 57.87  ? 14  DG  A C6     1 
ATOM   415  O  O6     . DG  A 1 14 ? -1.683  -6.677  3.494   1.00 55.83  ? 14  DG  A O6     1 
ATOM   416  N  N1     . DG  A 1 14 ? -3.032  -7.017  1.681   1.00 60.56  ? 14  DG  A N1     1 
ATOM   417  C  C2     . DG  A 1 14 ? -4.259  -7.250  1.096   1.00 63.39  ? 14  DG  A C2     1 
ATOM   418  N  N2     . DG  A 1 14 ? -4.278  -7.347  -0.241  1.00 63.01  ? 14  DG  A N2     1 
ATOM   419  N  N3     . DG  A 1 14 ? -5.396  -7.376  1.777   1.00 60.07  ? 14  DG  A N3     1 
ATOM   420  C  C4     . DG  A 1 14 ? -5.206  -7.251  3.114   1.00 54.15  ? 14  DG  A C4     1 
ATOM   421  H  "H5'"  . DG  A 1 14 ? -10.474 -6.205  6.398   1.00 89.45  ? 14  DG  A "H5'"  1 
ATOM   422  H  "H5''" . DG  A 1 14 ? -10.943 -7.706  6.554   1.00 89.45  ? 14  DG  A "H5''" 1 
ATOM   423  H  "H4'"  . DG  A 1 14 ? -10.234 -7.080  4.326   1.00 101.74 ? 14  DG  A "H4'"  1 
ATOM   424  H  "H3'"  . DG  A 1 14 ? -9.404  -9.422  5.551   1.00 104.32 ? 14  DG  A "H3'"  1 
ATOM   425  H  "H2'"  . DG  A 1 14 ? -7.413  -9.475  4.629   1.00 97.81  ? 14  DG  A "H2'"  1 
ATOM   426  H  "H2''" . DG  A 1 14 ? -8.100  -9.440  3.191   1.00 97.81  ? 14  DG  A "H2''" 1 
ATOM   427  H  "H1'"  . DG  A 1 14 ? -7.866  -7.250  3.002   1.00 83.38  ? 14  DG  A "H1'"  1 
ATOM   428  H  H8     . DG  A 1 14 ? -5.976  -7.153  6.105   1.00 62.74  ? 14  DG  A H8     1 
ATOM   429  H  H1     . DG  A 1 14 ? -2.347  -6.950  1.164   1.00 72.68  ? 14  DG  A H1     1 
ATOM   430  H  H21    . DG  A 1 14 ? -5.019  -7.502  -0.651  1.00 75.62  ? 14  DG  A H21    1 
ATOM   431  H  H22    . DG  A 1 14 ? -3.550  -7.255  -0.689  1.00 75.62  ? 14  DG  A H22    1 
ATOM   432  P  P      . DG  A 1 15 ? -10.403 -11.015 3.465   1.00 102.81 ? 15  DG  A P      1 
ATOM   433  O  OP1    . DG  A 1 15 ? -11.751 -11.388 2.989   1.00 112.34 ? 15  DG  A OP1    1 
ATOM   434  O  OP2    . DG  A 1 15 ? -9.820  -11.727 4.619   1.00 79.87  ? 15  DG  A OP2    1 
ATOM   435  O  "O5'"  . DG  A 1 15 ? -9.356  -11.120 2.247   1.00 75.91  ? 15  DG  A "O5'"  1 
ATOM   436  C  "C5'"  . DG  A 1 15 ? -9.800  -10.936 0.904   1.00 80.45  ? 15  DG  A "C5'"  1 
ATOM   437  C  "C4'"  . DG  A 1 15 ? -8.645  -11.053 -0.090  1.00 86.67  ? 15  DG  A "C4'"  1 
ATOM   438  O  "O4'"  . DG  A 1 15 ? -7.508  -10.303 0.403   1.00 80.64  ? 15  DG  A "O4'"  1 
ATOM   439  C  "C3'"  . DG  A 1 15 ? -8.160  -12.478 -0.351  1.00 84.18  ? 15  DG  A "C3'"  1 
ATOM   440  O  "O3'"  . DG  A 1 15 ? -8.391  -12.836 -1.706  1.00 85.31  ? 15  DG  A "O3'"  1 
ATOM   441  C  "C2'"  . DG  A 1 15 ? -6.664  -12.484 -0.010  1.00 84.47  ? 15  DG  A "C2'"  1 
ATOM   442  C  "C1'"  . DG  A 1 15 ? -6.303  -11.029 0.261   1.00 66.48  ? 15  DG  A "C1'"  1 
ATOM   443  N  N9     . DG  A 1 15 ? -5.533  -10.839 1.487   1.00 65.98  ? 15  DG  A N9     1 
ATOM   444  C  C8     . DG  A 1 15 ? -6.026  -10.855 2.762   1.00 67.81  ? 15  DG  A C8     1 
ATOM   445  N  N7     . DG  A 1 15 ? -5.128  -10.634 3.678   1.00 74.28  ? 15  DG  A N7     1 
ATOM   446  C  C5     . DG  A 1 15 ? -3.950  -10.469 2.966   1.00 66.62  ? 15  DG  A C5     1 
ATOM   447  C  C6     . DG  A 1 15 ? -2.632  -10.212 3.428   1.00 64.27  ? 15  DG  A C6     1 
ATOM   448  O  O6     . DG  A 1 15 ? -2.244  -10.075 4.604   1.00 65.68  ? 15  DG  A O6     1 
ATOM   449  N  N1     . DG  A 1 15 ? -1.725  -10.113 2.364   1.00 48.03  ? 15  DG  A N1     1 
ATOM   450  C  C2     . DG  A 1 15 ? -2.060  -10.246 1.036   1.00 52.57  ? 15  DG  A C2     1 
ATOM   451  N  N2     . DG  A 1 15 ? -1.058  -10.120 0.162   1.00 53.35  ? 15  DG  A N2     1 
ATOM   452  N  N3     . DG  A 1 15 ? -3.290  -10.488 0.592   1.00 55.50  ? 15  DG  A N3     1 
ATOM   453  C  C4     . DG  A 1 15 ? -4.180  -10.588 1.608   1.00 63.45  ? 15  DG  A C4     1 
ATOM   454  H  "H5'"  . DG  A 1 15 ? -10.202 -10.058 0.821   1.00 96.54  ? 15  DG  A "H5'"  1 
ATOM   455  H  "H5''" . DG  A 1 15 ? -10.466 -11.609 0.695   1.00 96.54  ? 15  DG  A "H5''" 1 
ATOM   456  H  "H4'"  . DG  A 1 15 ? -8.926  -10.665 -0.934  1.00 104.00 ? 15  DG  A "H4'"  1 
ATOM   457  H  "H3'"  . DG  A 1 15 ? -8.629  -13.094 0.233   1.00 101.02 ? 15  DG  A "H3'"  1 
ATOM   458  H  "H2'"  . DG  A 1 15 ? -6.503  -13.023 0.781   1.00 101.37 ? 15  DG  A "H2'"  1 
ATOM   459  H  "H2''" . DG  A 1 15 ? -6.151  -12.824 -0.759  1.00 101.37 ? 15  DG  A "H2''" 1 
ATOM   460  H  "H1'"  . DG  A 1 15 ? -5.801  -10.676 -0.491  1.00 79.78  ? 15  DG  A "H1'"  1 
ATOM   461  H  H8     . DG  A 1 15 ? -6.925  -10.992 2.957   1.00 81.37  ? 15  DG  A H8     1 
ATOM   462  H  H1     . DG  A 1 15 ? -0.902  -9.957  2.556   1.00 57.64  ? 15  DG  A H1     1 
ATOM   463  H  H21    . DG  A 1 15 ? -1.211  -10.189 -0.682  1.00 64.01  ? 15  DG  A H21    1 
ATOM   464  H  H22    . DG  A 1 15 ? -0.259  -9.971  0.443   1.00 64.01  ? 15  DG  A H22    1 
ATOM   465  P  P      . DC  A 1 16 ? -8.095  -14.333 -2.208  1.00 101.24 ? 16  DC  A P      1 
ATOM   466  O  OP1    . DC  A 1 16 ? -9.403  -14.984 -2.441  1.00 109.27 ? 16  DC  A OP1    1 
ATOM   467  O  OP2    . DC  A 1 16 ? -7.113  -14.959 -1.296  1.00 86.14  ? 16  DC  A OP2    1 
ATOM   468  O  "O5'"  . DC  A 1 16 ? -7.374  -14.127 -3.619  1.00 102.16 ? 16  DC  A "O5'"  1 
ATOM   469  C  "C5'"  . DC  A 1 16 ? -6.393  -13.110 -3.776  1.00 92.43  ? 16  DC  A "C5'"  1 
ATOM   470  C  "C4'"  . DC  A 1 16 ? -5.044  -13.688 -4.192  1.00 87.60  ? 16  DC  A "C4'"  1 
ATOM   471  O  "O4'"  . DC  A 1 16 ? -4.015  -13.187 -3.285  1.00 68.24  ? 16  DC  A "O4'"  1 
ATOM   472  C  "C3'"  . DC  A 1 16 ? -4.933  -15.223 -4.157  1.00 87.58  ? 16  DC  A "C3'"  1 
ATOM   473  O  "O3'"  . DC  A 1 16 ? -4.310  -15.716 -5.347  1.00 89.89  ? 16  DC  A "O3'"  1 
ATOM   474  C  "C2'"  . DC  A 1 16 ? -4.099  -15.486 -2.910  1.00 80.80  ? 16  DC  A "C2'"  1 
ATOM   475  C  "C1'"  . DC  A 1 16 ? -3.209  -14.257 -2.847  1.00 63.64  ? 16  DC  A "C1'"  1 
ATOM   476  N  N1     . DC  A 1 16 ? -2.698  -13.964 -1.472  1.00 59.62  ? 16  DC  A N1     1 
ATOM   477  C  C2     . DC  A 1 16 ? -1.320  -13.780 -1.253  1.00 54.79  ? 16  DC  A C2     1 
ATOM   478  O  O2     . DC  A 1 16 ? -0.541  -13.848 -2.213  1.00 60.86  ? 16  DC  A O2     1 
ATOM   479  N  N3     . DC  A 1 16 ? -0.888  -13.530 0.013   1.00 45.80  ? 16  DC  A N3     1 
ATOM   480  C  C4     . DC  A 1 16 ? -1.769  -13.463 1.013   1.00 58.46  ? 16  DC  A C4     1 
ATOM   481  N  N4     . DC  A 1 16 ? -1.313  -13.211 2.240   1.00 59.28  ? 16  DC  A N4     1 
ATOM   482  C  C5     . DC  A 1 16 ? -3.166  -13.655 0.806   1.00 60.37  ? 16  DC  A C5     1 
ATOM   483  C  C6     . DC  A 1 16 ? -3.577  -13.898 -0.439  1.00 58.59  ? 16  DC  A C6     1 
ATOM   484  H  "H5'"  . DC  A 1 16 ? -6.289  -12.638 -2.936  1.00 110.92 ? 16  DC  A "H5'"  1 
ATOM   485  H  "H5''" . DC  A 1 16 ? -6.692  -12.485 -4.455  1.00 110.92 ? 16  DC  A "H5''" 1 
ATOM   486  H  "H4'"  . DC  A 1 16 ? -4.840  -13.383 -5.090  1.00 105.12 ? 16  DC  A "H4'"  1 
ATOM   487  H  "H3'"  . DC  A 1 16 ? -5.813  -15.616 -4.055  1.00 105.10 ? 16  DC  A "H3'"  1 
ATOM   488  H  "H2'"  . DC  A 1 16 ? -4.664  -15.543 -2.124  1.00 96.96  ? 16  DC  A "H2'"  1 
ATOM   489  H  "H2''" . DC  A 1 16 ? -3.568  -16.290 -3.015  1.00 96.96  ? 16  DC  A "H2''" 1 
ATOM   490  H  "H1'"  . DC  A 1 16 ? -2.461  -14.368 -3.454  1.00 76.37  ? 16  DC  A "H1'"  1 
ATOM   491  H  H41    . DC  A 1 16 ? -1.862  -13.145 2.899   1.00 71.14  ? 16  DC  A H41    1 
ATOM   492  H  H42    . DC  A 1 16 ? -0.468  -13.113 2.374   1.00 71.14  ? 16  DC  A H42    1 
ATOM   493  H  H5     . DC  A 1 16 ? -3.770  -13.601 1.510   1.00 72.45  ? 16  DC  A H5     1 
ATOM   494  H  H6     . DC  A 1 16 ? -4.484  -14.026 -0.603  1.00 70.31  ? 16  DC  A H6     1 
ATOM   495  P  P      . DA  A 1 17 ? -3.813  -17.243 -5.452  1.00 92.60  ? 17  DA  A P      1 
ATOM   496  O  OP1    . DA  A 1 17 ? -4.117  -17.699 -6.828  1.00 102.09 ? 17  DA  A OP1    1 
ATOM   497  O  OP2    . DA  A 1 17 ? -4.330  -18.006 -4.290  1.00 64.21  ? 17  DA  A OP2    1 
ATOM   498  O  "O5'"  . DA  A 1 17 ? -2.226  -17.126 -5.304  1.00 76.01  ? 17  DA  A "O5'"  1 
ATOM   499  C  "C5'"  . DA  A 1 17 ? -1.505  -16.252 -6.172  1.00 78.56  ? 17  DA  A "C5'"  1 
ATOM   500  C  "C4'"  . DA  A 1 17 ? -0.009  -16.481 -6.063  1.00 77.35  ? 17  DA  A "C4'"  1 
ATOM   501  O  "O4'"  . DA  A 1 17 ? 0.452   -16.034 -4.760  1.00 77.78  ? 17  DA  A "O4'"  1 
ATOM   502  C  "C3'"  . DA  A 1 17 ? 0.424   -17.937 -6.177  1.00 72.12  ? 17  DA  A "C3'"  1 
ATOM   503  O  "O3'"  . DA  A 1 17 ? 1.686   -18.037 -6.825  1.00 76.94  ? 17  DA  A "O3'"  1 
ATOM   504  C  "C2'"  . DA  A 1 17 ? 0.479   -18.387 -4.727  1.00 61.36  ? 17  DA  A "C2'"  1 
ATOM   505  C  "C1'"  . DA  A 1 17 ? 0.951   -17.129 -4.017  1.00 58.37  ? 17  DA  A "C1'"  1 
ATOM   506  N  N9     . DA  A 1 17 ? 0.474   -17.010 -2.646  1.00 54.70  ? 17  DA  A N9     1 
ATOM   507  C  C8     . DA  A 1 17 ? -0.818  -17.107 -2.207  1.00 58.80  ? 17  DA  A C8     1 
ATOM   508  N  N7     . DA  A 1 17 ? -0.948  -16.952 -0.910  1.00 51.99  ? 17  DA  A N7     1 
ATOM   509  C  C5     . DA  A 1 17 ? 0.349   -16.732 -0.471  1.00 60.15  ? 17  DA  A C5     1 
ATOM   510  C  C6     . DA  A 1 17 ? 0.893   -16.493 0.809   1.00 60.52  ? 17  DA  A C6     1 
ATOM   511  N  N6     . DA  A 1 17 ? 0.155   -16.436 1.920   1.00 54.31  ? 17  DA  A N6     1 
ATOM   512  N  N1     . DA  A 1 17 ? 2.233   -16.314 0.899   1.00 58.58  ? 17  DA  A N1     1 
ATOM   513  C  C2     . DA  A 1 17 ? 2.966   -16.375 -0.224  1.00 60.29  ? 17  DA  A C2     1 
ATOM   514  N  N3     . DA  A 1 17 ? 2.565   -16.593 -1.477  1.00 48.90  ? 17  DA  A N3     1 
ATOM   515  C  C4     . DA  A 1 17 ? 1.235   -16.761 -1.532  1.00 55.21  ? 17  DA  A C4     1 
ATOM   516  H  "H5'"  . DA  A 1 17 ? -1.704  -15.333 -5.935  1.00 94.27  ? 17  DA  A "H5'"  1 
ATOM   517  H  "H5''" . DA  A 1 17 ? -1.785  -16.412 -7.087  1.00 94.27  ? 17  DA  A "H5''" 1 
ATOM   518  H  "H4'"  . DA  A 1 17 ? 0.440   -15.965 -6.751  1.00 92.82  ? 17  DA  A "H4'"  1 
ATOM   519  H  "H3'"  . DA  A 1 17 ? -0.243  -18.448 -6.661  1.00 86.54  ? 17  DA  A "H3'"  1 
ATOM   520  H  "H2'"  . DA  A 1 17 ? -0.401  -18.650 -4.415  1.00 73.63  ? 17  DA  A "H2'"  1 
ATOM   521  H  "H2''" . DA  A 1 17 ? 1.118   -19.107 -4.614  1.00 73.63  ? 17  DA  A "H2''" 1 
ATOM   522  H  "H1'"  . DA  A 1 17 ? 1.921   -17.103 -4.021  1.00 70.05  ? 17  DA  A "H1'"  1 
ATOM   523  H  H8     . DA  A 1 17 ? -1.537  -17.267 -2.775  1.00 70.56  ? 17  DA  A H8     1 
ATOM   524  H  H61    . DA  A 1 17 ? 0.531   -16.289 2.679   1.00 65.17  ? 17  DA  A H61    1 
ATOM   525  H  H62    . DA  A 1 17 ? -0.697  -16.545 1.876   1.00 65.17  ? 17  DA  A H62    1 
ATOM   526  H  H2     . DA  A 1 17 ? 3.881   -16.252 -0.112  1.00 72.35  ? 17  DA  A H2     1 
ATOM   527  P  P      . DC  A 1 18 ? 2.319   -19.478 -7.146  1.00 87.46  ? 18  DC  A P      1 
ATOM   528  O  OP1    . DC  A 1 18 ? 3.017   -19.349 -8.447  1.00 55.35  ? 18  DC  A OP1    1 
ATOM   529  O  OP2    . DC  A 1 18 ? 1.262   -20.499 -6.969  1.00 83.75  ? 18  DC  A OP2    1 
ATOM   530  O  "O5'"  . DC  A 1 18 ? 3.410   -19.684 -5.991  1.00 68.89  ? 18  DC  A "O5'"  1 
ATOM   531  C  "C5'"  . DC  A 1 18 ? 4.740   -19.249 -6.209  1.00 71.46  ? 18  DC  A "C5'"  1 
ATOM   532  C  "C4'"  . DC  A 1 18 ? 5.482   -19.031 -4.902  1.00 67.49  ? 18  DC  A "C4'"  1 
ATOM   533  O  "O4'"  . DC  A 1 18 ? 4.541   -18.741 -3.826  1.00 68.69  ? 18  DC  A "O4'"  1 
ATOM   534  C  "C3'"  . DC  A 1 18 ? 6.306   -20.230 -4.419  1.00 63.42  ? 18  DC  A "C3'"  1 
ATOM   535  O  "O3'"  . DC  A 1 18 ? 7.644   -19.817 -4.145  1.00 65.80  ? 18  DC  A "O3'"  1 
ATOM   536  C  "C2'"  . DC  A 1 18 ? 5.559   -20.689 -3.167  1.00 62.21  ? 18  DC  A "C2'"  1 
ATOM   537  C  "C1'"  . DC  A 1 18 ? 5.005   -19.380 -2.661  1.00 53.28  ? 18  DC  A "C1'"  1 
ATOM   538  N  N1     . DC  A 1 18 ? 3.889   -19.497 -1.664  1.00 51.31  ? 18  DC  A N1     1 
ATOM   539  C  C2     . DC  A 1 18 ? 4.165   -19.329 -0.300  1.00 53.17  ? 18  DC  A C2     1 
ATOM   540  O  O2     . DC  A 1 18 ? 5.327   -19.094 0.057   1.00 55.65  ? 18  DC  A O2     1 
ATOM   541  N  N3     . DC  A 1 18 ? 3.149   -19.423 0.594   1.00 51.64  ? 18  DC  A N3     1 
ATOM   542  C  C4     . DC  A 1 18 ? 1.909   -19.673 0.173   1.00 55.44  ? 18  DC  A C4     1 
ATOM   543  N  N4     . DC  A 1 18 ? 0.943   -19.762 1.096   1.00 56.52  ? 18  DC  A N4     1 
ATOM   544  C  C5     . DC  A 1 18 ? 1.607   -19.853 -1.211  1.00 49.43  ? 18  DC  A C5     1 
ATOM   545  C  C6     . DC  A 1 18 ? 2.616   -19.751 -2.085  1.00 56.08  ? 18  DC  A C6     1 
ATOM   546  H  "H5'"  . DC  A 1 18 ? 4.724   -18.416 -6.705  1.00 85.75  ? 18  DC  A "H5'"  1 
ATOM   547  H  "H5''" . DC  A 1 18 ? 5.209   -19.918 -6.731  1.00 85.75  ? 18  DC  A "H5''" 1 
ATOM   548  H  "H4'"  . DC  A 1 18 ? 6.075   -18.271 -5.008  1.00 80.98  ? 18  DC  A "H4'"  1 
ATOM   549  H  "H3'"  . DC  A 1 18 ? 6.301   -20.932 -5.089  1.00 76.11  ? 18  DC  A "H3'"  1 
ATOM   550  H  "H2'"  . DC  A 1 18 ? 4.846   -21.305 -3.394  1.00 74.66  ? 18  DC  A "H2'"  1 
ATOM   551  H  "H2''" . DC  A 1 18 ? 6.170   -21.080 -2.522  1.00 74.66  ? 18  DC  A "H2''" 1 
ATOM   552  H  "H1'"  . DC  A 1 18 ? 5.725   -18.857 -2.276  1.00 63.94  ? 18  DC  A "H1'"  1 
ATOM   553  H  H41    . DC  A 1 18 ? 0.131   -19.901 0.854   1.00 67.82  ? 18  DC  A H41    1 
ATOM   554  H  H42    . DC  A 1 18 ? 1.137   -19.679 1.929   1.00 67.82  ? 18  DC  A H42    1 
ATOM   555  H  H5     . DC  A 1 18 ? 0.739   -20.026 -1.495  1.00 59.32  ? 18  DC  A H5     1 
ATOM   556  H  H6     . DC  A 1 18 ? 2.448   -19.860 -2.994  1.00 67.29  ? 18  DC  A H6     1 
ATOM   557  P  P      . DT  A 1 19 ? 8.793   -20.889 -3.812  1.00 95.32  ? 19  DT  A P      1 
ATOM   558  O  OP1    . DT  A 1 19 ? 9.893   -20.682 -4.781  1.00 89.03  ? 19  DT  A OP1    1 
ATOM   559  O  OP2    . DT  A 1 19 ? 8.165   -22.224 -3.696  1.00 90.30  ? 19  DT  A OP2    1 
ATOM   560  O  "O5'"  . DT  A 1 19 ? 9.289   -20.452 -2.357  1.00 79.99  ? 19  DT  A "O5'"  1 
ATOM   561  C  "C5'"  . DT  A 1 19 ? 8.359   -20.389 -1.283  1.00 61.60  ? 19  DT  A "C5'"  1 
ATOM   562  C  "C4'"  . DT  A 1 19 ? 9.073   -20.263 0.039   1.00 66.06  ? 19  DT  A "C4'"  1 
ATOM   563  O  "O4'"  . DT  A 1 19 ? 8.106   -20.201 1.121   1.00 75.54  ? 19  DT  A "O4'"  1 
ATOM   564  C  "C3'"  . DT  A 1 19 ? 9.950   -21.435 0.384   1.00 59.00  ? 19  DT  A "C3'"  1 
ATOM   565  O  "O3'"  . DT  A 1 19 ? 10.986  -21.024 1.266   1.00 65.19  ? 19  DT  A "O3'"  1 
ATOM   566  C  "C2'"  . DT  A 1 19 ? 8.959   -22.403 1.034   1.00 63.50  ? 19  DT  A "C2'"  1 
ATOM   567  C  "C1'"  . DT  A 1 19 ? 8.025   -21.460 1.788   1.00 58.71  ? 19  DT  A "C1'"  1 
ATOM   568  N  N1     . DT  A 1 19 ? 6.567   -21.852 1.827   1.00 55.07  ? 19  DT  A N1     1 
ATOM   569  C  C2     . DT  A 1 19 ? 5.888   -21.789 3.032   1.00 61.92  ? 19  DT  A C2     1 
ATOM   570  O  O2     . DT  A 1 19 ? 6.423   -21.494 4.091   1.00 62.41  ? 19  DT  A O2     1 
ATOM   571  N  N3     . DT  A 1 19 ? 4.558   -22.112 2.958   1.00 51.61  ? 19  DT  A N3     1 
ATOM   572  C  C4     . DT  A 1 19 ? 3.845   -22.457 1.826   1.00 47.46  ? 19  DT  A C4     1 
ATOM   573  O  O4     . DT  A 1 19 ? 2.650   -22.729 1.865   1.00 43.63  ? 19  DT  A O4     1 
ATOM   574  C  C5     . DT  A 1 19 ? 4.605   -22.487 0.596   1.00 42.06  ? 19  DT  A C5     1 
ATOM   575  C  C7     . DT  A 1 19 ? 3.931   -22.854 -0.695  1.00 39.34  ? 19  DT  A C7     1 
ATOM   576  C  C6     . DT  A 1 19 ? 5.911   -22.174 0.651   1.00 47.04  ? 19  DT  A C6     1 
ATOM   577  H  "H5'"  . DT  A 1 19 ? 7.821   -21.195 -1.280  1.00 73.92  ? 19  DT  A "H5'"  1 
ATOM   578  H  "H5''" . DT  A 1 19 ? 7.781   -19.620 -1.407  1.00 73.92  ? 19  DT  A "H5''" 1 
ATOM   579  H  "H4'"  . DT  A 1 19 ? 9.606   -19.453 0.039   1.00 79.27  ? 19  DT  A "H4'"  1 
ATOM   580  H  "H3'"  . DT  A 1 19 ? 10.324  -21.826 -0.422  1.00 70.80  ? 19  DT  A "H3'"  1 
ATOM   581  H  "H2'"  . DT  A 1 19 ? 8.473   -22.901 0.359   1.00 76.20  ? 19  DT  A "H2'"  1 
ATOM   582  H  "H2''" . DT  A 1 19 ? 9.413   -23.000 1.647   1.00 76.20  ? 19  DT  A "H2''" 1 
ATOM   583  H  "H1'"  . DT  A 1 19 ? 8.348   -21.357 2.697   1.00 70.46  ? 19  DT  A "H1'"  1 
ATOM   584  H  H3     . DT  A 1 19 ? 4.117   -22.085 3.696   1.00 61.93  ? 19  DT  A H3     1 
ATOM   585  H  H71    . DT  A 1 19 ? 4.035   -22.128 -1.331  1.00 47.21  ? 19  DT  A H71    1 
ATOM   586  H  H72    . DT  A 1 19 ? 4.336   -23.658 -1.054  1.00 47.21  ? 19  DT  A H72    1 
ATOM   587  H  H73    . DT  A 1 19 ? 2.988   -23.010 -0.535  1.00 47.21  ? 19  DT  A H73    1 
ATOM   588  H  H6     . DT  A 1 19 ? 6.403   -22.192 -0.137  1.00 56.45  ? 19  DT  A H6     1 
ATOM   589  P  P      . DC  A 1 20 ? 12.411  -21.768 1.267   1.00 94.44  ? 20  DC  A P      1 
ATOM   590  O  OP1    . DC  A 1 20 ? 13.462  -20.730 1.318   1.00 97.82  ? 20  DC  A OP1    1 
ATOM   591  O  OP2    . DC  A 1 20 ? 12.426  -22.753 0.163   1.00 81.23  ? 20  DC  A OP2    1 
ATOM   592  O  "O5'"  . DC  A 1 20 ? 12.413  -22.567 2.653   1.00 81.16  ? 20  DC  A "O5'"  1 
ATOM   593  C  "C5'"  . DC  A 1 20 ? 11.973  -21.923 3.842   1.00 80.81  ? 20  DC  A "C5'"  1 
ATOM   594  C  "C4'"  . DC  A 1 20 ? 11.352  -22.918 4.808   1.00 81.95  ? 20  DC  A "C4'"  1 
ATOM   595  O  "O4'"  . DC  A 1 20 ? 9.996   -23.236 4.384   1.00 80.89  ? 20  DC  A "O4'"  1 
ATOM   596  C  "C3'"  . DC  A 1 20 ? 12.089  -24.256 4.916   1.00 79.55  ? 20  DC  A "C3'"  1 
ATOM   597  O  "O3'"  . DC  A 1 20 ? 12.314  -24.584 6.275   1.00 82.19  ? 20  DC  A "O3'"  1 
ATOM   598  C  "C2'"  . DC  A 1 20 ? 11.151  -25.248 4.227   1.00 68.91  ? 20  DC  A "C2'"  1 
ATOM   599  C  "C1'"  . DC  A 1 20 ? 9.789   -24.628 4.486   1.00 68.17  ? 20  DC  A "C1'"  1 
ATOM   600  N  N1     . DC  A 1 20 ? 8.696   -25.025 3.525   1.00 56.33  ? 20  DC  A N1     1 
ATOM   601  C  C2     . DC  A 1 20 ? 7.371   -25.014 3.967   1.00 57.37  ? 20  DC  A C2     1 
ATOM   602  O  O2     . DC  A 1 20 ? 7.138   -24.693 5.137   1.00 66.59  ? 20  DC  A O2     1 
ATOM   603  N  N3     . DC  A 1 20 ? 6.383   -25.356 3.102   1.00 50.11  ? 20  DC  A N3     1 
ATOM   604  C  C4     . DC  A 1 20 ? 6.681   -25.693 1.847   1.00 57.48  ? 20  DC  A C4     1 
ATOM   605  N  N4     . DC  A 1 20 ? 5.673   -26.020 1.029   1.00 48.48  ? 20  DC  A N4     1 
ATOM   606  C  C5     . DC  A 1 20 ? 8.026   -25.706 1.373   1.00 54.90  ? 20  DC  A C5     1 
ATOM   607  C  C6     . DC  A 1 20 ? 8.992   -25.375 2.238   1.00 53.47  ? 20  DC  A C6     1 
ATOM   608  H  "H5'"  . DC  A 1 20 ? 11.315  -21.248 3.613   1.00 96.97  ? 20  DC  A "H5'"  1 
ATOM   609  H  "H5''" . DC  A 1 20 ? 12.731  -21.495 4.271   1.00 96.97  ? 20  DC  A "H5''" 1 
ATOM   610  H  "H4'"  . DC  A 1 20 ? 11.315  -22.513 5.689   1.00 98.34  ? 20  DC  A "H4'"  1 
ATOM   611  H  "H3'"  . DC  A 1 20 ? 12.932  -24.210 4.439   1.00 95.47  ? 20  DC  A "H3'"  1 
ATOM   612  H  "H2'"  . DC  A 1 20 ? 11.335  -25.294 3.276   1.00 82.69  ? 20  DC  A "H2'"  1 
ATOM   613  H  "H2''" . DC  A 1 20 ? 11.215  -26.125 4.637   1.00 82.69  ? 20  DC  A "H2''" 1 
ATOM   614  H  "H1'"  . DC  A 1 20 ? 9.509   -24.842 5.391   1.00 81.80  ? 20  DC  A "H1'"  1 
ATOM   615  H  H41    . DC  A 1 20 ? 5.834   -26.231 0.211   1.00 58.18  ? 20  DC  A H41    1 
ATOM   616  H  H42    . DC  A 1 20 ? 4.864   -26.020 1.321   1.00 58.18  ? 20  DC  A H42    1 
ATOM   617  H  H5     . DC  A 1 20 ? 8.226   -25.942 0.496   1.00 65.88  ? 20  DC  A H5     1 
ATOM   618  H  H6     . DC  A 1 20 ? 9.878   -25.365 1.954   1.00 64.16  ? 20  DC  A H6     1 
ATOM   619  P  P      . DA  A 1 21 ? 13.423  -25.676 6.676   1.00 93.57  ? 21  DA  A P      1 
ATOM   620  O  OP1    . DA  A 1 21 ? 14.693  -24.964 6.932   1.00 90.88  ? 21  DA  A OP1    1 
ATOM   621  O  OP2    . DA  A 1 21 ? 13.379  -26.752 5.663   1.00 92.39  ? 21  DA  A OP2    1 
ATOM   622  O  "O5'"  . DA  A 1 21 ? 12.887  -26.260 8.066   1.00 83.74  ? 21  DA  A "O5'"  1 
ATOM   623  C  "C5'"  . DA  A 1 21 ? 12.738  -25.393 9.186   1.00 89.23  ? 21  DA  A "C5'"  1 
ATOM   624  C  "C4'"  . DA  A 1 21 ? 11.390  -25.589 9.863   1.00 85.67  ? 21  DA  A "C4'"  1 
ATOM   625  O  "O4'"  . DA  A 1 21 ? 10.346  -25.704 8.855   1.00 88.12  ? 21  DA  A "O4'"  1 
ATOM   626  C  "C3'"  . DA  A 1 21 ? 11.277  -26.849 10.713  1.00 83.01  ? 21  DA  A "C3'"  1 
ATOM   627  O  "O3'"  . DA  A 1 21 ? 10.470  -26.607 11.864  1.00 93.24  ? 21  DA  A "O3'"  1 
ATOM   628  C  "C2'"  . DA  A 1 21 ? 10.641  -27.846 9.757   1.00 75.93  ? 21  DA  A "C2'"  1 
ATOM   629  C  "C1'"  . DA  A 1 21 ? 9.695   -26.959 8.972   1.00 64.09  ? 21  DA  A "C1'"  1 
ATOM   630  N  N9     . DA  A 1 21 ? 9.378   -27.437 7.629   1.00 64.71  ? 21  DA  A N9     1 
ATOM   631  C  C8     . DA  A 1 21 ? 10.251  -27.642 6.597   1.00 64.58  ? 21  DA  A C8     1 
ATOM   632  N  N7     . DA  A 1 21 ? 9.674   -28.053 5.490   1.00 61.58  ? 21  DA  A N7     1 
ATOM   633  C  C5     . DA  A 1 21 ? 8.330   -28.116 5.819   1.00 61.50  ? 21  DA  A C5     1 
ATOM   634  C  C6     . DA  A 1 21 ? 7.185   -28.481 5.081   1.00 53.46  ? 21  DA  A C6     1 
ATOM   635  N  N6     . DA  A 1 21 ? 7.227   -28.870 3.806   1.00 49.27  ? 21  DA  A N6     1 
ATOM   636  N  N1     . DA  A 1 21 ? 5.993   -28.434 5.711   1.00 59.50  ? 21  DA  A N1     1 
ATOM   637  C  C2     . DA  A 1 21 ? 5.956   -28.042 6.994   1.00 64.57  ? 21  DA  A C2     1 
ATOM   638  N  N3     . DA  A 1 21 ? 6.962   -27.674 7.788   1.00 60.52  ? 21  DA  A N3     1 
ATOM   639  C  C4     . DA  A 1 21 ? 8.131   -27.733 7.135   1.00 65.52  ? 21  DA  A C4     1 
ATOM   640  H  "H5'"  . DA  A 1 21 ? 12.813  -24.473 8.887   1.00 107.08 ? 21  DA  A "H5'"  1 
ATOM   641  H  "H5''" . DA  A 1 21 ? 13.444  -25.576 9.825   1.00 107.08 ? 21  DA  A "H5''" 1 
ATOM   642  H  "H4'"  . DA  A 1 21 ? 11.204  -24.818 10.420  1.00 102.80 ? 21  DA  A "H4'"  1 
ATOM   643  H  "H3'"  . DA  A 1 21 ? 12.159  -27.154 10.979  1.00 99.61  ? 21  DA  A "H3'"  1 
ATOM   644  H  "HO3'" . DA  A 1 21 ? 10.786  -26.731 12.631  1.00 111.89 ? 21  DA  A "HO3'" 1 
ATOM   645  H  "H2'"  . DA  A 1 21 ? 11.309  -28.241 9.174   1.00 91.11  ? 21  DA  A "H2'"  1 
ATOM   646  H  "H2''" . DA  A 1 21 ? 10.152  -28.530 10.243  1.00 91.11  ? 21  DA  A "H2''" 1 
ATOM   647  H  "H1'"  . DA  A 1 21 ? 8.872   -26.846 9.474   1.00 76.91  ? 21  DA  A "H1'"  1 
ATOM   648  H  H8     . DA  A 1 21 ? 11.168  -27.502 6.670   1.00 77.50  ? 21  DA  A H8     1 
ATOM   649  H  H61    . DA  A 1 21 ? 6.501   -29.087 3.398   1.00 59.12  ? 21  DA  A H61    1 
ATOM   650  H  H62    . DA  A 1 21 ? 7.979   -28.904 3.391   1.00 59.12  ? 21  DA  A H62    1 
ATOM   651  H  H2     . DA  A 1 21 ? 5.112   -28.027 7.384   1.00 77.48  ? 21  DA  A H2     1 
ATOM   652  P  P      . DC  B 2 1  ? 8.490   -5.431  -1.756  1.00 110.75 ? 0   DC  B P      1 
ATOM   653  O  OP1    . DC  B 2 1  ? 9.087   -4.599  -0.686  1.00 84.58  ? 0   DC  B OP1    1 
ATOM   654  O  OP2    . DC  B 2 1  ? 8.960   -5.274  -3.149  1.00 101.65 ? 0   DC  B OP2    1 
ATOM   655  O  "O5'"  . DC  B 2 1  ? 8.621   -6.976  -1.364  1.00 83.53  ? 0   DC  B "O5'"  1 
ATOM   656  C  "C5'"  . DC  B 2 1  ? 7.607   -7.596  -0.596  1.00 63.56  ? 0   DC  B "C5'"  1 
ATOM   657  C  "C4'"  . DC  B 2 1  ? 6.604   -8.309  -1.484  1.00 59.57  ? 0   DC  B "C4'"  1 
ATOM   658  O  "O4'"  . DC  B 2 1  ? 5.814   -9.199  -0.675  1.00 48.58  ? 0   DC  B "O4'"  1 
ATOM   659  C  "C3'"  . DC  B 2 1  ? 5.602   -7.404  -2.174  1.00 72.21  ? 0   DC  B "C3'"  1 
ATOM   660  O  "O3'"  . DC  B 2 1  ? 6.098   -6.983  -3.433  1.00 67.71  ? 0   DC  B "O3'"  1 
ATOM   661  C  "C2'"  . DC  B 2 1  ? 4.352   -8.275  -2.299  1.00 53.94  ? 0   DC  B "C2'"  1 
ATOM   662  C  "C1'"  . DC  B 2 1  ? 4.502   -9.307  -1.181  1.00 47.09  ? 0   DC  B "C1'"  1 
ATOM   663  N  N1     . DC  B 2 1  ? 3.567   -9.133  -0.035  1.00 39.89  ? 0   DC  B N1     1 
ATOM   664  C  C2     . DC  B 2 1  ? 2.185   -9.249  -0.233  1.00 44.67  ? 0   DC  B C2     1 
ATOM   665  O  O2     . DC  B 2 1  ? 1.753   -9.469  -1.376  1.00 41.42  ? 0   DC  B O2     1 
ATOM   666  N  N3     . DC  B 2 1  ? 1.356   -9.102  0.835   1.00 37.72  ? 0   DC  B N3     1 
ATOM   667  C  C4     . DC  B 2 1  ? 1.867   -8.868  2.044   1.00 41.40  ? 0   DC  B C4     1 
ATOM   668  N  N4     . DC  B 2 1  ? 1.023   -8.734  3.070   1.00 51.09  ? 0   DC  B N4     1 
ATOM   669  C  C5     . DC  B 2 1  ? 3.270   -8.759  2.261   1.00 42.02  ? 0   DC  B C5     1 
ATOM   670  C  C6     . DC  B 2 1  ? 4.071   -8.903  1.207   1.00 36.15  ? 0   DC  B C6     1 
ATOM   671  H  "H5'"  . DC  B 2 1  ? 7.146   -6.920  -0.074  1.00 76.27  ? 0   DC  B "H5'"  1 
ATOM   672  H  "H5''" . DC  B 2 1  ? 8.013   -8.239  0.006   1.00 76.27  ? 0   DC  B "H5''" 1 
ATOM   673  H  "H4'"  . DC  B 2 1  ? 7.081   -8.825  -2.153  1.00 71.48  ? 0   DC  B "H4'"  1 
ATOM   674  H  "H3'"  . DC  B 2 1  ? 5.415   -6.632  -1.616  1.00 86.65  ? 0   DC  B "H3'"  1 
ATOM   675  H  "H2'"  . DC  B 2 1  ? 3.551   -7.742  -2.164  1.00 64.73  ? 0   DC  B "H2'"  1 
ATOM   676  H  "H2''" . DC  B 2 1  ? 4.327   -8.713  -3.164  1.00 64.73  ? 0   DC  B "H2''" 1 
ATOM   677  H  "H1'"  . DC  B 2 1  ? 4.380   -10.194 -1.554  1.00 56.51  ? 0   DC  B "H1'"  1 
ATOM   678  H  H41    . DC  B 2 1  ? 1.325   -8.716  3.875   1.00 61.31  ? 0   DC  B H41    1 
ATOM   679  H  H42    . DC  B 2 1  ? 0.179   -8.668  2.925   1.00 61.31  ? 0   DC  B H42    1 
ATOM   680  H  H5     . DC  B 2 1  ? 3.614   -8.595  3.108   1.00 50.43  ? 0   DC  B H5     1 
ATOM   681  H  H6     . DC  B 2 1  ? 4.992   -8.837  1.321   1.00 43.38  ? 0   DC  B H6     1 
ATOM   682  P  P      . DC  B 2 2  ? 5.759   -5.513  -3.981  1.00 61.33  ? 1   DC  B P      1 
ATOM   683  O  OP1    . DC  B 2 2  ? 6.498   -5.355  -5.254  1.00 68.04  ? 1   DC  B OP1    1 
ATOM   684  O  OP2    . DC  B 2 2  ? 5.923   -4.533  -2.886  1.00 73.75  ? 1   DC  B OP2    1 
ATOM   685  O  "O5'"  . DC  B 2 2  ? 4.200   -5.582  -4.292  1.00 47.95  ? 1   DC  B "O5'"  1 
ATOM   686  C  "C5'"  . DC  B 2 2  ? 3.721   -6.550  -5.199  1.00 54.13  ? 1   DC  B "C5'"  1 
ATOM   687  C  "C4'"  . DC  B 2 2  ? 2.213   -6.637  -5.144  1.00 51.32  ? 1   DC  B "C4'"  1 
ATOM   688  O  "O4'"  . DC  B 2 2  ? 1.805   -7.167  -3.871  1.00 54.00  ? 1   DC  B "O4'"  1 
ATOM   689  C  "C3'"  . DC  B 2 2  ? 1.503   -5.310  -5.245  1.00 62.31  ? 1   DC  B "C3'"  1 
ATOM   690  O  "O3'"  . DC  B 2 2  ? 1.304   -4.948  -6.604  1.00 57.43  ? 1   DC  B "O3'"  1 
ATOM   691  C  "C2'"  . DC  B 2 2  ? 0.189   -5.561  -4.508  1.00 56.01  ? 1   DC  B "C2'"  1 
ATOM   692  C  "C1'"  . DC  B 2 2  ? 0.499   -6.714  -3.564  1.00 34.90  ? 1   DC  B "C1'"  1 
ATOM   693  N  N1     . DC  B 2 2  ? 0.463   -6.368  -2.108  1.00 40.95  ? 1   DC  B N1     1 
ATOM   694  C  C2     . DC  B 2 2  ? -0.740  -6.481  -1.376  1.00 52.18  ? 1   DC  B C2     1 
ATOM   695  O  O2     . DC  B 2 2  ? -1.774  -6.819  -1.963  1.00 52.06  ? 1   DC  B O2     1 
ATOM   696  N  N3     . DC  B 2 2  ? -0.727  -6.192  -0.041  1.00 43.43  ? 1   DC  B N3     1 
ATOM   697  C  C4     . DC  B 2 2  ? 0.417   -5.829  0.548   1.00 44.82  ? 1   DC  B C4     1 
ATOM   698  N  N4     . DC  B 2 2  ? 0.398   -5.548  1.859   1.00 48.82  ? 1   DC  B N4     1 
ATOM   699  C  C5     . DC  B 2 2  ? 1.643   -5.730  -0.178  1.00 48.94  ? 1   DC  B C5     1 
ATOM   700  C  C6     . DC  B 2 2  ? 1.619   -6.011  -1.485  1.00 45.77  ? 1   DC  B C6     1 
ATOM   701  H  "H5'"  . DC  B 2 2  ? 4.098   -7.414  -4.973  1.00 64.96  ? 1   DC  B "H5'"  1 
ATOM   702  H  "H5''" . DC  B 2 2  ? 3.994   -6.308  -6.098  1.00 64.96  ? 1   DC  B "H5''" 1 
ATOM   703  H  "H4'"  . DC  B 2 2  ? 1.899   -7.224  -5.851  1.00 61.59  ? 1   DC  B "H4'"  1 
ATOM   704  H  "H3'"  . DC  B 2 2  ? 2.015   -4.624  -4.788  1.00 74.77  ? 1   DC  B "H3'"  1 
ATOM   705  H  "H2'"  . DC  B 2 2  ? -0.075  -4.774  -4.006  1.00 67.21  ? 1   DC  B "H2'"  1 
ATOM   706  H  "H2''" . DC  B 2 2  ? -0.508  -5.813  -5.134  1.00 67.21  ? 1   DC  B "H2''" 1 
ATOM   707  H  "H1'"  . DC  B 2 2  ? -0.130  -7.433  -3.731  1.00 41.88  ? 1   DC  B "H1'"  1 
ATOM   708  H  H41    . DC  B 2 2  ? 1.117   -5.294  2.255   1.00 58.59  ? 1   DC  B H41    1 
ATOM   709  H  H42    . DC  B 2 2  ? -0.334  -5.621  2.304   1.00 58.59  ? 1   DC  B H42    1 
ATOM   710  H  H5     . DC  B 2 2  ? 2.431   -5.471  0.244   1.00 58.73  ? 1   DC  B H5     1 
ATOM   711  H  H6     . DC  B 2 2  ? 2.404   -5.953  -1.979  1.00 54.93  ? 1   DC  B H6     1 
ATOM   712  P  P      . DG  B 2 3  ? 1.080   -3.411  -7.008  1.00 75.39  ? 2   DG  B P      1 
ATOM   713  O  OP1    . DG  B 2 3  ? 1.233   -3.318  -8.478  1.00 71.94  ? 2   DG  B OP1    1 
ATOM   714  O  OP2    . DG  B 2 3  ? 1.915   -2.571  -6.117  1.00 59.29  ? 2   DG  B OP2    1 
ATOM   715  O  "O5'"  . DG  B 2 3  ? -0.446  -3.137  -6.624  1.00 52.45  ? 2   DG  B "O5'"  1 
ATOM   716  C  "C5'"  . DG  B 2 3  ? -1.455  -4.027  -7.075  1.00 53.20  ? 2   DG  B "C5'"  1 
ATOM   717  C  "C4'"  . DG  B 2 3  ? -2.631  -4.030  -6.121  1.00 49.58  ? 2   DG  B "C4'"  1 
ATOM   718  O  "O4'"  . DG  B 2 3  ? -2.146  -4.199  -4.778  1.00 57.38  ? 2   DG  B "O4'"  1 
ATOM   719  C  "C3'"  . DG  B 2 3  ? -3.449  -2.748  -6.119  1.00 64.84  ? 2   DG  B "C3'"  1 
ATOM   720  O  "O3'"  . DG  B 2 3  ? -4.714  -2.991  -6.711  1.00 78.00  ? 2   DG  B "O3'"  1 
ATOM   721  C  "C2'"  . DG  B 2 3  ? -3.553  -2.334  -4.637  1.00 60.07  ? 2   DG  B "C2'"  1 
ATOM   722  C  "C1'"  . DG  B 2 3  ? -2.965  -3.512  -3.874  1.00 46.94  ? 2   DG  B "C1'"  1 
ATOM   723  N  N9     . DG  B 2 3  ? -2.139  -3.152  -2.719  1.00 52.41  ? 2   DG  B N9     1 
ATOM   724  C  C8     . DG  B 2 3  ? -0.809  -2.801  -2.735  1.00 50.96  ? 2   DG  B C8     1 
ATOM   725  N  N7     . DG  B 2 3  ? -0.317  -2.560  -1.553  1.00 48.15  ? 2   DG  B N7     1 
ATOM   726  C  C5     . DG  B 2 3  ? -1.385  -2.762  -0.692  1.00 43.47  ? 2   DG  B C5     1 
ATOM   727  C  C6     . DG  B 2 3  ? -1.450  -2.643  0.714   1.00 51.90  ? 2   DG  B C6     1 
ATOM   728  O  O6     . DG  B 2 3  ? -0.545  -2.322  1.502   1.00 49.05  ? 2   DG  B O6     1 
ATOM   729  N  N1     . DG  B 2 3  ? -2.726  -2.938  1.196   1.00 61.24  ? 2   DG  B N1     1 
ATOM   730  C  C2     . DG  B 2 3  ? -3.798  -3.303  0.410   1.00 57.55  ? 2   DG  B C2     1 
ATOM   731  N  N2     . DG  B 2 3  ? -4.949  -3.552  1.051   1.00 61.26  ? 2   DG  B N2     1 
ATOM   732  N  N3     . DG  B 2 3  ? -3.747  -3.418  -0.910  1.00 43.86  ? 2   DG  B N3     1 
ATOM   733  C  C4     . DG  B 2 3  ? -2.515  -3.133  -1.392  1.00 47.04  ? 2   DG  B C4     1 
ATOM   734  H  "H5'"  . DG  B 2 3  ? -1.088  -4.922  -7.133  1.00 63.84  ? 2   DG  B "H5'"  1 
ATOM   735  H  "H5''" . DG  B 2 3  ? -1.758  -3.747  -7.954  1.00 63.84  ? 2   DG  B "H5''" 1 
ATOM   736  H  "H4'"  . DG  B 2 3  ? -3.213  -4.775  -6.342  1.00 59.50  ? 2   DG  B "H4'"  1 
ATOM   737  H  "H3'"  . DG  B 2 3  ? -2.981  -2.061  -6.617  1.00 77.81  ? 2   DG  B "H3'"  1 
ATOM   738  H  "H2'"  . DG  B 2 3  ? -3.033  -1.531  -4.472  1.00 72.09  ? 2   DG  B "H2'"  1 
ATOM   739  H  "H2''" . DG  B 2 3  ? -4.480  -2.197  -4.386  1.00 72.09  ? 2   DG  B "H2''" 1 
ATOM   740  H  "H1'"  . DG  B 2 3  ? -3.683  -4.097  -3.586  1.00 56.33  ? 2   DG  B "H1'"  1 
ATOM   741  H  H8     . DG  B 2 3  ? -0.307  -2.748  -3.516  1.00 61.16  ? 2   DG  B H8     1 
ATOM   742  H  H1     . DG  B 2 3  ? -2.853  -2.889  2.045   1.00 73.48  ? 2   DG  B H1     1 
ATOM   743  H  H21    . DG  B 2 3  ? -5.647  -3.783  0.607   1.00 73.52  ? 2   DG  B H21    1 
ATOM   744  H  H22    . DG  B 2 3  ? -4.989  -3.479  1.907   1.00 73.52  ? 2   DG  B H22    1 
ATOM   745  P  P      . DT  B 2 4  ? -5.806  -1.821  -6.801  1.00 106.02 ? 3   DT  B P      1 
ATOM   746  O  OP1    . DT  B 2 4  ? -6.646  -2.084  -7.991  1.00 88.16  ? 3   DT  B OP1    1 
ATOM   747  O  OP2    . DT  B 2 4  ? -5.103  -0.524  -6.666  1.00 83.21  ? 3   DT  B OP2    1 
ATOM   748  O  "O5'"  . DT  B 2 4  ? -6.675  -2.038  -5.483  1.00 83.91  ? 3   DT  B "O5'"  1 
ATOM   749  C  "C5'"  . DT  B 2 4  ? -7.793  -1.229  -5.246  1.00 73.13  ? 3   DT  B "C5'"  1 
ATOM   750  C  "C4'"  . DT  B 2 4  ? -8.314  -1.432  -3.843  1.00 71.03  ? 3   DT  B "C4'"  1 
ATOM   751  O  "O4'"  . DT  B 2 4  ? -7.194  -1.595  -2.910  1.00 66.77  ? 3   DT  B "O4'"  1 
ATOM   752  C  "C3'"  . DT  B 2 4  ? -9.131  -0.257  -3.305  1.00 74.08  ? 3   DT  B "C3'"  1 
ATOM   753  O  "O3'"  . DT  B 2 4  ? -10.305 -0.726  -2.648  1.00 78.53  ? 3   DT  B "O3'"  1 
ATOM   754  C  "C2'"  . DT  B 2 4  ? -8.149  0.413   -2.357  1.00 67.50  ? 3   DT  B "C2'"  1 
ATOM   755  C  "C1'"  . DT  B 2 4  ? -7.447  -0.787  -1.783  1.00 49.63  ? 3   DT  B "C1'"  1 
ATOM   756  N  N1     . DT  B 2 4  ? -6.173  -0.480  -1.056  1.00 48.90  ? 3   DT  B N1     1 
ATOM   757  C  C2     . DT  B 2 4  ? -6.208  -0.372  0.315   1.00 62.67  ? 3   DT  B C2     1 
ATOM   758  O  O2     . DT  B 2 4  ? -7.226  -0.515  0.968   1.00 76.28  ? 3   DT  B O2     1 
ATOM   759  N  N3     . DT  B 2 4  ? -5.007  -0.090  0.902   1.00 63.46  ? 3   DT  B N3     1 
ATOM   760  C  C4     . DT  B 2 4  ? -3.793  0.093   0.272   1.00 56.73  ? 3   DT  B C4     1 
ATOM   761  O  O4     . DT  B 2 4  ? -2.764  0.343   0.893   1.00 55.85  ? 3   DT  B O4     1 
ATOM   762  C  C5     . DT  B 2 4  ? -3.817  -0.030  -1.166  1.00 53.38  ? 3   DT  B C5     1 
ATOM   763  C  C7     . DT  B 2 4  ? -2.553  0.154   -1.953  1.00 53.96  ? 3   DT  B C7     1 
ATOM   764  C  C6     . DT  B 2 4  ? -4.996  -0.308  -1.760  1.00 53.91  ? 3   DT  B C6     1 
ATOM   765  H  "H5'"  . DT  B 2 4  ? -8.490  -1.454  -5.883  1.00 87.76  ? 3   DT  B "H5'"  1 
ATOM   766  H  "H5''" . DT  B 2 4  ? -7.543  -0.299  -5.363  1.00 87.76  ? 3   DT  B "H5''" 1 
ATOM   767  H  "H4'"  . DT  B 2 4  ? -8.861  -2.233  -3.822  1.00 85.24  ? 3   DT  B "H4'"  1 
ATOM   768  H  "H3'"  . DT  B 2 4  ? -9.366  0.345   -4.028  1.00 88.90  ? 3   DT  B "H3'"  1 
ATOM   769  H  "H2'"  . DT  B 2 4  ? -7.530  0.982   -2.841  1.00 81.00  ? 3   DT  B "H2'"  1 
ATOM   770  H  "H2''" . DT  B 2 4  ? -8.616  0.909   -1.666  1.00 81.00  ? 3   DT  B "H2''" 1 
ATOM   771  H  "H1'"  . DT  B 2 4  ? -8.051  -1.255  -1.185  1.00 59.55  ? 3   DT  B "H1'"  1 
ATOM   772  H  H3     . DT  B 2 4  ? -5.007  -0.018  1.759   1.00 76.15  ? 3   DT  B H3     1 
ATOM   773  H  H71    . DT  B 2 4  ? -2.407  -0.624  -2.514  1.00 64.76  ? 3   DT  B H71    1 
ATOM   774  H  H72    . DT  B 2 4  ? -2.632  0.943   -2.510  1.00 64.76  ? 3   DT  B H72    1 
ATOM   775  H  H73    . DT  B 2 4  ? -1.806  0.259   -1.344  1.00 64.76  ? 3   DT  B H73    1 
ATOM   776  H  H6     . DT  B 2 4  ? -5.016  -0.390  -2.685  1.00 64.69  ? 3   DT  B H6     1 
ATOM   777  P  P      . DC  B 2 5  ? -11.662 0.135   -2.673  1.00 96.32  ? 4   DC  B P      1 
ATOM   778  O  OP1    . DC  B 2 5  ? -12.754 -0.788  -3.054  1.00 99.99  ? 4   DC  B OP1    1 
ATOM   779  O  OP2    . DC  B 2 5  ? -11.434 1.371   -3.459  1.00 59.52  ? 4   DC  B OP2    1 
ATOM   780  O  "O5'"  . DC  B 2 5  ? -11.860 0.548   -1.144  1.00 57.43  ? 4   DC  B "O5'"  1 
ATOM   781  C  "C5'"  . DC  B 2 5  ? -10.732 0.915   -0.384  1.00 49.55  ? 4   DC  B "C5'"  1 
ATOM   782  C  "C4'"  . DC  B 2 5  ? -11.119 1.284   1.023   1.00 55.20  ? 4   DC  B "C4'"  1 
ATOM   783  O  "O4'"  . DC  B 2 5  ? -9.930  1.370   1.846   1.00 63.89  ? 4   DC  B "O4'"  1 
ATOM   784  C  "C3'"  . DC  B 2 5  ? -11.787 2.621   1.178   1.00 51.38  ? 4   DC  B "C3'"  1 
ATOM   785  O  "O3'"  . DC  B 2 5  ? -12.625 2.597   2.324   1.00 40.39  ? 4   DC  B "O3'"  1 
ATOM   786  C  "C2'"  . DC  B 2 5  ? -10.604 3.579   1.323   1.00 54.80  ? 4   DC  B "C2'"  1 
ATOM   787  C  "C1'"  . DC  B 2 5  ? -9.555  2.726   2.031   1.00 48.08  ? 4   DC  B "C1'"  1 
ATOM   788  N  N1     . DC  B 2 5  ? -8.151  2.887   1.515   1.00 43.31  ? 4   DC  B N1     1 
ATOM   789  C  C2     . DC  B 2 5  ? -7.103  3.148   2.410   1.00 48.11  ? 4   DC  B C2     1 
ATOM   790  O  O2     . DC  B 2 5  ? -7.350  3.269   3.614   1.00 52.22  ? 4   DC  B O2     1 
ATOM   791  N  N3     . DC  B 2 5  ? -5.842  3.271   1.928   1.00 43.00  ? 4   DC  B N3     1 
ATOM   792  C  C4     . DC  B 2 5  ? -5.610  3.132   0.623   1.00 51.58  ? 4   DC  B C4     1 
ATOM   793  N  N4     . DC  B 2 5  ? -4.350  3.262   0.194   1.00 57.46  ? 4   DC  B N4     1 
ATOM   794  C  C5     . DC  B 2 5  ? -6.660  2.857   -0.301  1.00 46.03  ? 4   DC  B C5     1 
ATOM   795  C  C6     . DC  B 2 5  ? -7.900  2.738   0.184   1.00 39.78  ? 4   DC  B C6     1 
ATOM   796  H  "H5'"  . DC  B 2 5  ? -10.300 1.676   -0.805  1.00 59.46  ? 4   DC  B "H5'"  1 
ATOM   797  H  "H5''" . DC  B 2 5  ? -10.110 0.172   -0.359  1.00 59.46  ? 4   DC  B "H5''" 1 
ATOM   798  H  "H4'"  . DC  B 2 5  ? -11.701 0.596   1.380   1.00 66.25  ? 4   DC  B "H4'"  1 
ATOM   799  H  "H3'"  . DC  B 2 5  ? -12.303 2.835   0.384   1.00 61.66  ? 4   DC  B "H3'"  1 
ATOM   800  H  "H2'"  . DC  B 2 5  ? -10.283 3.863   0.453   1.00 65.76  ? 4   DC  B "H2'"  1 
ATOM   801  H  "H2''" . DC  B 2 5  ? -10.847 4.344   1.868   1.00 65.76  ? 4   DC  B "H2''" 1 
ATOM   802  H  "H1'"  . DC  B 2 5  ? -9.568  2.929   2.980   1.00 57.70  ? 4   DC  B "H1'"  1 
ATOM   803  H  H41    . DC  B 2 5  ? -4.171  3.184   -0.644  1.00 68.95  ? 4   DC  B H41    1 
ATOM   804  H  H42    . DC  B 2 5  ? -3.719  3.424   0.755   1.00 68.95  ? 4   DC  B H42    1 
ATOM   805  H  H5     . DC  B 2 5  ? -6.488  2.766   -1.211  1.00 55.23  ? 4   DC  B H5     1 
ATOM   806  H  H6     . DC  B 2 5  ? -8.604  2.562   -0.398  1.00 47.74  ? 4   DC  B H6     1 
ATOM   807  P  P      . DA  B 2 6  ? -13.477 3.891   2.726   1.00 53.90  ? 5   DA  B P      1 
ATOM   808  O  OP1    . DA  B 2 6  ? -14.789 3.475   3.271   1.00 43.15  ? 5   DA  B OP1    1 
ATOM   809  O  OP2    . DA  B 2 6  ? -13.434 4.796   1.556   1.00 68.80  ? 5   DA  B OP2    1 
ATOM   810  O  "O5'"  . DA  B 2 6  ? -12.596 4.582   3.856   1.00 41.73  ? 5   DA  B "O5'"  1 
ATOM   811  C  "C5'"  . DA  B 2 6  ? -12.232 5.931   3.701   1.00 46.56  ? 5   DA  B "C5'"  1 
ATOM   812  C  "C4'"  . DA  B 2 6  ? -11.324 6.377   4.818   1.00 53.68  ? 5   DA  B "C4'"  1 
ATOM   813  O  "O4'"  . DA  B 2 6  ? -9.979  5.939   4.517   1.00 58.51  ? 5   DA  B "O4'"  1 
ATOM   814  C  "C3'"  . DA  B 2 6  ? -11.273 7.880   5.034   1.00 42.37  ? 5   DA  B "C3'"  1 
ATOM   815  O  "O3'"  . DA  B 2 6  ? -11.490 8.195   6.401   1.00 30.85  ? 5   DA  B "O3'"  1 
ATOM   816  C  "C2'"  . DA  B 2 6  ? -9.888  8.309   4.559   1.00 49.44  ? 5   DA  B "C2'"  1 
ATOM   817  C  "C1'"  . DA  B 2 6  ? -9.088  7.026   4.419   1.00 40.46  ? 5   DA  B "C1'"  1 
ATOM   818  N  N9     . DA  B 2 6  ? -8.384  6.934   3.144   1.00 39.15  ? 5   DA  B N9     1 
ATOM   819  C  C8     . DA  B 2 6  ? -8.944  6.791   1.909   1.00 47.34  ? 5   DA  B C8     1 
ATOM   820  N  N7     . DA  B 2 6  ? -8.068  6.742   0.935   1.00 49.60  ? 5   DA  B N7     1 
ATOM   821  C  C5     . DA  B 2 6  ? -6.850  6.868   1.577   1.00 46.78  ? 5   DA  B C5     1 
ATOM   822  C  C6     . DA  B 2 6  ? -5.529  6.892   1.098   1.00 45.76  ? 5   DA  B C6     1 
ATOM   823  N  N6     . DA  B 2 6  ? -5.221  6.780   -0.197  1.00 50.08  ? 5   DA  B N6     1 
ATOM   824  N  N1     . DA  B 2 6  ? -4.537  7.032   2.002   1.00 43.11  ? 5   DA  B N1     1 
ATOM   825  C  C2     . DA  B 2 6  ? -4.858  7.136   3.297   1.00 54.45  ? 5   DA  B C2     1 
ATOM   826  N  N3     . DA  B 2 6  ? -6.066  7.130   3.866   1.00 53.08  ? 5   DA  B N3     1 
ATOM   827  C  C4     . DA  B 2 6  ? -7.027  6.992   2.940   1.00 46.04  ? 5   DA  B C4     1 
ATOM   828  H  "H5'"  . DA  B 2 6  ? -13.032 6.479   3.704   1.00 55.87  ? 5   DA  B "H5'"  1 
ATOM   829  H  "H5''" . DA  B 2 6  ? -11.773 6.041   2.854   1.00 55.87  ? 5   DA  B "H5''" 1 
ATOM   830  H  "H4'"  . DA  B 2 6  ? -11.612 5.954   5.642   1.00 64.42  ? 5   DA  B "H4'"  1 
ATOM   831  H  "H3'"  . DA  B 2 6  ? -11.951 8.309   4.490   1.00 50.84  ? 5   DA  B "H3'"  1 
ATOM   832  H  "HO3'" . DA  B 2 6  ? -10.914 8.633   6.827   1.00 37.02  ? 5   DA  B "HO3'" 1 
ATOM   833  H  "H2'"  . DA  B 2 6  ? -9.953  8.759   3.702   1.00 59.33  ? 5   DA  B "H2'"  1 
ATOM   834  H  "H2''" . DA  B 2 6  ? -9.475  8.892   5.215   1.00 59.33  ? 5   DA  B "H2''" 1 
ATOM   835  H  "H1'"  . DA  B 2 6  ? -8.443  6.974   5.142   1.00 48.56  ? 5   DA  B "H1'"  1 
ATOM   836  H  H8     . DA  B 2 6  ? -9.862  6.729   1.771   1.00 56.81  ? 5   DA  B H8     1 
ATOM   837  H  H61    . DA  B 2 6  ? -4.398  6.793   -0.445  1.00 60.09  ? 5   DA  B H61    1 
ATOM   838  H  H62    . DA  B 2 6  ? -5.846  6.696   -0.782  1.00 60.09  ? 5   DA  B H62    1 
ATOM   839  H  H2     . DA  B 2 6  ? -4.141  7.232   3.881   1.00 65.34  ? 5   DA  B H2     1 
ATOM   840  O  "O5'"  . DT  C 3 1  ? 6.393   -38.886 -3.553  1.00 101.07 ? 1   DT  C "O5'"  1 
ATOM   841  C  "C5'"  . DT  C 3 1  ? 6.107   -37.504 -3.465  1.00 83.01  ? 1   DT  C "C5'"  1 
ATOM   842  C  "C4'"  . DT  C 3 1  ? 5.071   -37.251 -2.397  1.00 72.49  ? 1   DT  C "C4'"  1 
ATOM   843  O  "O4'"  . DT  C 3 1  ? 5.680   -37.398 -1.108  1.00 63.62  ? 1   DT  C "O4'"  1 
ATOM   844  C  "C3'"  . DT  C 3 1  ? 4.493   -35.844 -2.389  1.00 75.87  ? 1   DT  C "C3'"  1 
ATOM   845  O  "O3'"  . DT  C 3 1  ? 3.287   -35.787 -3.165  1.00 82.67  ? 1   DT  C "O3'"  1 
ATOM   846  C  "C2'"  . DT  C 3 1  ? 4.231   -35.560 -0.902  1.00 72.10  ? 1   DT  C "C2'"  1 
ATOM   847  C  "C1'"  . DT  C 3 1  ? 4.863   -36.753 -0.176  1.00 61.32  ? 1   DT  C "C1'"  1 
ATOM   848  N  N1     . DT  C 3 1  ? 5.689   -36.369 1.000   1.00 66.17  ? 1   DT  C N1     1 
ATOM   849  C  C2     . DT  C 3 1  ? 5.082   -36.263 2.228   1.00 80.43  ? 1   DT  C C2     1 
ATOM   850  O  O2     . DT  C 3 1  ? 3.895   -36.470 2.402   1.00 86.48  ? 1   DT  C O2     1 
ATOM   851  N  N3     . DT  C 3 1  ? 5.920   -35.906 3.254   1.00 81.47  ? 1   DT  C N3     1 
ATOM   852  C  C4     . DT  C 3 1  ? 7.277   -35.647 3.173   1.00 75.67  ? 1   DT  C C4     1 
ATOM   853  O  O4     . DT  C 3 1  ? 7.944   -35.329 4.154   1.00 70.13  ? 1   DT  C O4     1 
ATOM   854  C  C5     . DT  C 3 1  ? 7.852   -35.775 1.852   1.00 69.59  ? 1   DT  C C5     1 
ATOM   855  C  C7     . DT  C 3 1  ? 9.315   -35.520 1.637   1.00 67.72  ? 1   DT  C C7     1 
ATOM   856  C  C6     . DT  C 3 1  ? 7.038   -36.126 0.841   1.00 66.72  ? 1   DT  C C6     1 
ATOM   857  P  P      . DC  C 3 2  ? 1.978   -36.617 -2.733  1.00 105.62 ? 2   DC  C P      1 
ATOM   858  O  OP1    . DC  C 3 2  ? 2.374   -38.037 -2.575  1.00 100.21 ? 2   DC  C OP1    1 
ATOM   859  O  OP2    . DC  C 3 2  ? 0.899   -36.239 -3.679  1.00 77.29  ? 2   DC  C OP2    1 
ATOM   860  O  "O5'"  . DC  C 3 2  ? 1.591   -36.048 -1.285  1.00 63.71  ? 2   DC  C "O5'"  1 
ATOM   861  C  "C5'"  . DC  C 3 2  ? 0.531   -35.111 -1.158  1.00 66.62  ? 2   DC  C "C5'"  1 
ATOM   862  C  "C4'"  . DC  C 3 2  ? 0.060   -34.986 0.282   1.00 81.89  ? 2   DC  C "C4'"  1 
ATOM   863  O  "O4'"  . DC  C 3 2  ? 1.209   -34.963 1.185   1.00 80.81  ? 2   DC  C "O4'"  1 
ATOM   864  C  "C3'"  . DC  C 3 2  ? -0.699  -33.702 0.585   1.00 80.65  ? 2   DC  C "C3'"  1 
ATOM   865  O  "O3'"  . DC  C 3 2  ? -1.645  -33.912 1.632   1.00 90.13  ? 2   DC  C "O3'"  1 
ATOM   866  C  "C2'"  . DC  C 3 2  ? 0.431   -32.781 0.998   1.00 78.26  ? 2   DC  C "C2'"  1 
ATOM   867  C  "C1'"  . DC  C 3 2  ? 1.239   -33.719 1.870   1.00 72.72  ? 2   DC  C "C1'"  1 
ATOM   868  N  N1     . DC  C 3 2  ? 2.668   -33.324 2.089   1.00 71.69  ? 2   DC  C N1     1 
ATOM   869  C  C2     . DC  C 3 2  ? 3.116   -33.023 3.386   1.00 78.79  ? 2   DC  C C2     1 
ATOM   870  O  O2     . DC  C 3 2  ? 2.316   -33.066 4.330   1.00 77.11  ? 2   DC  C O2     1 
ATOM   871  N  N3     . DC  C 3 2  ? 4.417   -32.683 3.570   1.00 72.05  ? 2   DC  C N3     1 
ATOM   872  C  C4     . DC  C 3 2  ? 5.250   -32.643 2.528   1.00 68.50  ? 2   DC  C C4     1 
ATOM   873  N  N4     . DC  C 3 2  ? 6.521   -32.304 2.759   1.00 62.93  ? 2   DC  C N4     1 
ATOM   874  C  C5     . DC  C 3 2  ? 4.816   -32.955 1.206   1.00 59.79  ? 2   DC  C C5     1 
ATOM   875  C  C6     . DC  C 3 2  ? 3.531   -33.287 1.035   1.00 60.97  ? 2   DC  C C6     1 
ATOM   876  H  "H5'"  . DC  C 3 2  ? -0.214  -35.400 -1.709  1.00 79.95  ? 2   DC  C "H5'"  1 
ATOM   877  H  "H5''" . DC  C 3 2  ? 0.835   -34.244 -1.467  1.00 79.95  ? 2   DC  C "H5''" 1 
ATOM   878  H  "H4'"  . DC  C 3 2  ? -0.502  -35.746 0.501   1.00 98.26  ? 2   DC  C "H4'"  1 
ATOM   879  H  "H3'"  . DC  C 3 2  ? -1.138  -33.369 -0.214  1.00 96.77  ? 2   DC  C "H3'"  1 
ATOM   880  H  "H2'"  . DC  C 3 2  ? 0.945   -32.490 0.228   1.00 93.91  ? 2   DC  C "H2'"  1 
ATOM   881  H  "H2''" . DC  C 3 2  ? 0.099   -32.027 1.508   1.00 93.91  ? 2   DC  C "H2''" 1 
ATOM   882  H  "H1'"  . DC  C 3 2  ? 0.798   -33.817 2.728   1.00 87.26  ? 2   DC  C "H1'"  1 
ATOM   883  H  H41    . DC  C 3 2  ? 7.081   -32.268 2.108   1.00 75.52  ? 2   DC  C H41    1 
ATOM   884  H  H42    . DC  C 3 2  ? 6.780   -32.122 3.558   1.00 75.52  ? 2   DC  C H42    1 
ATOM   885  H  H5     . DC  C 3 2  ? 5.405   -32.925 0.486   1.00 71.75  ? 2   DC  C H5     1 
ATOM   886  H  H6     . DC  C 3 2  ? 3.222   -33.495 0.183   1.00 73.17  ? 2   DC  C H6     1 
ATOM   887  P  P      . DT  C 3 3  ? -2.855  -32.882 1.870   1.00 111.67 ? 3   DT  C P      1 
ATOM   888  O  OP1    . DT  C 3 3  ? -3.851  -33.573 2.721   1.00 94.56  ? 3   DT  C OP1    1 
ATOM   889  O  OP2    . DT  C 3 3  ? -3.256  -32.345 0.546   1.00 78.40  ? 3   DT  C OP2    1 
ATOM   890  O  "O5'"  . DT  C 3 3  ? -2.204  -31.716 2.755   1.00 92.14  ? 3   DT  C "O5'"  1 
ATOM   891  C  "C5'"  . DT  C 3 3  ? -1.251  -32.034 3.771   1.00 82.60  ? 3   DT  C "C5'"  1 
ATOM   892  C  "C4'"  . DT  C 3 3  ? -1.553  -31.316 5.073   1.00 96.37  ? 3   DT  C "C4'"  1 
ATOM   893  O  "O4'"  . DT  C 3 3  ? -0.307  -30.899 5.679   1.00 100.08 ? 3   DT  C "O4'"  1 
ATOM   894  C  "C3'"  . DT  C 3 3  ? -2.379  -30.045 4.953   1.00 92.33  ? 3   DT  C "C3'"  1 
ATOM   895  O  "O3'"  . DT  C 3 3  ? -3.153  -29.843 6.133   1.00 95.28  ? 3   DT  C "O3'"  1 
ATOM   896  C  "C2'"  . DT  C 3 3  ? -1.324  -28.957 4.745   1.00 85.24  ? 3   DT  C "C2'"  1 
ATOM   897  C  "C1'"  . DT  C 3 3  ? -0.070  -29.523 5.430   1.00 87.15  ? 3   DT  C "C1'"  1 
ATOM   898  N  N1     . DT  C 3 3  ? 1.212   -29.398 4.625   1.00 76.62  ? 3   DT  C N1     1 
ATOM   899  C  C2     . DT  C 3 3  ? 2.391   -29.126 5.285   1.00 72.11  ? 3   DT  C C2     1 
ATOM   900  O  O2     . DT  C 3 3  ? 2.456   -28.968 6.494   1.00 72.23  ? 3   DT  C O2     1 
ATOM   901  N  N3     . DT  C 3 3  ? 3.499   -29.044 4.477   1.00 60.76  ? 3   DT  C N3     1 
ATOM   902  C  C4     . DT  C 3 3  ? 3.543   -29.210 3.103   1.00 61.52  ? 3   DT  C C4     1 
ATOM   903  O  O4     . DT  C 3 3  ? 4.587   -29.114 2.462   1.00 51.92  ? 3   DT  C O4     1 
ATOM   904  C  C5     . DT  C 3 3  ? 2.274   -29.492 2.472   1.00 59.32  ? 3   DT  C C5     1 
ATOM   905  C  C7     . DT  C 3 3  ? 2.195   -29.687 0.988   1.00 53.40  ? 3   DT  C C7     1 
ATOM   906  C  C6     . DT  C 3 3  ? 1.185   -29.576 3.253   1.00 61.15  ? 3   DT  C C6     1 
ATOM   907  H  "H5'"  . DT  C 3 3  ? -0.367  -31.778 3.466   1.00 99.12  ? 3   DT  C "H5'"  1 
ATOM   908  H  "H5''" . DT  C 3 3  ? -1.266  -32.992 3.927   1.00 99.12  ? 3   DT  C "H5''" 1 
ATOM   909  H  "H4'"  . DT  C 3 3  ? -2.006  -31.930 5.672   1.00 115.64 ? 3   DT  C "H4'"  1 
ATOM   910  H  "H3'"  . DT  C 3 3  ? -2.959  -30.097 4.178   1.00 110.79 ? 3   DT  C "H3'"  1 
ATOM   911  H  "H2'"  . DT  C 3 3  ? -1.160  -28.817 3.799   1.00 102.29 ? 3   DT  C "H2'"  1 
ATOM   912  H  "H2''" . DT  C 3 3  ? -1.599  -28.130 5.171   1.00 102.29 ? 3   DT  C "H2''" 1 
ATOM   913  H  "H1'"  . DT  C 3 3  ? 0.052   -29.069 6.279   1.00 104.58 ? 3   DT  C "H1'"  1 
ATOM   914  H  H3     . DT  C 3 3  ? 4.247   -28.877 4.867   1.00 72.92  ? 3   DT  C H3     1 
ATOM   915  H  H71    . DT  C 3 3  ? 3.071   -29.547 0.595   1.00 64.07  ? 3   DT  C H71    1 
ATOM   916  H  H72    . DT  C 3 3  ? 1.894   -30.588 0.795   1.00 64.07  ? 3   DT  C H72    1 
ATOM   917  H  H73    . DT  C 3 3  ? 1.567   -29.050 0.611   1.00 64.07  ? 3   DT  C H73    1 
ATOM   918  H  H6     . DT  C 3 3  ? 0.367   -29.757 2.850   1.00 73.38  ? 3   DT  C H6     1 
ATOM   919  P  P      . DG  C 3 4  ? -4.096  -28.551 6.279   1.00 115.36 ? 4   DG  C P      1 
ATOM   920  O  OP1    . DG  C 3 4  ? -5.191  -28.889 7.214   1.00 116.31 ? 4   DG  C OP1    1 
ATOM   921  O  OP2    . DG  C 3 4  ? -4.418  -28.071 4.916   1.00 91.23  ? 4   DG  C OP2    1 
ATOM   922  O  "O5'"  . DG  C 3 4  ? -3.149  -27.472 6.982   1.00 99.78  ? 4   DG  C "O5'"  1 
ATOM   923  C  "C5'"  . DG  C 3 4  ? -2.460  -27.811 8.177   1.00 91.62  ? 4   DG  C "C5'"  1 
ATOM   924  C  "C4'"  . DG  C 3 4  ? -1.550  -26.679 8.618   1.00 85.13  ? 4   DG  C "C4'"  1 
ATOM   925  O  "O4'"  . DG  C 3 4  ? -0.418  -26.579 7.706   1.00 87.40  ? 4   DG  C "O4'"  1 
ATOM   926  C  "C3'"  . DG  C 3 4  ? -2.191  -25.297 8.606   1.00 71.14  ? 4   DG  C "C3'"  1 
ATOM   927  O  "O3'"  . DG  C 3 4  ? -1.614  -24.475 9.621   1.00 71.19  ? 4   DG  C "O3'"  1 
ATOM   928  C  "C2'"  . DG  C 3 4  ? -1.855  -24.808 7.204   1.00 72.90  ? 4   DG  C "C2'"  1 
ATOM   929  C  "C1'"  . DG  C 3 4  ? -0.431  -25.310 7.075   1.00 67.53  ? 4   DG  C "C1'"  1 
ATOM   930  N  N9     . DG  C 3 4  ? 0.070   -25.465 5.711   1.00 56.05  ? 4   DG  C N9     1 
ATOM   931  C  C8     . DG  C 3 4  ? -0.643  -25.676 4.553   1.00 62.19  ? 4   DG  C C8     1 
ATOM   932  N  N7     . DG  C 3 4  ? 0.116   -25.789 3.492   1.00 60.12  ? 4   DG  C N7     1 
ATOM   933  C  C5     . DG  C 3 4  ? 1.409   -25.648 3.986   1.00 56.33  ? 4   DG  C C5     1 
ATOM   934  C  C6     . DG  C 3 4  ? 2.662   -25.676 3.319   1.00 53.21  ? 4   DG  C C6     1 
ATOM   935  O  O6     . DG  C 3 4  ? 2.891   -25.838 2.110   1.00 49.03  ? 4   DG  C O6     1 
ATOM   936  N  N1     . DG  C 3 4  ? 3.722   -25.491 4.208   1.00 50.48  ? 4   DG  C N1     1 
ATOM   937  C  C2     . DG  C 3 4  ? 3.584   -25.299 5.566   1.00 66.84  ? 4   DG  C C2     1 
ATOM   938  N  N2     . DG  C 3 4  ? 4.710   -25.141 6.274   1.00 68.59  ? 4   DG  C N2     1 
ATOM   939  N  N3     . DG  C 3 4  ? 2.424   -25.276 6.193   1.00 66.67  ? 4   DG  C N3     1 
ATOM   940  C  C4     . DG  C 3 4  ? 1.387   -25.453 5.346   1.00 58.73  ? 4   DG  C C4     1 
ATOM   941  H  "H5'"  . DG  C 3 4  ? -1.927  -28.607 8.024   1.00 109.94 ? 4   DG  C "H5'"  1 
ATOM   942  H  "H5''" . DG  C 3 4  ? -3.107  -27.990 8.878   1.00 109.94 ? 4   DG  C "H5''" 1 
ATOM   943  H  "H4'"  . DG  C 3 4  ? -1.222  -26.868 9.511   1.00 102.15 ? 4   DG  C "H4'"  1 
ATOM   944  H  "H3'"  . DG  C 3 4  ? -3.152  -25.365 8.724   1.00 85.37  ? 4   DG  C "H3'"  1 
ATOM   945  H  "H2'"  . DG  C 3 4  ? -2.433  -25.218 6.543   1.00 87.48  ? 4   DG  C "H2'"  1 
ATOM   946  H  "H2''" . DG  C 3 4  ? -1.891  -23.839 7.155   1.00 87.48  ? 4   DG  C "H2''" 1 
ATOM   947  H  "H1'"  . DG  C 3 4  ? 0.160   -24.712 7.559   1.00 81.03  ? 4   DG  C "H1'"  1 
ATOM   948  H  H8     . DG  C 3 4  ? -1.571  -25.732 4.526   1.00 74.63  ? 4   DG  C H8     1 
ATOM   949  H  H1     . DG  C 3 4  ? 4.519   -25.493 3.885   1.00 60.58  ? 4   DG  C H1     1 
ATOM   950  H  H21    . DG  C 3 4  ? 4.671   -25.026 7.126   1.00 82.30  ? 4   DG  C H21    1 
ATOM   951  H  H22    . DG  C 3 4  ? 5.473   -25.155 5.877   1.00 82.30  ? 4   DG  C H22    1 
ATOM   952  P  P      . DA  C 3 5  ? -2.539  -23.541 10.545  1.00 96.00  ? 5   DA  C P      1 
ATOM   953  O  OP1    . DA  C 3 5  ? -2.955  -24.343 11.718  1.00 87.76  ? 5   DA  C OP1    1 
ATOM   954  O  OP2    . DA  C 3 5  ? -3.563  -22.935 9.665   1.00 88.30  ? 5   DA  C OP2    1 
ATOM   955  O  "O5'"  . DA  C 3 5  ? -1.553  -22.369 11.026  1.00 72.57  ? 5   DA  C "O5'"  1 
ATOM   956  C  "C5'"  . DA  C 3 5  ? -0.959  -22.410 12.330  1.00 73.33  ? 5   DA  C "C5'"  1 
ATOM   957  C  "C4'"  . DA  C 3 5  ? 0.523   -22.077 12.266  1.00 70.38  ? 5   DA  C "C4'"  1 
ATOM   958  O  "O4'"  . DA  C 3 5  ? 1.049   -22.491 10.972  1.00 65.54  ? 5   DA  C "O4'"  1 
ATOM   959  C  "C3'"  . DA  C 3 5  ? 0.863   -20.597 12.376  1.00 72.89  ? 5   DA  C "C3'"  1 
ATOM   960  O  "O3'"  . DA  C 3 5  ? 2.165   -20.421 12.957  1.00 76.85  ? 5   DA  C "O3'"  1 
ATOM   961  C  "C2'"  . DA  C 3 5  ? 0.805   -20.158 10.924  1.00 63.28  ? 5   DA  C "C2'"  1 
ATOM   962  C  "C1'"  . DA  C 3 5  ? 1.445   -21.350 10.227  1.00 54.00  ? 5   DA  C "C1'"  1 
ATOM   963  N  N9     . DA  C 3 5  ? 1.043   -21.535 8.833   1.00 53.35  ? 5   DA  C N9     1 
ATOM   964  C  C8     . DA  C 3 5  ? -0.231  -21.646 8.343   1.00 56.71  ? 5   DA  C C8     1 
ATOM   965  N  N7     . DA  C 3 5  ? -0.285  -21.814 7.041   1.00 58.30  ? 5   DA  C N7     1 
ATOM   966  C  C5     . DA  C 3 5  ? 1.045   -21.820 6.650   1.00 57.23  ? 5   DA  C C5     1 
ATOM   967  C  C6     . DA  C 3 5  ? 1.667   -21.961 5.391   1.00 56.59  ? 5   DA  C C6     1 
ATOM   968  N  N6     . DA  C 3 5  ? 0.990   -22.132 4.253   1.00 54.96  ? 5   DA  C N6     1 
ATOM   969  N  N1     . DA  C 3 5  ? 3.017   -21.920 5.349   1.00 52.93  ? 5   DA  C N1     1 
ATOM   970  C  C2     . DA  C 3 5  ? 3.692   -21.748 6.495   1.00 57.34  ? 5   DA  C C2     1 
ATOM   971  N  N3     . DA  C 3 5  ? 3.219   -21.605 7.735   1.00 54.48  ? 5   DA  C N3     1 
ATOM   972  C  C4     . DA  C 3 5  ? 1.877   -21.649 7.743   1.00 57.48  ? 5   DA  C C4     1 
ATOM   973  H  "H5'"  . DA  C 3 5  ? -1.069  -23.300 12.702  1.00 87.99  ? 5   DA  C "H5'"  1 
ATOM   974  H  "H5''" . DA  C 3 5  ? -1.405  -21.768 12.904  1.00 87.99  ? 5   DA  C "H5''" 1 
ATOM   975  H  "H4'"  . DA  C 3 5  ? 0.987   -22.562 12.966  1.00 84.45  ? 5   DA  C "H4'"  1 
ATOM   976  H  "H3'"  . DA  C 3 5  ? 0.191   -20.132 12.899  1.00 87.47  ? 5   DA  C "H3'"  1 
ATOM   977  H  "H2'"  . DA  C 3 5  ? -0.113  -20.038 10.635  1.00 75.94  ? 5   DA  C "H2'"  1 
ATOM   978  H  "H2''" . DA  C 3 5  ? 1.327   -19.352 10.783  1.00 75.94  ? 5   DA  C "H2''" 1 
ATOM   979  H  "H1'"  . DA  C 3 5  ? 2.410   -21.263 10.270  1.00 64.80  ? 5   DA  C "H1'"  1 
ATOM   980  H  H8     . DA  C 3 5  ? -0.989  -21.604 8.882   1.00 68.05  ? 5   DA  C H8     1 
ATOM   981  H  H61    . DA  C 3 5  ? 1.412   -22.204 3.508   1.00 65.95  ? 5   DA  C H61    1 
ATOM   982  H  H62    . DA  C 3 5  ? 0.131   -22.169 4.265   1.00 65.95  ? 5   DA  C H62    1 
ATOM   983  H  H2     . DA  C 3 5  ? 4.618   -21.725 6.415   1.00 68.81  ? 5   DA  C H2     1 
ATOM   984  P  P      . DG  C 3 6  ? 2.610   -19.008 13.584  1.00 87.40  ? 6   DG  C P      1 
ATOM   985  O  OP1    . DG  C 3 6  ? 3.059   -19.256 14.974  1.00 90.79  ? 6   DG  C OP1    1 
ATOM   986  O  OP2    . DG  C 3 6  ? 1.523   -18.040 13.316  1.00 70.71  ? 6   DG  C OP2    1 
ATOM   987  O  "O5'"  . DG  C 3 6  ? 3.873   -18.584 12.699  1.00 70.13  ? 6   DG  C "O5'"  1 
ATOM   988  C  "C5'"  . DG  C 3 6  ? 3.764   -18.619 11.293  1.00 59.40  ? 6   DG  C "C5'"  1 
ATOM   989  C  "C4'"  . DG  C 3 6  ? 5.104   -18.434 10.621  1.00 63.86  ? 6   DG  C "C4'"  1 
ATOM   990  O  "O4'"  . DG  C 3 6  ? 5.049   -19.050 9.310   1.00 64.37  ? 6   DG  C "O4'"  1 
ATOM   991  C  "C3'"  . DG  C 3 6  ? 5.502   -16.984 10.386  1.00 57.35  ? 6   DG  C "C3'"  1 
ATOM   992  O  "O3'"  . DG  C 3 6  ? 6.914   -16.817 10.478  1.00 67.24  ? 6   DG  C "O3'"  1 
ATOM   993  C  "C2'"  . DG  C 3 6  ? 4.970   -16.688 8.989   1.00 44.50  ? 6   DG  C "C2'"  1 
ATOM   994  C  "C1'"  . DG  C 3 6  ? 4.867   -18.065 8.312   1.00 52.08  ? 6   DG  C "C1'"  1 
ATOM   995  N  N9     . DG  C 3 6  ? 3.575   -18.259 7.659   1.00 47.45  ? 6   DG  C N9     1 
ATOM   996  C  C8     . DG  C 3 6  ? 2.338   -18.244 8.260   1.00 52.55  ? 6   DG  C C8     1 
ATOM   997  N  N7     . DG  C 3 6  ? 1.350   -18.398 7.423   1.00 44.72  ? 6   DG  C N7     1 
ATOM   998  C  C5     . DG  C 3 6  ? 1.966   -18.506 6.184   1.00 41.88  ? 6   DG  C C5     1 
ATOM   999  C  C6     . DG  C 3 6  ? 1.399   -18.685 4.900   1.00 54.17  ? 6   DG  C C6     1 
ATOM   1000 O  O6     . DG  C 3 6  ? 0.199   -18.790 4.600   1.00 60.79  ? 6   DG  C O6     1 
ATOM   1001 N  N1     . DG  C 3 6  ? 2.381   -18.743 3.906   1.00 47.91  ? 6   DG  C N1     1 
ATOM   1002 C  C2     . DG  C 3 6  ? 3.736   -18.639 4.132   1.00 46.55  ? 6   DG  C C2     1 
ATOM   1003 N  N2     . DG  C 3 6  ? 4.526   -18.716 3.051   1.00 33.14  ? 6   DG  C N2     1 
ATOM   1004 N  N3     . DG  C 3 6  ? 4.278   -18.468 5.335   1.00 42.49  ? 6   DG  C N3     1 
ATOM   1005 C  C4     . DG  C 3 6  ? 3.336   -18.411 6.310   1.00 42.02  ? 6   DG  C C4     1 
ATOM   1006 H  "H5'"  . DG  C 3 6  ? 3.165   -17.912 11.006  1.00 71.28  ? 6   DG  C "H5'"  1 
ATOM   1007 H  "H5''" . DG  C 3 6  ? 3.393   -19.474 11.027  1.00 71.28  ? 6   DG  C "H5''" 1 
ATOM   1008 H  "H4'"  . DG  C 3 6  ? 5.789   -18.871 11.150  1.00 76.63  ? 6   DG  C "H4'"  1 
ATOM   1009 H  "H3'"  . DG  C 3 6  ? 5.060   -16.414 11.034  1.00 68.82  ? 6   DG  C "H3'"  1 
ATOM   1010 H  "H2'"  . DG  C 3 6  ? 4.094   -16.272 9.043   1.00 53.40  ? 6   DG  C "H2'"  1 
ATOM   1011 H  "H2''" . DG  C 3 6  ? 5.587   -16.118 8.506   1.00 53.40  ? 6   DG  C "H2''" 1 
ATOM   1012 H  "H1'"  . DG  C 3 6  ? 5.572   -18.147 7.651   1.00 62.49  ? 6   DG  C "H1'"  1 
ATOM   1013 H  H8     . DG  C 3 6  ? 2.218   -18.144 9.176   1.00 63.06  ? 6   DG  C H8     1 
ATOM   1014 H  H1     . DG  C 3 6  ? 2.119   -18.851 3.094   1.00 57.49  ? 6   DG  C H1     1 
ATOM   1015 H  H21    . DG  C 3 6  ? 5.379   -18.658 3.137   1.00 39.76  ? 6   DG  C H21    1 
ATOM   1016 H  H22    . DG  C 3 6  ? 4.179   -18.824 2.271   1.00 39.76  ? 6   DG  C H22    1 
ATOM   1017 P  P      . DT  C 3 7  ? 7.576   -15.367 10.271  1.00 59.63  ? 7   DT  C P      1 
ATOM   1018 O  OP1    . DT  C 3 7  ? 8.939   -15.412 10.844  1.00 60.84  ? 7   DT  C OP1    1 
ATOM   1019 O  OP2    . DT  C 3 7  ? 6.613   -14.344 10.741  1.00 71.83  ? 7   DT  C OP2    1 
ATOM   1020 O  "O5'"  . DT  C 3 7  ? 7.705   -15.238 8.683   1.00 53.81  ? 7   DT  C "O5'"  1 
ATOM   1021 C  "C5'"  . DT  C 3 7  ? 8.484   -16.181 7.969   1.00 40.03  ? 7   DT  C "C5'"  1 
ATOM   1022 C  "C4'"  . DT  C 3 7  ? 8.374   -15.968 6.472   1.00 50.03  ? 7   DT  C "C4'"  1 
ATOM   1023 O  "O4'"  . DT  C 3 7  ? 7.010   -16.147 6.040   1.00 60.82  ? 7   DT  C "O4'"  1 
ATOM   1024 C  "C3'"  . DT  C 3 7  ? 8.779   -14.580 5.981   1.00 44.40  ? 7   DT  C "C3'"  1 
ATOM   1025 O  "O3'"  . DT  C 3 7  ? 10.066  -14.661 5.377   1.00 47.41  ? 7   DT  C "O3'"  1 
ATOM   1026 C  "C2'"  . DT  C 3 7  ? 7.666   -14.178 4.987   1.00 31.06  ? 7   DT  C "C2'"  1 
ATOM   1027 C  "C1'"  . DT  C 3 7  ? 6.852   -15.460 4.824   1.00 47.55  ? 7   DT  C "C1'"  1 
ATOM   1028 N  N1     . DT  C 3 7  ? 5.383   -15.267 4.566   1.00 35.56  ? 7   DT  C N1     1 
ATOM   1029 C  C2     . DT  C 3 7  ? 4.915   -15.254 3.264   1.00 43.89  ? 7   DT  C C2     1 
ATOM   1030 O  O2     . DT  C 3 7  ? 5.639   -15.360 2.287   1.00 44.25  ? 7   DT  C O2     1 
ATOM   1031 N  N3     . DT  C 3 7  ? 3.558   -15.092 3.148   1.00 47.20  ? 7   DT  C N3     1 
ATOM   1032 C  C4     . DT  C 3 7  ? 2.644   -14.960 4.176   1.00 46.15  ? 7   DT  C C4     1 
ATOM   1033 O  O4     . DT  C 3 7  ? 1.444   -14.821 3.969   1.00 56.10  ? 7   DT  C O4     1 
ATOM   1034 C  C5     . DT  C 3 7  ? 3.196   -15.000 5.508   1.00 32.53  ? 7   DT  C C5     1 
ATOM   1035 C  C7     . DT  C 3 7  ? 2.299   -14.863 6.699   1.00 32.36  ? 7   DT  C C7     1 
ATOM   1036 C  C6     . DT  C 3 7  ? 4.522   -15.154 5.637   1.00 30.85  ? 7   DT  C C6     1 
ATOM   1037 H  "H5'"  . DT  C 3 7  ? 8.178   -17.076 8.187   1.00 48.04  ? 7   DT  C "H5'"  1 
ATOM   1038 H  "H5''" . DT  C 3 7  ? 9.413   -16.092 8.236   1.00 48.04  ? 7   DT  C "H5''" 1 
ATOM   1039 H  "H4'"  . DT  C 3 7  ? 8.928   -16.627 6.025   1.00 60.04  ? 7   DT  C "H4'"  1 
ATOM   1040 H  "H3'"  . DT  C 3 7  ? 8.800   -13.959 6.726   1.00 53.28  ? 7   DT  C "H3'"  1 
ATOM   1041 H  "H2'"  . DT  C 3 7  ? 7.116   -13.470 5.358   1.00 37.27  ? 7   DT  C "H2'"  1 
ATOM   1042 H  "H2''" . DT  C 3 7  ? 8.048   -13.906 4.138   1.00 37.27  ? 7   DT  C "H2''" 1 
ATOM   1043 H  "H1'"  . DT  C 3 7  ? 7.235   -15.990 4.107   1.00 57.06  ? 7   DT  C "H1'"  1 
ATOM   1044 H  H3     . DT  C 3 7  ? 3.241   -15.071 2.348   1.00 56.64  ? 7   DT  C H3     1 
ATOM   1045 H  H71    . DT  C 3 7  ? 2.382   -15.651 7.259   1.00 38.83  ? 7   DT  C H71    1 
ATOM   1046 H  H72    . DT  C 3 7  ? 2.552   -14.076 7.207   1.00 38.83  ? 7   DT  C H72    1 
ATOM   1047 H  H73    . DT  C 3 7  ? 1.379   -14.774 6.402   1.00 38.83  ? 7   DT  C H73    1 
ATOM   1048 H  H6     . DT  C 3 7  ? 4.880   -15.179 6.495   1.00 37.02  ? 7   DT  C H6     1 
ATOM   1049 P  P      . DG  C 3 8  ? 10.861  -13.346 4.921   1.00 58.00  ? 8   DG  C P      1 
ATOM   1050 O  OP1    . DG  C 3 8  ? 12.305  -13.667 4.988   1.00 57.66  ? 8   DG  C OP1    1 
ATOM   1051 O  OP2    . DG  C 3 8  ? 10.343  -12.196 5.704   1.00 46.91  ? 8   DG  C OP2    1 
ATOM   1052 O  "O5'"  . DG  C 3 8  ? 10.482  -13.206 3.376   1.00 30.85  ? 8   DG  C "O5'"  1 
ATOM   1053 C  "C5'"  . DG  C 3 8  ? 10.034  -11.976 2.859   1.00 48.51  ? 8   DG  C "C5'"  1 
ATOM   1054 C  "C4'"  . DG  C 3 8  ? 9.178   -12.196 1.636   1.00 48.63  ? 8   DG  C "C4'"  1 
ATOM   1055 O  "O4'"  . DG  C 3 8  ? 7.845   -12.558 2.055   1.00 52.39  ? 8   DG  C "O4'"  1 
ATOM   1056 C  "C3'"  . DG  C 3 8  ? 9.016   -10.974 0.740   1.00 41.51  ? 8   DG  C "C3'"  1 
ATOM   1057 O  "O3'"  . DG  C 3 8  ? 9.752   -11.127 -0.461  1.00 41.32  ? 8   DG  C "O3'"  1 
ATOM   1058 C  "C2'"  . DG  C 3 8  ? 7.511   -10.881 0.478   1.00 46.53  ? 8   DG  C "C2'"  1 
ATOM   1059 C  "C1'"  . DG  C 3 8  ? 6.941   -12.158 1.066   1.00 43.11  ? 8   DG  C "C1'"  1 
ATOM   1060 N  N9     . DG  C 3 8  ? 5.622   -11.996 1.675   1.00 36.55  ? 8   DG  C N9     1 
ATOM   1061 C  C8     . DG  C 3 8  ? 5.351   -11.608 2.970   1.00 34.59  ? 8   DG  C C8     1 
ATOM   1062 N  N7     . DG  C 3 8  ? 4.078   -11.553 3.235   1.00 35.70  ? 8   DG  C N7     1 
ATOM   1063 C  C5     . DG  C 3 8  ? 3.462   -11.934 2.046   1.00 47.81  ? 8   DG  C C5     1 
ATOM   1064 C  C6     . DG  C 3 8  ? 2.090   -12.053 1.737   1.00 53.79  ? 8   DG  C C6     1 
ATOM   1065 O  O6     . DG  C 3 8  ? 1.124   -11.840 2.478   1.00 57.13  ? 8   DG  C O6     1 
ATOM   1066 N  N1     . DG  C 3 8  ? 1.882   -12.459 0.424   1.00 44.07  ? 8   DG  C N1     1 
ATOM   1067 C  C2     . DG  C 3 8  ? 2.879   -12.722 -0.485  1.00 47.20  ? 8   DG  C C2     1 
ATOM   1068 N  N2     . DG  C 3 8  ? 2.475   -13.099 -1.711  1.00 50.91  ? 8   DG  C N2     1 
ATOM   1069 N  N3     . DG  C 3 8  ? 4.182   -12.608 -0.211  1.00 42.30  ? 8   DG  C N3     1 
ATOM   1070 C  C4     . DG  C 3 8  ? 4.395   -12.207 1.073   1.00 40.70  ? 8   DG  C C4     1 
ATOM   1071 H  "H5'"  . DG  C 3 8  ? 10.799  -11.431 2.619   1.00 58.21  ? 8   DG  C "H5'"  1 
ATOM   1072 H  "H5''" . DG  C 3 8  ? 9.512   -11.516 3.535   1.00 58.21  ? 8   DG  C "H5''" 1 
ATOM   1073 H  "H4'"  . DG  C 3 8  ? 9.553   -12.923 1.114   1.00 58.36  ? 8   DG  C "H4'"  1 
ATOM   1074 H  "H3'"  . DG  C 3 8  ? 9.316   -10.181 1.211   1.00 49.81  ? 8   DG  C "H3'"  1 
ATOM   1075 H  "HO3'" . DG  C 3 8  ? 9.356   -11.110 -1.201  1.00 49.59  ? 8   DG  C "HO3'" 1 
ATOM   1076 H  "H2'"  . DG  C 3 8  ? 7.138   -10.106 0.926   1.00 55.83  ? 8   DG  C "H2'"  1 
ATOM   1077 H  "H2''" . DG  C 3 8  ? 7.336   -10.840 -0.475  1.00 55.83  ? 8   DG  C "H2''" 1 
ATOM   1078 H  "H1'"  . DG  C 3 8  ? 6.896   -12.839 0.377   1.00 51.73  ? 8   DG  C "H1'"  1 
ATOM   1079 H  H8     . DG  C 3 8  ? 6.011   -11.403 3.592   1.00 41.51  ? 8   DG  C H8     1 
ATOM   1080 H  H1     . DG  C 3 8  ? 1.069   -12.556 0.162   1.00 52.89  ? 8   DG  C H1     1 
ATOM   1081 H  H21    . DG  C 3 8  ? 3.056   -13.263 -2.324  1.00 61.09  ? 8   DG  C H21    1 
ATOM   1082 H  H22    . DG  C 3 8  ? 1.635   -13.175 -1.883  1.00 61.09  ? 8   DG  C H22    1 
ATOM   1083 P  P      . DG  D 4 1  ? -9.553  13.395  2.217   1.00 76.41  ? 10  DG  D P      1 
ATOM   1084 O  OP1    . DG  D 4 1  ? -10.068 14.778  2.222   1.00 90.59  ? 10  DG  D OP1    1 
ATOM   1085 O  OP2    . DG  D 4 1  ? -10.030 12.448  1.188   1.00 59.14  ? 10  DG  D OP2    1 
ATOM   1086 O  "O5'"  . DG  D 4 1  ? -9.841  12.747  3.648   1.00 65.95  ? 10  DG  D "O5'"  1 
ATOM   1087 C  "C5'"  . DG  D 4 1  ? -9.587  11.373  3.858   1.00 59.29  ? 10  DG  D "C5'"  1 
ATOM   1088 C  "C4'"  . DG  D 4 1  ? -8.395  11.168  4.782   1.00 57.89  ? 10  DG  D "C4'"  1 
ATOM   1089 O  "O4'"  . DG  D 4 1  ? -7.663  9.981   4.371   1.00 63.61  ? 10  DG  D "O4'"  1 
ATOM   1090 C  "C3'"  . DG  D 4 1  ? -7.378  12.294  4.775   1.00 63.20  ? 10  DG  D "C3'"  1 
ATOM   1091 O  "O3'"  . DG  D 4 1  ? -7.681  13.235  5.781   1.00 54.14  ? 10  DG  D "O3'"  1 
ATOM   1092 C  "C2'"  . DG  D 4 1  ? -6.060  11.577  5.033   1.00 55.17  ? 10  DG  D "C2'"  1 
ATOM   1093 C  "C1'"  . DG  D 4 1  ? -6.269  10.233  4.362   1.00 51.02  ? 10  DG  D "C1'"  1 
ATOM   1094 N  N9     . DG  D 4 1  ? -5.806  10.184  2.983   1.00 42.32  ? 10  DG  D N9     1 
ATOM   1095 C  C8     . DG  D 4 1  ? -6.587  10.112  1.857   1.00 44.15  ? 10  DG  D C8     1 
ATOM   1096 N  N7     . DG  D 4 1  ? -5.903  10.078  0.750   1.00 46.88  ? 10  DG  D N7     1 
ATOM   1097 C  C5     . DG  D 4 1  ? -4.581  10.130  1.166   1.00 48.33  ? 10  DG  D C5     1 
ATOM   1098 C  C6     . DG  D 4 1  ? -3.392  10.123  0.405   1.00 44.24  ? 10  DG  D C6     1 
ATOM   1099 O  O6     . DG  D 4 1  ? -3.276  10.072  -0.826  1.00 41.68  ? 10  DG  D O6     1 
ATOM   1100 N  N1     . DG  D 4 1  ? -2.258  10.189  1.213   1.00 52.84  ? 10  DG  D N1     1 
ATOM   1101 C  C2     . DG  D 4 1  ? -2.277  10.252  2.592   1.00 66.78  ? 10  DG  D C2     1 
ATOM   1102 N  N2     . DG  D 4 1  ? -1.082  10.307  3.209   1.00 70.85  ? 10  DG  D N2     1 
ATOM   1103 N  N3     . DG  D 4 1  ? -3.392  10.258  3.318   1.00 54.27  ? 10  DG  D N3     1 
ATOM   1104 C  C4     . DG  D 4 1  ? -4.502  10.198  2.538   1.00 50.22  ? 10  DG  D C4     1 
ATOM   1105 H  "H5'"  . DG  D 4 1  ? -9.404  10.949  3.003   1.00 71.15  ? 10  DG  D "H5'"  1 
ATOM   1106 H  "H5''" . DG  D 4 1  ? -10.370 10.961  4.254   1.00 71.15  ? 10  DG  D "H5''" 1 
ATOM   1107 H  "H4'"  . DG  D 4 1  ? -8.718  11.041  5.687   1.00 69.47  ? 10  DG  D "H4'"  1 
ATOM   1108 H  "H3'"  . DG  D 4 1  ? -7.360  12.725  3.906   1.00 75.84  ? 10  DG  D "H3'"  1 
ATOM   1109 H  "H2'"  . DG  D 4 1  ? -5.323  12.055  4.622   1.00 66.21  ? 10  DG  D "H2'"  1 
ATOM   1110 H  "H2''" . DG  D 4 1  ? -5.911  11.465  5.985   1.00 66.21  ? 10  DG  D "H2''" 1 
ATOM   1111 H  "H1'"  . DG  D 4 1  ? -5.817  9.545   4.875   1.00 61.22  ? 10  DG  D "H1'"  1 
ATOM   1112 H  H8     . DG  D 4 1  ? -7.518  10.091  1.883   1.00 52.98  ? 10  DG  D H8     1 
ATOM   1113 H  H1     . DG  D 4 1  ? -1.490  10.190  0.825   1.00 63.41  ? 10  DG  D H1     1 
ATOM   1114 H  H21    . DG  D 4 1  ? -1.044  10.357  4.068   1.00 85.02  ? 10  DG  D H21    1 
ATOM   1115 H  H22    . DG  D 4 1  ? -0.358  10.290  2.747   1.00 85.02  ? 10  DG  D H22    1 
ATOM   1116 P  P      . DG  D 4 2  ? -7.272  14.769  5.574   1.00 66.73  ? 11  DG  D P      1 
ATOM   1117 O  OP1    . DG  D 4 2  ? -7.395  15.447  6.886   1.00 57.03  ? 11  DG  D OP1    1 
ATOM   1118 O  OP2    . DG  D 4 2  ? -8.011  15.261  4.389   1.00 59.94  ? 11  DG  D OP2    1 
ATOM   1119 O  "O5'"  . DG  D 4 2  ? -5.730  14.691  5.176   1.00 52.14  ? 11  DG  D "O5'"  1 
ATOM   1120 C  "C5'"  . DG  D 4 2  ? -4.776  14.323  6.147   1.00 46.53  ? 11  DG  D "C5'"  1 
ATOM   1121 C  "C4'"  . DG  D 4 2  ? -3.391  14.289  5.544   1.00 50.26  ? 11  DG  D "C4'"  1 
ATOM   1122 O  "O4'"  . DG  D 4 2  ? -3.387  13.459  4.371   1.00 47.89  ? 11  DG  D "O4'"  1 
ATOM   1123 C  "C3'"  . DG  D 4 2  ? -2.887  15.629  5.059   1.00 72.21  ? 11  DG  D "C3'"  1 
ATOM   1124 O  "O3'"  . DG  D 4 2  ? -2.257  16.324  6.119   1.00 72.31  ? 11  DG  D "O3'"  1 
ATOM   1125 C  "C2'"  . DG  D 4 2  ? -1.918  15.266  3.924   1.00 76.46  ? 11  DG  D "C2'"  1 
ATOM   1126 C  "C1'"  . DG  D 4 2  ? -2.284  13.821  3.564   1.00 53.72  ? 11  DG  D "C1'"  1 
ATOM   1127 N  N9     . DG  D 4 2  ? -2.653  13.618  2.166   1.00 56.49  ? 11  DG  D N9     1 
ATOM   1128 C  C8     . DG  D 4 2  ? -3.925  13.537  1.649   1.00 58.69  ? 11  DG  D C8     1 
ATOM   1129 N  N7     . DG  D 4 2  ? -3.953  13.331  0.362   1.00 43.44  ? 11  DG  D N7     1 
ATOM   1130 C  C5     . DG  D 4 2  ? -2.614  13.261  -0.001  1.00 53.26  ? 11  DG  D C5     1 
ATOM   1131 C  C6     . DG  D 4 2  ? -2.026  13.050  -1.271  1.00 62.77  ? 11  DG  D C6     1 
ATOM   1132 O  O6     . DG  D 4 2  ? -2.600  12.879  -2.359  1.00 53.61  ? 11  DG  D O6     1 
ATOM   1133 N  N1     . DG  D 4 2  ? -0.632  13.050  -1.201  1.00 65.14  ? 11  DG  D N1     1 
ATOM   1134 C  C2     . DG  D 4 2  ? 0.098   13.224  -0.041  1.00 69.56  ? 11  DG  D C2     1 
ATOM   1135 N  N2     . DG  D 4 2  ? 1.432   13.194  -0.165  1.00 73.20  ? 11  DG  D N2     1 
ATOM   1136 N  N3     . DG  D 4 2  ? -0.446  13.427  1.157   1.00 54.42  ? 11  DG  D N3     1 
ATOM   1137 C  C4     . DG  D 4 2  ? -1.801  13.431  1.100   1.00 55.69  ? 11  DG  D C4     1 
ATOM   1138 H  "H5'"  . DG  D 4 2  ? -4.995  13.446  6.495   1.00 55.83  ? 11  DG  D "H5'"  1 
ATOM   1139 H  "H5''" . DG  D 4 2  ? -4.793  14.969  6.872   1.00 55.83  ? 11  DG  D "H5''" 1 
ATOM   1140 H  "H4'"  . DG  D 4 2  ? -2.767  13.928  6.194   1.00 60.31  ? 11  DG  D "H4'"  1 
ATOM   1141 H  "H3'"  . DG  D 4 2  ? -3.625  16.152  4.709   1.00 86.66  ? 11  DG  D "H3'"  1 
ATOM   1142 H  "H2'"  . DG  D 4 2  ? -2.054  15.851  3.162   1.00 91.75  ? 11  DG  D "H2'"  1 
ATOM   1143 H  "H2''" . DG  D 4 2  ? -1.000  15.317  4.233   1.00 91.75  ? 11  DG  D "H2''" 1 
ATOM   1144 H  "H1'"  . DG  D 4 2  ? -1.534  13.243  3.779   1.00 64.46  ? 11  DG  D "H1'"  1 
ATOM   1145 H  H8     . DG  D 4 2  ? -4.692  13.629  2.167   1.00 70.42  ? 11  DG  D H8     1 
ATOM   1146 H  H1     . DG  D 4 2  ? -0.196  12.924  -1.932  1.00 78.16  ? 11  DG  D H1     1 
ATOM   1147 H  H21    . DG  D 4 2  ? 1.931   13.296  0.527   1.00 87.84  ? 11  DG  D H21    1 
ATOM   1148 H  H22    . DG  D 4 2  ? 1.789   13.074  -0.939  1.00 87.84  ? 11  DG  D H22    1 
ATOM   1149 P  P      . DT  D 4 3  ? -1.553  17.740  5.852   1.00 104.86 ? 12  DT  D P      1 
ATOM   1150 O  OP1    . DT  D 4 3  ? -1.369  18.396  7.169   1.00 85.77  ? 12  DT  D OP1    1 
ATOM   1151 O  OP2    . DT  D 4 3  ? -2.300  18.428  4.773   1.00 86.63  ? 12  DT  D OP2    1 
ATOM   1152 O  "O5'"  . DT  D 4 3  ? -0.128  17.344  5.251   1.00 72.81  ? 12  DT  D "O5'"  1 
ATOM   1153 C  "C5'"  . DT  D 4 3  ? 0.946   18.248  5.349   1.00 73.73  ? 12  DT  D "C5'"  1 
ATOM   1154 C  "C4'"  . DT  D 4 3  ? 2.042   17.890  4.367   1.00 65.60  ? 12  DT  D "C4'"  1 
ATOM   1155 O  "O4'"  . DT  D 4 3  ? 1.484   17.078  3.289   1.00 49.31  ? 12  DT  D "O4'"  1 
ATOM   1156 C  "C3'"  . DT  D 4 3  ? 2.705   19.098  3.686   1.00 86.89  ? 12  DT  D "C3'"  1 
ATOM   1157 O  "O3'"  . DT  D 4 3  ? 4.135   18.988  3.705   1.00 97.06  ? 12  DT  D "O3'"  1 
ATOM   1158 C  "C2'"  . DT  D 4 3  ? 2.139   19.035  2.277   1.00 80.62  ? 12  DT  D "C2'"  1 
ATOM   1159 C  "C1'"  . DT  D 4 3  ? 2.016   17.541  2.076   1.00 61.24  ? 12  DT  D "C1'"  1 
ATOM   1160 N  N1     . DT  D 4 3  ? 1.142   17.147  0.932   1.00 61.03  ? 12  DT  D N1     1 
ATOM   1161 C  C2     . DT  D 4 3  ? 1.736   16.785  -0.253  1.00 75.25  ? 12  DT  D C2     1 
ATOM   1162 O  O2     . DT  D 4 3  ? 2.943   16.755  -0.409  1.00 81.01  ? 12  DT  D O2     1 
ATOM   1163 N  N3     . DT  D 4 3  ? 0.868   16.457  -1.257  1.00 78.25  ? 12  DT  D N3     1 
ATOM   1164 C  C4     . DT  D 4 3  ? -0.511  16.454  -1.199  1.00 68.62  ? 12  DT  D C4     1 
ATOM   1165 O  O4     . DT  D 4 3  ? -1.208  16.141  -2.159  1.00 74.30  ? 12  DT  D O4     1 
ATOM   1166 C  C5     . DT  D 4 3  ? -1.077  16.848  0.067   1.00 64.08  ? 12  DT  D C5     1 
ATOM   1167 C  C7     . DT  D 4 3  ? -2.566  16.883  0.237   1.00 65.49  ? 12  DT  D C7     1 
ATOM   1168 C  C6     . DT  D 4 3  ? -0.235  17.177  1.065   1.00 63.14  ? 12  DT  D C6     1 
ATOM   1169 H  "H5'"  . DT  D 4 3  ? 1.304   18.221  6.250   1.00 88.48  ? 12  DT  D "H5'"  1 
ATOM   1170 H  "H5''" . DT  D 4 3  ? 0.628   19.144  5.159   1.00 88.48  ? 12  DT  D "H5''" 1 
ATOM   1171 H  "H4'"  . DT  D 4 3  ? 2.723   17.377  4.830   1.00 78.72  ? 12  DT  D "H4'"  1 
ATOM   1172 H  "H3'"  . DT  D 4 3  ? 2.427   19.919  4.120   1.00 104.27 ? 12  DT  D "H3'"  1 
ATOM   1173 H  "H2'"  . DT  D 4 3  ? 1.270   19.464  2.231   1.00 96.75  ? 12  DT  D "H2'"  1 
ATOM   1174 H  "H2''" . DT  D 4 3  ? 2.756   19.422  1.636   1.00 96.75  ? 12  DT  D "H2''" 1 
ATOM   1175 H  "H1'"  . DT  D 4 3  ? 2.899   17.161  1.950   1.00 73.48  ? 12  DT  D "H1'"  1 
ATOM   1176 H  H3     . DT  D 4 3  ? 1.220   16.221  -2.005  1.00 93.90  ? 12  DT  D H3     1 
ATOM   1177 H  H71    . DT  D 4 3  ? -2.826  16.269  0.942   1.00 78.59  ? 12  DT  D H71    1 
ATOM   1178 H  H72    . DT  D 4 3  ? -2.844  17.782  0.473   1.00 78.59  ? 12  DT  D H72    1 
ATOM   1179 H  H73    . DT  D 4 3  ? -2.993  16.620  -0.593  1.00 78.59  ? 12  DT  D H73    1 
ATOM   1180 H  H6     . DT  D 4 3  ? -0.595  17.434  1.883   1.00 75.76  ? 12  DT  D H6     1 
ATOM   1181 P  P      . DC  D 4 4  ? 5.054   20.278  3.417   1.00 103.15 ? 13  DC  D P      1 
ATOM   1182 O  OP1    . DC  D 4 4  ? 6.006   20.414  4.544   1.00 81.99  ? 13  DC  D OP1    1 
ATOM   1183 O  OP2    . DC  D 4 4  ? 4.147   21.398  3.080   1.00 102.91 ? 13  DC  D OP2    1 
ATOM   1184 O  "O5'"  . DC  D 4 4  ? 5.857   19.899  2.082   1.00 76.76  ? 13  DC  D "O5'"  1 
ATOM   1185 C  "C5'"  . DC  D 4 4  ? 5.148   19.711  0.869   1.00 77.43  ? 13  DC  D "C5'"  1 
ATOM   1186 C  "C4'"  . DC  D 4 4  ? 6.083   19.638  -0.322  1.00 100.63 ? 13  DC  D "C4'"  1 
ATOM   1187 O  "O4'"  . DC  D 4 4  ? 5.468   18.838  -1.362  1.00 101.47 ? 13  DC  D "O4'"  1 
ATOM   1188 C  "C3'"  . DC  D 4 4  ? 6.416   20.984  -0.953  1.00 116.43 ? 13  DC  D "C3'"  1 
ATOM   1189 O  "O3'"  . DC  D 4 4  ? 7.797   21.065  -1.289  1.00 133.16 ? 13  DC  D "O3'"  1 
ATOM   1190 C  "C2'"  . DC  D 4 4  ? 5.516   21.071  -2.188  1.00 113.65 ? 13  DC  D "C2'"  1 
ATOM   1191 C  "C1'"  . DC  D 4 4  ? 5.007   19.649  -2.424  1.00 100.28 ? 13  DC  D "C1'"  1 
ATOM   1192 N  N1     . DC  D 4 4  ? 3.513   19.571  -2.476  1.00 93.52  ? 13  DC  D N1     1 
ATOM   1193 C  C2     . DC  D 4 4  ? 2.863   19.203  -3.670  1.00 85.81  ? 13  DC  D C2     1 
ATOM   1194 O  O2     . DC  D 4 4  ? 3.538   18.924  -4.672  1.00 76.86  ? 13  DC  D O2     1 
ATOM   1195 N  N3     . DC  D 4 4  ? 1.507   19.152  -3.680  1.00 84.97  ? 13  DC  D N3     1 
ATOM   1196 C  C4     . DC  D 4 4  ? 0.818   19.467  -2.582  1.00 89.46  ? 13  DC  D C4     1 
ATOM   1197 N  N4     . DC  D 4 4  ? -0.513  19.409  -2.632  1.00 94.83  ? 13  DC  D N4     1 
ATOM   1198 C  C5     . DC  D 4 4  ? 1.459   19.843  -1.367  1.00 77.73  ? 13  DC  D C5     1 
ATOM   1199 C  C6     . DC  D 4 4  ? 2.791   19.888  -1.365  1.00 80.29  ? 13  DC  D C6     1 
ATOM   1200 H  "H5'"  . DC  D 4 4  ? 4.534   20.452  0.743   1.00 92.92  ? 13  DC  D "H5'"  1 
ATOM   1201 H  "H5''" . DC  D 4 4  ? 4.640   18.887  0.924   1.00 92.92  ? 13  DC  D "H5''" 1 
ATOM   1202 H  "H4'"  . DC  D 4 4  ? 6.908   19.210  -0.045  1.00 120.75 ? 13  DC  D "H4'"  1 
ATOM   1203 H  "H3'"  . DC  D 4 4  ? 6.189   21.697  -0.336  1.00 139.71 ? 13  DC  D "H3'"  1 
ATOM   1204 H  "H2'"  . DC  D 4 4  ? 4.772   21.670  -2.018  1.00 136.38 ? 13  DC  D "H2'"  1 
ATOM   1205 H  "H2''" . DC  D 4 4  ? 6.027   21.376  -2.954  1.00 136.38 ? 13  DC  D "H2''" 1 
ATOM   1206 H  "H1'"  . DC  D 4 4  ? 5.371   19.316  -3.259  1.00 120.33 ? 13  DC  D "H1'"  1 
ATOM   1207 H  H41    . DC  D 4 4  ? -0.978  19.609  -1.937  1.00 113.80 ? 13  DC  D H41    1 
ATOM   1208 H  H42    . DC  D 4 4  ? -0.905  19.171  -3.359  1.00 113.80 ? 13  DC  D H42    1 
ATOM   1209 H  H5     . DC  D 4 4  ? 0.968   20.057  -0.606  1.00 93.27  ? 13  DC  D H5     1 
ATOM   1210 H  H6     . DC  D 4 4  ? 3.237   20.134  -0.587  1.00 96.34  ? 13  DC  D H6     1 
ATOM   1211 P  P      . DT  D 4 5  ? 8.425   22.465  -1.772  1.00 150.13 ? 14  DT  D P      1 
ATOM   1212 O  OP1    . DT  D 4 5  ? 9.898   22.350  -1.685  1.00 145.95 ? 14  DT  D OP1    1 
ATOM   1213 O  OP2    . DT  D 4 5  ? 7.733   23.543  -1.029  1.00 140.78 ? 14  DT  D OP2    1 
ATOM   1214 O  "O5'"  . DT  D 4 5  ? 7.991   22.571  -3.312  1.00 130.90 ? 14  DT  D "O5'"  1 
ATOM   1215 C  "C5'"  . DT  D 4 5  ? 8.306   21.511  -4.220  1.00 127.66 ? 14  DT  D "C5'"  1 
ATOM   1216 C  "C4'"  . DT  D 4 5  ? 7.601   21.697  -5.556  1.00 126.01 ? 14  DT  D "C4'"  1 
ATOM   1217 O  "O4'"  . DT  D 4 5  ? 6.193   21.396  -5.415  1.00 116.92 ? 14  DT  D "O4'"  1 
ATOM   1218 C  "C3'"  . DT  D 4 5  ? 7.676   23.113  -6.127  1.00 134.27 ? 14  DT  D "C3'"  1 
ATOM   1219 O  "O3'"  . DT  D 4 5  ? 8.529   23.131  -7.265  1.00 141.25 ? 14  DT  D "O3'"  1 
ATOM   1220 C  "C2'"  . DT  D 4 5  ? 6.222   23.483  -6.474  1.00 126.37 ? 14  DT  D "C2'"  1 
ATOM   1221 C  "C1'"  . DT  D 4 5  ? 5.457   22.172  -6.332  1.00 114.42 ? 14  DT  D "C1'"  1 
ATOM   1222 N  N1     . DT  D 4 5  ? 4.052   22.319  -5.801  1.00 104.37 ? 14  DT  D N1     1 
ATOM   1223 C  C2     . DT  D 4 5  ? 2.969   22.058  -6.628  1.00 97.87  ? 14  DT  D C2     1 
ATOM   1224 O  O2     . DT  D 4 5  ? 3.082   21.734  -7.800  1.00 94.16  ? 14  DT  D O2     1 
ATOM   1225 N  N3     . DT  D 4 5  ? 1.742   22.215  -6.022  1.00 91.85  ? 14  DT  D N3     1 
ATOM   1226 C  C4     . DT  D 4 5  ? 1.504   22.577  -4.703  1.00 93.68  ? 14  DT  D C4     1 
ATOM   1227 O  O4     . DT  D 4 5  ? 0.375   22.697  -4.245  1.00 95.11  ? 14  DT  D O4     1 
ATOM   1228 C  C5     . DT  D 4 5  ? 2.676   22.825  -3.903  1.00 91.13  ? 14  DT  D C5     1 
ATOM   1229 C  C7     . DT  D 4 5  ? 2.532   23.237  -2.464  1.00 88.33  ? 14  DT  D C7     1 
ATOM   1230 C  C6     . DT  D 4 5  ? 3.877   22.683  -4.480  1.00 94.88  ? 14  DT  D C6     1 
ATOM   1231 H  "H5'"  . DT  D 4 5  ? 8.029   20.667  -3.830  1.00 153.19 ? 14  DT  D "H5'"  1 
ATOM   1232 H  "H5''" . DT  D 4 5  ? 9.265   21.493  -4.367  1.00 153.19 ? 14  DT  D "H5''" 1 
ATOM   1233 H  "H4'"  . DT  D 4 5  ? 7.987   21.083  -6.199  1.00 151.21 ? 14  DT  D "H4'"  1 
ATOM   1234 H  "H3'"  . DT  D 4 5  ? 8.017   23.720  -5.452  1.00 161.13 ? 14  DT  D "H3'"  1 
ATOM   1235 H  "H2'"  . DT  D 4 5  ? 5.883   24.145  -5.850  1.00 151.64 ? 14  DT  D "H2'"  1 
ATOM   1236 H  "H2''" . DT  D 4 5  ? 6.164   23.814  -7.384  1.00 151.64 ? 14  DT  D "H2''" 1 
ATOM   1237 H  "H1'"  . DT  D 4 5  ? 5.432   21.720  -7.189  1.00 137.30 ? 14  DT  D "H1'"  1 
ATOM   1238 H  H3     . DT  D 4 5  ? 1.050   22.064  -6.509  1.00 110.21 ? 14  DT  D H3     1 
ATOM   1239 H  H71    . DT  D 4 5  ? 1.592   23.344  -2.251  1.00 105.99 ? 14  DT  D H71    1 
ATOM   1240 H  H72    . DT  D 4 5  ? 2.918   22.555  -1.892  1.00 105.99 ? 14  DT  D H72    1 
ATOM   1241 H  H73    . DT  D 4 5  ? 2.993   24.079  -2.321  1.00 105.99 ? 14  DT  D H73    1 
ATOM   1242 H  H6     . DT  D 4 5  ? 4.633   22.841  -3.964  1.00 113.86 ? 14  DT  D H6     1 
ATOM   1243 P  P      . DG  D 4 6  ? 9.085   24.521  -7.846  1.00 155.95 ? 15  DG  D P      1 
ATOM   1244 O  OP1    . DG  D 4 6  ? 10.265  24.220  -8.686  1.00 161.77 ? 15  DG  D OP1    1 
ATOM   1245 O  OP2    . DG  D 4 6  ? 9.211   25.472  -6.720  1.00 138.45 ? 15  DG  D OP2    1 
ATOM   1246 O  "O5'"  . DG  D 4 6  ? 7.919   25.012  -8.819  1.00 137.74 ? 15  DG  D "O5'"  1 
ATOM   1247 C  "C5'"  . DG  D 4 6  ? 7.421   24.138  -9.823  1.00 126.53 ? 15  DG  D "C5'"  1 
ATOM   1248 C  "C4'"  . DG  D 4 6  ? 6.079   24.620  -10.337 1.00 119.60 ? 15  DG  D "C4'"  1 
ATOM   1249 O  "O4'"  . DG  D 4 6  ? 5.051   24.293  -9.376  1.00 114.60 ? 15  DG  D "O4'"  1 
ATOM   1250 C  "C3'"  . DG  D 4 6  ? 5.990   26.132  -10.545 1.00 116.65 ? 15  DG  D "C3'"  1 
ATOM   1251 O  "O3'"  . DG  D 4 6  ? 6.123   26.467  -11.941 1.00 120.15 ? 15  DG  D "O3'"  1 
ATOM   1252 C  "C2'"  . DG  D 4 6  ? 4.625   26.530  -9.955  1.00 109.32 ? 15  DG  D "C2'"  1 
ATOM   1253 C  "C1'"  . DG  D 4 6  ? 3.995   25.208  -9.514  1.00 109.61 ? 15  DG  D "C1'"  1 
ATOM   1254 N  N9     . DG  D 4 6  ? 3.273   25.302  -8.244  1.00 105.87 ? 15  DG  D N9     1 
ATOM   1255 C  C8     . DG  D 4 6  ? 3.804   25.593  -7.007  1.00 102.47 ? 15  DG  D C8     1 
ATOM   1256 N  N7     . DG  D 4 6  ? 2.915   25.622  -6.052  1.00 93.59  ? 15  DG  D N7     1 
ATOM   1257 C  C5     . DG  D 4 6  ? 1.716   25.337  -6.694  1.00 97.41  ? 15  DG  D C5     1 
ATOM   1258 C  C6     . DG  D 4 6  ? 0.405   25.232  -6.169  1.00 87.77  ? 15  DG  D C6     1 
ATOM   1259 O  O6     . DG  D 4 6  ? 0.036   25.372  -4.993  1.00 81.50  ? 15  DG  D O6     1 
ATOM   1260 N  N1     . DG  D 4 6  ? -0.526  24.926  -7.161  1.00 85.05  ? 15  DG  D N1     1 
ATOM   1261 C  C2     . DG  D 4 6  ? -0.227  24.748  -8.494  1.00 90.31  ? 15  DG  D C2     1 
ATOM   1262 N  N2     . DG  D 4 6  ? -1.257  24.462  -9.304  1.00 84.79  ? 15  DG  D N2     1 
ATOM   1263 N  N3     . DG  D 4 6  ? 0.999   24.845  -8.999  1.00 95.86  ? 15  DG  D N3     1 
ATOM   1264 C  C4     . DG  D 4 6  ? 1.917   25.141  -8.043  1.00 101.27 ? 15  DG  D C4     1 
ATOM   1265 H  "H5'"  . DG  D 4 6  ? 7.318   23.249  -9.450  1.00 151.84 ? 15  DG  D "H5'"  1 
ATOM   1266 H  "H5''" . DG  D 4 6  ? 8.051   24.106  -10.559 1.00 151.84 ? 15  DG  D "H5''" 1 
ATOM   1267 H  "H4'"  . DG  D 4 6  ? 5.883   24.173  -11.176 1.00 143.52 ? 15  DG  D "H4'"  1 
ATOM   1268 H  "H3'"  . DG  D 4 6  ? 6.695   26.567  -10.041 1.00 139.98 ? 15  DG  D "H3'"  1 
ATOM   1269 H  "H2'"  . DG  D 4 6  ? 4.746   27.119  -9.193  1.00 131.18 ? 15  DG  D "H2'"  1 
ATOM   1270 H  "H2''" . DG  D 4 6  ? 4.077   26.958  -10.631 1.00 131.18 ? 15  DG  D "H2''" 1 
ATOM   1271 H  "H1'"  . DG  D 4 6  ? 3.391   24.895  -10.205 1.00 131.53 ? 15  DG  D "H1'"  1 
ATOM   1272 H  H8     . DG  D 4 6  ? 4.710   25.751  -6.865  1.00 122.97 ? 15  DG  D H8     1 
ATOM   1273 H  H1     . DG  D 4 6  ? -1.348  24.845  -6.922  1.00 102.06 ? 15  DG  D H1     1 
ATOM   1274 H  H21    . DG  D 4 6  ? -1.122  24.337  -10.145 1.00 101.75 ? 15  DG  D H21    1 
ATOM   1275 H  H22    . DG  D 4 6  ? -2.052  24.402  -8.983  1.00 101.75 ? 15  DG  D H22    1 
ATOM   1276 P  P      . DC  D 4 7  ? 4.935   26.193  -12.991 1.00 130.09 ? 16  DC  D P      1 
ATOM   1277 O  OP1    . DC  D 4 7  ? 4.126   25.057  -12.498 1.00 126.75 ? 16  DC  D OP1    1 
ATOM   1278 O  OP2    . DC  D 4 7  ? 5.543   26.134  -14.338 1.00 108.72 ? 16  DC  D OP2    1 
ATOM   1279 O  "O5'"  . DC  D 4 7  ? 4.048   27.520  -12.921 1.00 101.83 ? 16  DC  D "O5'"  1 
ATOM   1280 C  "C5'"  . DC  D 4 7  ? 3.326   27.954  -14.066 1.00 104.33 ? 16  DC  D "C5'"  1 
ATOM   1281 C  "C4'"  . DC  D 4 7  ? 2.323   26.905  -14.518 1.00 100.26 ? 16  DC  D "C4'"  1 
ATOM   1282 O  "O4'"  . DC  D 4 7  ? 1.751   26.246  -13.359 1.00 109.59 ? 16  DC  D "O4'"  1 
ATOM   1283 C  "C3'"  . DC  D 4 7  ? 1.131   27.451  -15.286 1.00 97.58  ? 16  DC  D "C3'"  1 
ATOM   1284 O  "O3'"  . DC  D 4 7  ? 0.606   26.475  -16.183 1.00 105.41 ? 16  DC  D "O3'"  1 
ATOM   1285 C  "C2'"  . DC  D 4 7  ? 0.154   27.799  -14.172 1.00 89.31  ? 16  DC  D "C2'"  1 
ATOM   1286 C  "C1'"  . DC  D 4 7  ? 0.435   26.730  -13.121 1.00 95.82  ? 16  DC  D "C1'"  1 
ATOM   1287 N  N1     . DC  D 4 7  ? 0.368   27.235  -11.724 1.00 94.42  ? 16  DC  D N1     1 
ATOM   1288 C  C2     . DC  D 4 7  ? -0.875  27.458  -11.120 1.00 89.77  ? 16  DC  D C2     1 
ATOM   1289 O  O2     . DC  D 4 7  ? -1.909  27.233  -11.762 1.00 96.20  ? 16  DC  D O2     1 
ATOM   1290 N  N3     . DC  D 4 7  ? -0.912  27.917  -9.844  1.00 78.70  ? 16  DC  D N3     1 
ATOM   1291 C  C4     . DC  D 4 7  ? 0.225   28.146  -9.187  1.00 86.64  ? 16  DC  D C4     1 
ATOM   1292 N  N4     . DC  D 4 7  ? 0.142   28.598  -7.934  1.00 85.54  ? 16  DC  D N4     1 
ATOM   1293 C  C5     . DC  D 4 7  ? 1.499   27.923  -9.787  1.00 91.12  ? 16  DC  D C5     1 
ATOM   1294 C  C6     . DC  D 4 7  ? 1.522   27.472  -11.042 1.00 92.20  ? 16  DC  D C6     1 
ATOM   1295 H  "H5'"  . DC  D 4 7  ? 3.950   28.129  -14.787 1.00 125.19 ? 16  DC  D "H5'"  1 
ATOM   1296 H  "H5''" . DC  D 4 7  ? 2.852   28.773  -13.850 1.00 125.19 ? 16  DC  D "H5''" 1 
ATOM   1297 H  "H4'"  . DC  D 4 7  ? 2.778   26.246  -15.065 1.00 120.31 ? 16  DC  D "H4'"  1 
ATOM   1298 H  "H3'"  . DC  D 4 7  ? 1.384   28.251  -15.771 1.00 117.09 ? 16  DC  D "H3'"  1 
ATOM   1299 H  "HO3'" . DC  D 4 7  ? -0.192  26.224  -16.109 1.00 126.49 ? 16  DC  D "HO3'" 1 
ATOM   1300 H  "H2'"  . DC  D 4 7  ? 0.339   28.684  -13.820 1.00 107.17 ? 16  DC  D "H2'"  1 
ATOM   1301 H  "H2''" . DC  D 4 7  ? -0.761  27.737  -14.488 1.00 107.17 ? 16  DC  D "H2''" 1 
ATOM   1302 H  "H1'"  . DC  D 4 7  ? -0.197  26.002  -13.228 1.00 114.98 ? 16  DC  D "H1'"  1 
ATOM   1303 H  H41    . DC  D 4 7  ? 0.853   28.670  -7.454  1.00 102.65 ? 16  DC  D H41    1 
ATOM   1304 H  H42    . DC  D 4 7  ? -0.622  28.817  -7.606  1.00 102.65 ? 16  DC  D H42    1 
ATOM   1305 H  H5     . DC  D 4 7  ? 2.286   28.086  -9.319  1.00 109.34 ? 16  DC  D H5     1 
ATOM   1306 H  H6     . DC  D 4 7  ? 2.339   27.317  -11.458 1.00 110.64 ? 16  DC  D H6     1 
HETATM 1307 AS AS     . CAC E 5 .  ? 15.532  -14.258 1.670   1.00 139.70 ? 101 CAC C AS     1 
HETATM 1308 MG MG     . MG  F 6 .  ? 2.189   -28.941 9.596   1.00 82.22  ? 102 MG  C MG     1 
# 
loop_
_pdbx_poly_seq_scheme.asym_id 
_pdbx_poly_seq_scheme.entity_id 
_pdbx_poly_seq_scheme.seq_id 
_pdbx_poly_seq_scheme.mon_id 
_pdbx_poly_seq_scheme.ndb_seq_num 
_pdbx_poly_seq_scheme.pdb_seq_num 
_pdbx_poly_seq_scheme.auth_seq_num 
_pdbx_poly_seq_scheme.pdb_mon_id 
_pdbx_poly_seq_scheme.auth_mon_id 
_pdbx_poly_seq_scheme.pdb_strand_id 
_pdbx_poly_seq_scheme.pdb_ins_code 
_pdbx_poly_seq_scheme.hetero 
A 1 1  DG 1  1  1  DG DG A . n 
A 1 2  DA 2  2  2  DA DA A . n 
A 1 3  DG 3  3  3  DG DG A . n 
A 1 4  DC 4  4  4  DC DC A . n 
A 1 5  DA 5  5  5  DA DA A . n 
A 1 6  DG 6  6  6  DG DG A . n 
A 1 7  DA 7  7  7  DA DA A . n 
A 1 8  DC 8  8  8  DC DC A . n 
A 1 9  DC 9  9  9  DC DC A . n 
A 1 10 DT 10 10 10 DT DT A . n 
A 1 11 DG 11 11 11 DG DG A . n 
A 1 12 DA 12 12 12 DA DA A . n 
A 1 13 DC 13 13 13 DC DC A . n 
A 1 14 DG 14 14 14 DG DG A . n 
A 1 15 DG 15 15 15 DG DG A . n 
A 1 16 DC 16 16 16 DC DC A . n 
A 1 17 DA 17 17 17 DA DA A . n 
A 1 18 DC 18 18 18 DC DC A . n 
A 1 19 DT 19 19 19 DT DT A . n 
A 1 20 DC 20 20 20 DC DC A . n 
A 1 21 DA 21 21 21 DA DA A . n 
B 2 1  DC 1  0  0  DC DC B . n 
B 2 2  DC 2  1  1  DC DC B . n 
B 2 3  DG 3  2  2  DG DG B . n 
B 2 4  DT 4  3  3  DT DT B . n 
B 2 5  DC 5  4  4  DC DC B . n 
B 2 6  DA 6  5  5  DA DA B . n 
C 3 1  DT 1  1  1  DT DT C . n 
C 3 2  DC 2  2  2  DC DC C . n 
C 3 3  DT 3  3  3  DT DT C . n 
C 3 4  DG 4  4  4  DG DG C . n 
C 3 5  DA 5  5  5  DA DA C . n 
C 3 6  DG 6  6  6  DG DG C . n 
C 3 7  DT 7  7  7  DT DT C . n 
C 3 8  DG 8  8  8  DG DG C . n 
D 4 1  DG 1  10 10 DG DG D . n 
D 4 2  DG 2  11 11 DG DG D . n 
D 4 3  DT 3  12 12 DT DT D . n 
D 4 4  DC 4  13 13 DC DC D . n 
D 4 5  DT 5  14 14 DT DT D . n 
D 4 6  DG 6  15 15 DG DG D . n 
D 4 7  DC 7  16 16 DC DC D . n 
# 
loop_
_pdbx_nonpoly_scheme.asym_id 
_pdbx_nonpoly_scheme.entity_id 
_pdbx_nonpoly_scheme.mon_id 
_pdbx_nonpoly_scheme.ndb_seq_num 
_pdbx_nonpoly_scheme.pdb_seq_num 
_pdbx_nonpoly_scheme.auth_seq_num 
_pdbx_nonpoly_scheme.pdb_mon_id 
_pdbx_nonpoly_scheme.auth_mon_id 
_pdbx_nonpoly_scheme.pdb_strand_id 
_pdbx_nonpoly_scheme.pdb_ins_code 
E 5 CAC 1 101 1 CAC AS C . 
F 6 MG  1 102 1 MG  MG C . 
# 
_pdbx_struct_assembly.id                   1 
_pdbx_struct_assembly.details              author_defined_assembly 
_pdbx_struct_assembly.method_details       ? 
_pdbx_struct_assembly.oligomeric_details   tetrameric 
_pdbx_struct_assembly.oligomeric_count     4 
# 
_pdbx_struct_assembly_gen.assembly_id       1 
_pdbx_struct_assembly_gen.oper_expression   1 
_pdbx_struct_assembly_gen.asym_id_list      A,B,C,D,E,F 
# 
_pdbx_struct_oper_list.id                   1 
_pdbx_struct_oper_list.type                 'identity operation' 
_pdbx_struct_oper_list.name                 1_555 
_pdbx_struct_oper_list.symmetry_operation   x,y,z 
_pdbx_struct_oper_list.matrix[1][1]         1.0000000000 
_pdbx_struct_oper_list.matrix[1][2]         0.0000000000 
_pdbx_struct_oper_list.matrix[1][3]         0.0000000000 
_pdbx_struct_oper_list.vector[1]            0.0000000000 
_pdbx_struct_oper_list.matrix[2][1]         0.0000000000 
_pdbx_struct_oper_list.matrix[2][2]         1.0000000000 
_pdbx_struct_oper_list.matrix[2][3]         0.0000000000 
_pdbx_struct_oper_list.vector[2]            0.0000000000 
_pdbx_struct_oper_list.matrix[3][1]         0.0000000000 
_pdbx_struct_oper_list.matrix[3][2]         0.0000000000 
_pdbx_struct_oper_list.matrix[3][3]         1.0000000000 
_pdbx_struct_oper_list.vector[3]            0.0000000000 
# 
loop_
_pdbx_audit_revision_history.ordinal 
_pdbx_audit_revision_history.data_content_type 
_pdbx_audit_revision_history.major_revision 
_pdbx_audit_revision_history.minor_revision 
_pdbx_audit_revision_history.revision_date 
1 'Structure model' 1 0 2021-07-14 
2 'Structure model' 1 1 2022-07-06 
3 'Structure model' 1 2 2023-10-18 
# 
_pdbx_audit_revision_details.ordinal             1 
_pdbx_audit_revision_details.revision_ordinal    1 
_pdbx_audit_revision_details.data_content_type   'Structure model' 
_pdbx_audit_revision_details.provider            repository 
_pdbx_audit_revision_details.type                'Initial release' 
_pdbx_audit_revision_details.description         ? 
_pdbx_audit_revision_details.details             ? 
# 
loop_
_pdbx_audit_revision_group.ordinal 
_pdbx_audit_revision_group.revision_ordinal 
_pdbx_audit_revision_group.data_content_type 
_pdbx_audit_revision_group.group 
1 2 'Structure model' 'Database references'    
2 3 'Structure model' 'Data collection'        
3 3 'Structure model' 'Refinement description' 
# 
loop_
_pdbx_audit_revision_category.ordinal 
_pdbx_audit_revision_category.revision_ordinal 
_pdbx_audit_revision_category.data_content_type 
_pdbx_audit_revision_category.category 
1 2 'Structure model' citation                      
2 2 'Structure model' citation_author               
3 2 'Structure model' database_2                    
4 3 'Structure model' chem_comp_atom                
5 3 'Structure model' chem_comp_bond                
6 3 'Structure model' pdbx_initial_refinement_model 
# 
loop_
_pdbx_audit_revision_item.ordinal 
_pdbx_audit_revision_item.revision_ordinal 
_pdbx_audit_revision_item.data_content_type 
_pdbx_audit_revision_item.item 
1  2 'Structure model' '_citation.country'                   
2  2 'Structure model' '_citation.journal_abbrev'            
3  2 'Structure model' '_citation.journal_id_CSD'            
4  2 'Structure model' '_citation.journal_id_ISSN'           
5  2 'Structure model' '_citation.journal_volume'            
6  2 'Structure model' '_citation.page_first'                
7  2 'Structure model' '_citation.page_last'                 
8  2 'Structure model' '_citation.pdbx_database_id_DOI'      
9  2 'Structure model' '_citation.pdbx_database_id_PubMed'   
10 2 'Structure model' '_citation.title'                     
11 2 'Structure model' '_citation.year'                      
12 2 'Structure model' '_database_2.pdbx_DOI'                
13 2 'Structure model' '_database_2.pdbx_database_accession' 
# 
loop_
_software.citation_id 
_software.classification 
_software.compiler_name 
_software.compiler_version 
_software.contact_author 
_software.contact_author_email 
_software.date 
_software.description 
_software.dependencies 
_software.hardware 
_software.language 
_software.location 
_software.mods 
_software.name 
_software.os 
_software.os_version 
_software.type 
_software.version 
_software.pdbx_ordinal 
? 'data reduction'  ? ? ? ? ? ? ? ? ? ? ? HKL-2000    ? ? ? .           1 
? 'data scaling'    ? ? ? ? ? ? ? ? ? ? ? HKL-2000    ? ? ? .           2 
? refinement        ? ? ? ? ? ? ? ? ? ? ? PHENIX      ? ? ? 1.11.1_2575 3 
? 'data extraction' ? ? ? ? ? ? ? ? ? ? ? PDB_EXTRACT ? ? ? 3.25        4 
? phasing           ? ? ? ? ? ? ? ? ? ? ? PHASER      ? ? ? .           5 
# 
_pdbx_entry_details.entry_id                 7JP5 
_pdbx_entry_details.has_ligand_of_interest   N 
_pdbx_entry_details.compound_details         ? 
_pdbx_entry_details.source_details           ? 
_pdbx_entry_details.nonpolymer_details       ? 
_pdbx_entry_details.sequence_details         ? 
# 
loop_
_pdbx_validate_symm_contact.id 
_pdbx_validate_symm_contact.PDB_model_num 
_pdbx_validate_symm_contact.auth_atom_id_1 
_pdbx_validate_symm_contact.auth_asym_id_1 
_pdbx_validate_symm_contact.auth_comp_id_1 
_pdbx_validate_symm_contact.auth_seq_id_1 
_pdbx_validate_symm_contact.PDB_ins_code_1 
_pdbx_validate_symm_contact.label_alt_id_1 
_pdbx_validate_symm_contact.site_symmetry_1 
_pdbx_validate_symm_contact.auth_atom_id_2 
_pdbx_validate_symm_contact.auth_asym_id_2 
_pdbx_validate_symm_contact.auth_comp_id_2 
_pdbx_validate_symm_contact.auth_seq_id_2 
_pdbx_validate_symm_contact.PDB_ins_code_2 
_pdbx_validate_symm_contact.label_alt_id_2 
_pdbx_validate_symm_contact.site_symmetry_2 
_pdbx_validate_symm_contact.dist 
1 1 OP1 B DC 0 ? ? 1_555 "HO3'" B DA 5 ? ? 2_644 1.52 
2 1 OP1 B DC 0 ? ? 1_555 "O3'"  B DA 5 ? ? 2_644 1.97 
# 
loop_
_pdbx_validate_rmsd_angle.id 
_pdbx_validate_rmsd_angle.PDB_model_num 
_pdbx_validate_rmsd_angle.auth_atom_id_1 
_pdbx_validate_rmsd_angle.auth_asym_id_1 
_pdbx_validate_rmsd_angle.auth_comp_id_1 
_pdbx_validate_rmsd_angle.auth_seq_id_1 
_pdbx_validate_rmsd_angle.PDB_ins_code_1 
_pdbx_validate_rmsd_angle.label_alt_id_1 
_pdbx_validate_rmsd_angle.auth_atom_id_2 
_pdbx_validate_rmsd_angle.auth_asym_id_2 
_pdbx_validate_rmsd_angle.auth_comp_id_2 
_pdbx_validate_rmsd_angle.auth_seq_id_2 
_pdbx_validate_rmsd_angle.PDB_ins_code_2 
_pdbx_validate_rmsd_angle.label_alt_id_2 
_pdbx_validate_rmsd_angle.auth_atom_id_3 
_pdbx_validate_rmsd_angle.auth_asym_id_3 
_pdbx_validate_rmsd_angle.auth_comp_id_3 
_pdbx_validate_rmsd_angle.auth_seq_id_3 
_pdbx_validate_rmsd_angle.PDB_ins_code_3 
_pdbx_validate_rmsd_angle.label_alt_id_3 
_pdbx_validate_rmsd_angle.angle_value 
_pdbx_validate_rmsd_angle.angle_target_value 
_pdbx_validate_rmsd_angle.angle_deviation 
_pdbx_validate_rmsd_angle.angle_standard_deviation 
_pdbx_validate_rmsd_angle.linker_flag 
1 1 "O4'" B DT 3  ? ? "C1'" B DT 3  ? ? N1 B DT 3  ? ? 110.67 108.30 2.37 0.30 N 
2 1 "O4'" D DT 12 ? ? "C1'" D DT 12 ? ? N1 D DT 12 ? ? 110.66 108.30 2.36 0.30 N 
# 
loop_
_pdbx_unobs_or_zero_occ_atoms.id 
_pdbx_unobs_or_zero_occ_atoms.PDB_model_num 
_pdbx_unobs_or_zero_occ_atoms.polymer_flag 
_pdbx_unobs_or_zero_occ_atoms.occupancy_flag 
_pdbx_unobs_or_zero_occ_atoms.auth_asym_id 
_pdbx_unobs_or_zero_occ_atoms.auth_comp_id 
_pdbx_unobs_or_zero_occ_atoms.auth_seq_id 
_pdbx_unobs_or_zero_occ_atoms.PDB_ins_code 
_pdbx_unobs_or_zero_occ_atoms.auth_atom_id 
_pdbx_unobs_or_zero_occ_atoms.label_alt_id 
_pdbx_unobs_or_zero_occ_atoms.label_asym_id 
_pdbx_unobs_or_zero_occ_atoms.label_comp_id 
_pdbx_unobs_or_zero_occ_atoms.label_seq_id 
_pdbx_unobs_or_zero_occ_atoms.label_atom_id 
1 1 N 1 C CAC 101 ? O1 ? E CAC 1 O1 
2 1 N 1 C CAC 101 ? O2 ? E CAC 1 O2 
3 1 N 1 C CAC 101 ? C1 ? E CAC 1 C1 
4 1 N 1 C CAC 101 ? C2 ? E CAC 1 C2 
# 
loop_
_chem_comp_atom.comp_id 
_chem_comp_atom.atom_id 
_chem_comp_atom.type_symbol 
_chem_comp_atom.pdbx_aromatic_flag 
_chem_comp_atom.pdbx_stereo_config 
_chem_comp_atom.pdbx_ordinal 
CAC AS     AS N N 1   
CAC O1     O  N N 2   
CAC O2     O  N N 3   
CAC C1     C  N N 4   
CAC C2     C  N N 5   
CAC H11    H  N N 6   
CAC H12    H  N N 7   
CAC H13    H  N N 8   
CAC H21    H  N N 9   
CAC H22    H  N N 10  
CAC H23    H  N N 11  
DA  OP3    O  N N 12  
DA  P      P  N N 13  
DA  OP1    O  N N 14  
DA  OP2    O  N N 15  
DA  "O5'"  O  N N 16  
DA  "C5'"  C  N N 17  
DA  "C4'"  C  N R 18  
DA  "O4'"  O  N N 19  
DA  "C3'"  C  N S 20  
DA  "O3'"  O  N N 21  
DA  "C2'"  C  N N 22  
DA  "C1'"  C  N R 23  
DA  N9     N  Y N 24  
DA  C8     C  Y N 25  
DA  N7     N  Y N 26  
DA  C5     C  Y N 27  
DA  C6     C  Y N 28  
DA  N6     N  N N 29  
DA  N1     N  Y N 30  
DA  C2     C  Y N 31  
DA  N3     N  Y N 32  
DA  C4     C  Y N 33  
DA  HOP3   H  N N 34  
DA  HOP2   H  N N 35  
DA  "H5'"  H  N N 36  
DA  "H5''" H  N N 37  
DA  "H4'"  H  N N 38  
DA  "H3'"  H  N N 39  
DA  "HO3'" H  N N 40  
DA  "H2'"  H  N N 41  
DA  "H2''" H  N N 42  
DA  "H1'"  H  N N 43  
DA  H8     H  N N 44  
DA  H61    H  N N 45  
DA  H62    H  N N 46  
DA  H2     H  N N 47  
DC  OP3    O  N N 48  
DC  P      P  N N 49  
DC  OP1    O  N N 50  
DC  OP2    O  N N 51  
DC  "O5'"  O  N N 52  
DC  "C5'"  C  N N 53  
DC  "C4'"  C  N R 54  
DC  "O4'"  O  N N 55  
DC  "C3'"  C  N S 56  
DC  "O3'"  O  N N 57  
DC  "C2'"  C  N N 58  
DC  "C1'"  C  N R 59  
DC  N1     N  N N 60  
DC  C2     C  N N 61  
DC  O2     O  N N 62  
DC  N3     N  N N 63  
DC  C4     C  N N 64  
DC  N4     N  N N 65  
DC  C5     C  N N 66  
DC  C6     C  N N 67  
DC  HOP3   H  N N 68  
DC  HOP2   H  N N 69  
DC  "H5'"  H  N N 70  
DC  "H5''" H  N N 71  
DC  "H4'"  H  N N 72  
DC  "H3'"  H  N N 73  
DC  "HO3'" H  N N 74  
DC  "H2'"  H  N N 75  
DC  "H2''" H  N N 76  
DC  "H1'"  H  N N 77  
DC  H41    H  N N 78  
DC  H42    H  N N 79  
DC  H5     H  N N 80  
DC  H6     H  N N 81  
DG  OP3    O  N N 82  
DG  P      P  N N 83  
DG  OP1    O  N N 84  
DG  OP2    O  N N 85  
DG  "O5'"  O  N N 86  
DG  "C5'"  C  N N 87  
DG  "C4'"  C  N R 88  
DG  "O4'"  O  N N 89  
DG  "C3'"  C  N S 90  
DG  "O3'"  O  N N 91  
DG  "C2'"  C  N N 92  
DG  "C1'"  C  N R 93  
DG  N9     N  Y N 94  
DG  C8     C  Y N 95  
DG  N7     N  Y N 96  
DG  C5     C  Y N 97  
DG  C6     C  N N 98  
DG  O6     O  N N 99  
DG  N1     N  N N 100 
DG  C2     C  N N 101 
DG  N2     N  N N 102 
DG  N3     N  N N 103 
DG  C4     C  Y N 104 
DG  HOP3   H  N N 105 
DG  HOP2   H  N N 106 
DG  "H5'"  H  N N 107 
DG  "H5''" H  N N 108 
DG  "H4'"  H  N N 109 
DG  "H3'"  H  N N 110 
DG  "HO3'" H  N N 111 
DG  "H2'"  H  N N 112 
DG  "H2''" H  N N 113 
DG  "H1'"  H  N N 114 
DG  H8     H  N N 115 
DG  H1     H  N N 116 
DG  H21    H  N N 117 
DG  H22    H  N N 118 
DT  OP3    O  N N 119 
DT  P      P  N N 120 
DT  OP1    O  N N 121 
DT  OP2    O  N N 122 
DT  "O5'"  O  N N 123 
DT  "C5'"  C  N N 124 
DT  "C4'"  C  N R 125 
DT  "O4'"  O  N N 126 
DT  "C3'"  C  N S 127 
DT  "O3'"  O  N N 128 
DT  "C2'"  C  N N 129 
DT  "C1'"  C  N R 130 
DT  N1     N  N N 131 
DT  C2     C  N N 132 
DT  O2     O  N N 133 
DT  N3     N  N N 134 
DT  C4     C  N N 135 
DT  O4     O  N N 136 
DT  C5     C  N N 137 
DT  C7     C  N N 138 
DT  C6     C  N N 139 
DT  HOP3   H  N N 140 
DT  HOP2   H  N N 141 
DT  "H5'"  H  N N 142 
DT  "H5''" H  N N 143 
DT  "H4'"  H  N N 144 
DT  "H3'"  H  N N 145 
DT  "HO3'" H  N N 146 
DT  "H2'"  H  N N 147 
DT  "H2''" H  N N 148 
DT  "H1'"  H  N N 149 
DT  H3     H  N N 150 
DT  H71    H  N N 151 
DT  H72    H  N N 152 
DT  H73    H  N N 153 
DT  H6     H  N N 154 
MG  MG     MG N N 155 
# 
loop_
_chem_comp_bond.comp_id 
_chem_comp_bond.atom_id_1 
_chem_comp_bond.atom_id_2 
_chem_comp_bond.value_order 
_chem_comp_bond.pdbx_aromatic_flag 
_chem_comp_bond.pdbx_stereo_config 
_chem_comp_bond.pdbx_ordinal 
CAC AS    O1     doub N N 1   
CAC AS    O2     sing N N 2   
CAC AS    C1     sing N N 3   
CAC AS    C2     sing N N 4   
CAC C1    H11    sing N N 5   
CAC C1    H12    sing N N 6   
CAC C1    H13    sing N N 7   
CAC C2    H21    sing N N 8   
CAC C2    H22    sing N N 9   
CAC C2    H23    sing N N 10  
DA  OP3   P      sing N N 11  
DA  OP3   HOP3   sing N N 12  
DA  P     OP1    doub N N 13  
DA  P     OP2    sing N N 14  
DA  P     "O5'"  sing N N 15  
DA  OP2   HOP2   sing N N 16  
DA  "O5'" "C5'"  sing N N 17  
DA  "C5'" "C4'"  sing N N 18  
DA  "C5'" "H5'"  sing N N 19  
DA  "C5'" "H5''" sing N N 20  
DA  "C4'" "O4'"  sing N N 21  
DA  "C4'" "C3'"  sing N N 22  
DA  "C4'" "H4'"  sing N N 23  
DA  "O4'" "C1'"  sing N N 24  
DA  "C3'" "O3'"  sing N N 25  
DA  "C3'" "C2'"  sing N N 26  
DA  "C3'" "H3'"  sing N N 27  
DA  "O3'" "HO3'" sing N N 28  
DA  "C2'" "C1'"  sing N N 29  
DA  "C2'" "H2'"  sing N N 30  
DA  "C2'" "H2''" sing N N 31  
DA  "C1'" N9     sing N N 32  
DA  "C1'" "H1'"  sing N N 33  
DA  N9    C8     sing Y N 34  
DA  N9    C4     sing Y N 35  
DA  C8    N7     doub Y N 36  
DA  C8    H8     sing N N 37  
DA  N7    C5     sing Y N 38  
DA  C5    C6     sing Y N 39  
DA  C5    C4     doub Y N 40  
DA  C6    N6     sing N N 41  
DA  C6    N1     doub Y N 42  
DA  N6    H61    sing N N 43  
DA  N6    H62    sing N N 44  
DA  N1    C2     sing Y N 45  
DA  C2    N3     doub Y N 46  
DA  C2    H2     sing N N 47  
DA  N3    C4     sing Y N 48  
DC  OP3   P      sing N N 49  
DC  OP3   HOP3   sing N N 50  
DC  P     OP1    doub N N 51  
DC  P     OP2    sing N N 52  
DC  P     "O5'"  sing N N 53  
DC  OP2   HOP2   sing N N 54  
DC  "O5'" "C5'"  sing N N 55  
DC  "C5'" "C4'"  sing N N 56  
DC  "C5'" "H5'"  sing N N 57  
DC  "C5'" "H5''" sing N N 58  
DC  "C4'" "O4'"  sing N N 59  
DC  "C4'" "C3'"  sing N N 60  
DC  "C4'" "H4'"  sing N N 61  
DC  "O4'" "C1'"  sing N N 62  
DC  "C3'" "O3'"  sing N N 63  
DC  "C3'" "C2'"  sing N N 64  
DC  "C3'" "H3'"  sing N N 65  
DC  "O3'" "HO3'" sing N N 66  
DC  "C2'" "C1'"  sing N N 67  
DC  "C2'" "H2'"  sing N N 68  
DC  "C2'" "H2''" sing N N 69  
DC  "C1'" N1     sing N N 70  
DC  "C1'" "H1'"  sing N N 71  
DC  N1    C2     sing N N 72  
DC  N1    C6     sing N N 73  
DC  C2    O2     doub N N 74  
DC  C2    N3     sing N N 75  
DC  N3    C4     doub N N 76  
DC  C4    N4     sing N N 77  
DC  C4    C5     sing N N 78  
DC  N4    H41    sing N N 79  
DC  N4    H42    sing N N 80  
DC  C5    C6     doub N N 81  
DC  C5    H5     sing N N 82  
DC  C6    H6     sing N N 83  
DG  OP3   P      sing N N 84  
DG  OP3   HOP3   sing N N 85  
DG  P     OP1    doub N N 86  
DG  P     OP2    sing N N 87  
DG  P     "O5'"  sing N N 88  
DG  OP2   HOP2   sing N N 89  
DG  "O5'" "C5'"  sing N N 90  
DG  "C5'" "C4'"  sing N N 91  
DG  "C5'" "H5'"  sing N N 92  
DG  "C5'" "H5''" sing N N 93  
DG  "C4'" "O4'"  sing N N 94  
DG  "C4'" "C3'"  sing N N 95  
DG  "C4'" "H4'"  sing N N 96  
DG  "O4'" "C1'"  sing N N 97  
DG  "C3'" "O3'"  sing N N 98  
DG  "C3'" "C2'"  sing N N 99  
DG  "C3'" "H3'"  sing N N 100 
DG  "O3'" "HO3'" sing N N 101 
DG  "C2'" "C1'"  sing N N 102 
DG  "C2'" "H2'"  sing N N 103 
DG  "C2'" "H2''" sing N N 104 
DG  "C1'" N9     sing N N 105 
DG  "C1'" "H1'"  sing N N 106 
DG  N9    C8     sing Y N 107 
DG  N9    C4     sing Y N 108 
DG  C8    N7     doub Y N 109 
DG  C8    H8     sing N N 110 
DG  N7    C5     sing Y N 111 
DG  C5    C6     sing N N 112 
DG  C5    C4     doub Y N 113 
DG  C6    O6     doub N N 114 
DG  C6    N1     sing N N 115 
DG  N1    C2     sing N N 116 
DG  N1    H1     sing N N 117 
DG  C2    N2     sing N N 118 
DG  C2    N3     doub N N 119 
DG  N2    H21    sing N N 120 
DG  N2    H22    sing N N 121 
DG  N3    C4     sing N N 122 
DT  OP3   P      sing N N 123 
DT  OP3   HOP3   sing N N 124 
DT  P     OP1    doub N N 125 
DT  P     OP2    sing N N 126 
DT  P     "O5'"  sing N N 127 
DT  OP2   HOP2   sing N N 128 
DT  "O5'" "C5'"  sing N N 129 
DT  "C5'" "C4'"  sing N N 130 
DT  "C5'" "H5'"  sing N N 131 
DT  "C5'" "H5''" sing N N 132 
DT  "C4'" "O4'"  sing N N 133 
DT  "C4'" "C3'"  sing N N 134 
DT  "C4'" "H4'"  sing N N 135 
DT  "O4'" "C1'"  sing N N 136 
DT  "C3'" "O3'"  sing N N 137 
DT  "C3'" "C2'"  sing N N 138 
DT  "C3'" "H3'"  sing N N 139 
DT  "O3'" "HO3'" sing N N 140 
DT  "C2'" "C1'"  sing N N 141 
DT  "C2'" "H2'"  sing N N 142 
DT  "C2'" "H2''" sing N N 143 
DT  "C1'" N1     sing N N 144 
DT  "C1'" "H1'"  sing N N 145 
DT  N1    C2     sing N N 146 
DT  N1    C6     sing N N 147 
DT  C2    O2     doub N N 148 
DT  C2    N3     sing N N 149 
DT  N3    C4     sing N N 150 
DT  N3    H3     sing N N 151 
DT  C4    O4     doub N N 152 
DT  C4    C5     sing N N 153 
DT  C5    C7     sing N N 154 
DT  C5    C6     doub N N 155 
DT  C7    H71    sing N N 156 
DT  C7    H72    sing N N 157 
DT  C7    H73    sing N N 158 
DT  C6    H6     sing N N 159 
# 
loop_
_ndb_struct_conf_na.entry_id 
_ndb_struct_conf_na.feature 
7JP5 'double helix'        
7JP5 'a-form double helix' 
7JP5 'b-form double helix' 
# 
loop_
_ndb_struct_na_base_pair.model_number 
_ndb_struct_na_base_pair.i_label_asym_id 
_ndb_struct_na_base_pair.i_label_comp_id 
_ndb_struct_na_base_pair.i_label_seq_id 
_ndb_struct_na_base_pair.i_symmetry 
_ndb_struct_na_base_pair.j_label_asym_id 
_ndb_struct_na_base_pair.j_label_comp_id 
_ndb_struct_na_base_pair.j_label_seq_id 
_ndb_struct_na_base_pair.j_symmetry 
_ndb_struct_na_base_pair.shear 
_ndb_struct_na_base_pair.stretch 
_ndb_struct_na_base_pair.stagger 
_ndb_struct_na_base_pair.buckle 
_ndb_struct_na_base_pair.propeller 
_ndb_struct_na_base_pair.opening 
_ndb_struct_na_base_pair.pair_number 
_ndb_struct_na_base_pair.pair_name 
_ndb_struct_na_base_pair.i_auth_asym_id 
_ndb_struct_na_base_pair.i_auth_seq_id 
_ndb_struct_na_base_pair.i_PDB_ins_code 
_ndb_struct_na_base_pair.j_auth_asym_id 
_ndb_struct_na_base_pair.j_auth_seq_id 
_ndb_struct_na_base_pair.j_PDB_ins_code 
_ndb_struct_na_base_pair.hbond_type_28 
_ndb_struct_na_base_pair.hbond_type_12 
1 A DG 3  1_555 D DC 7 1_555 2.634  0.452  0.781  1.209  -16.421 1.520   1  A_DG3:DC16_D A 3  ? D 16 ? ?  ? 
1 A DC 4  1_555 D DG 6 1_555 0.202  -0.110 -0.049 -9.149 -5.760  0.569   2  A_DC4:DG15_D A 4  ? D 15 ? 19 1 
1 A DA 5  1_555 D DT 5 1_555 0.272  -0.091 0.601  -4.808 -8.232  -14.323 3  A_DA5:DT14_D A 5  ? D 14 ? 20 1 
1 A DG 6  1_555 D DC 4 1_555 -0.211 -0.168 0.194  -6.450 -5.380  -3.785  4  A_DG6:DC13_D A 6  ? D 13 ? 19 1 
1 A DA 7  1_555 D DT 3 1_555 0.972  0.239  0.029  -2.236 0.365   -23.250 5  A_DA7:DT12_D A 7  ? D 12 ? 20 1 
1 A DC 8  1_555 D DG 2 1_555 0.236  -0.127 0.292  1.894  -4.097  -2.336  6  A_DC8:DG11_D A 8  ? D 11 ? 19 1 
1 A DC 9  1_555 D DG 1 1_555 0.149  -0.176 0.534  -0.681 -3.779  -3.195  7  A_DC9:DG10_D A 9  ? D 10 ? 19 1 
1 A DT 10 1_555 B DA 6 1_555 -2.112 0.259  1.094  -4.567 -8.035  1.222   8  A_DT10:DA5_B A 10 ? B 5  ? ?  ? 
1 A DG 11 1_555 B DC 5 1_555 1.197  0.727  0.751  5.084  -3.314  5.718   9  A_DG11:DC4_B A 11 ? B 4  ? ?  1 
1 A DC 13 1_555 B DG 3 1_555 -1.066 0.234  1.005  -4.166 -8.053  -8.692  10 A_DC13:DG2_B A 13 ? B 2  ? 19 1 
1 A DG 14 1_555 B DC 2 1_555 -0.023 -0.126 0.735  2.956  -7.552  -6.406  11 A_DG14:DC1_B A 14 ? B 1  ? 19 1 
1 A DG 15 1_555 B DC 1 1_555 1.805  0.199  0.992  6.802  -6.768  4.818   12 A_DG15:DC0_B A 15 ? B 0  ? ?  1 
1 A DC 16 1_555 C DG 8 1_555 0.083  -0.205 0.811  1.511  -9.301  -9.450  13 A_DC16:DG8_C A 16 ? C 8  ? 19 1 
1 A DA 17 1_555 C DT 7 1_555 0.427  -0.288 1.297  12.530 -8.355  -7.804  14 A_DA17:DT7_C A 17 ? C 7  ? 20 1 
1 A DC 18 1_555 C DG 6 1_555 -1.317 0.339  0.510  -0.640 -6.670  5.386   15 A_DC18:DG6_C A 18 ? C 6  ? 19 1 
1 A DT 19 1_555 C DA 5 1_555 -0.156 -0.100 0.196  -4.989 -9.553  -1.336  16 A_DT19:DA5_C A 19 ? C 5  ? 20 1 
1 A DC 20 1_555 C DG 4 1_555 0.210  -0.114 -0.095 -0.207 -8.131  2.949   17 A_DC20:DG4_C A 20 ? C 4  ? 19 1 
1 A DA 21 1_555 C DT 3 1_555 0.133  -0.105 0.066  -1.475 -10.117 -1.022  18 A_DA21:DT3_C A 21 ? C 3  ? 20 1 
# 
loop_
_ndb_struct_na_base_pair_step.model_number 
_ndb_struct_na_base_pair_step.i_label_asym_id_1 
_ndb_struct_na_base_pair_step.i_label_comp_id_1 
_ndb_struct_na_base_pair_step.i_label_seq_id_1 
_ndb_struct_na_base_pair_step.i_symmetry_1 
_ndb_struct_na_base_pair_step.j_label_asym_id_1 
_ndb_struct_na_base_pair_step.j_label_comp_id_1 
_ndb_struct_na_base_pair_step.j_label_seq_id_1 
_ndb_struct_na_base_pair_step.j_symmetry_1 
_ndb_struct_na_base_pair_step.i_label_asym_id_2 
_ndb_struct_na_base_pair_step.i_label_comp_id_2 
_ndb_struct_na_base_pair_step.i_label_seq_id_2 
_ndb_struct_na_base_pair_step.i_symmetry_2 
_ndb_struct_na_base_pair_step.j_label_asym_id_2 
_ndb_struct_na_base_pair_step.j_label_comp_id_2 
_ndb_struct_na_base_pair_step.j_label_seq_id_2 
_ndb_struct_na_base_pair_step.j_symmetry_2 
_ndb_struct_na_base_pair_step.shift 
_ndb_struct_na_base_pair_step.slide 
_ndb_struct_na_base_pair_step.rise 
_ndb_struct_na_base_pair_step.tilt 
_ndb_struct_na_base_pair_step.roll 
_ndb_struct_na_base_pair_step.twist 
_ndb_struct_na_base_pair_step.x_displacement 
_ndb_struct_na_base_pair_step.y_displacement 
_ndb_struct_na_base_pair_step.helical_rise 
_ndb_struct_na_base_pair_step.inclination 
_ndb_struct_na_base_pair_step.tip 
_ndb_struct_na_base_pair_step.helical_twist 
_ndb_struct_na_base_pair_step.step_number 
_ndb_struct_na_base_pair_step.step_name 
_ndb_struct_na_base_pair_step.i_auth_asym_id_1 
_ndb_struct_na_base_pair_step.i_auth_seq_id_1 
_ndb_struct_na_base_pair_step.i_PDB_ins_code_1 
_ndb_struct_na_base_pair_step.j_auth_asym_id_1 
_ndb_struct_na_base_pair_step.j_auth_seq_id_1 
_ndb_struct_na_base_pair_step.j_PDB_ins_code_1 
_ndb_struct_na_base_pair_step.i_auth_asym_id_2 
_ndb_struct_na_base_pair_step.i_auth_seq_id_2 
_ndb_struct_na_base_pair_step.i_PDB_ins_code_2 
_ndb_struct_na_base_pair_step.j_auth_asym_id_2 
_ndb_struct_na_base_pair_step.j_auth_seq_id_2 
_ndb_struct_na_base_pair_step.j_PDB_ins_code_2 
1 A DG 3  1_555 D DC 7 1_555 A DC 4  1_555 D DG 6 1_555 0.471  -0.988 3.378 9.290  -2.432 28.215 -1.378 1.161  3.428 -4.816  
-18.395 29.773 1  AA_DG3DC4:DG15DC16_DD A 3  ? D 16 ? A 4  ? D 15 ? 
1 A DC 4  1_555 D DG 6 1_555 A DA 5  1_555 D DT 5 1_555 -1.031 -0.270 3.277 -2.330 4.255  29.727 -1.396 1.503  3.277 8.224   4.504 
30.111 2  AA_DC4DA5:DT14DG15_DD A 4  ? D 15 ? A 5  ? D 14 ? 
1 A DA 5  1_555 D DT 5 1_555 A DG 6  1_555 D DC 4 1_555 0.430  -0.820 3.349 1.924  0.323  28.534 -1.734 -0.422 3.361 0.655   
-3.897  28.599 3  AA_DA5DG6:DC13DT14_DD A 5  ? D 14 ? A 6  ? D 13 ? 
1 A DG 6  1_555 D DC 4 1_555 A DA 7  1_555 D DT 3 1_555 -0.604 -0.997 3.182 3.525  2.124  44.373 -1.503 1.108  3.079 2.805   
-4.656  44.553 4  AA_DG6DA7:DT12DC13_DD A 6  ? D 13 ? A 7  ? D 12 ? 
1 A DA 7  1_555 D DT 3 1_555 A DC 8  1_555 D DG 2 1_555 1.355  -1.461 3.199 -4.717 2.140  31.295 -3.041 -3.289 2.866 3.933   8.670 
31.710 5  AA_DA7DC8:DG11DT12_DD A 7  ? D 12 ? A 8  ? D 11 ? 
1 A DC 8  1_555 D DG 2 1_555 A DC 9  1_555 D DG 1 1_555 -0.995 -2.116 3.143 -5.528 4.511  32.661 -4.385 0.867  2.957 7.904   9.686 
33.411 6  AA_DC8DC9:DG10DG11_DD A 8  ? D 11 ? A 9  ? D 10 ? 
1 A DC 9  1_555 D DG 1 1_555 A DT 10 1_555 B DA 6 1_555 -1.135 -2.389 3.327 -2.213 -5.507 12.531 -3.475 2.122  4.135 -23.574 9.474 
13.861 7  AA_DC9DT10:DA5DG10_BD A 9  ? D 10 ? A 10 ? B 5  ? 
1 A DT 10 1_555 B DA 6 1_555 A DG 11 1_555 B DC 5 1_555 0.353  0.387  3.342 1.050  1.597  42.792 0.367  -0.376 3.361 2.187   
-1.439  42.833 8  AA_DT10DG11:DC4DA5_BB A 10 ? B 5  ? A 11 ? B 4  ? 
1 A DG 11 1_555 B DC 5 1_555 A DC 13 1_555 B DG 3 1_555 -0.091 -1.487 6.549 -1.136 5.360  67.411 -1.745 -0.005 6.429 4.822   1.022 
67.607 9  AA_DG11DC13:DG2DC4_BB A 11 ? B 4  ? A 13 ? B 2  ? 
1 A DC 13 1_555 B DG 3 1_555 A DG 14 1_555 B DC 2 1_555 -0.434 -0.604 3.154 -1.322 0.315  34.972 -1.050 0.529  3.162 0.525   2.198 
34.998 10 AA_DC13DG14:DC1DG2_BB A 13 ? B 2  ? A 14 ? B 1  ? 
1 A DG 14 1_555 B DC 2 1_555 A DG 15 1_555 B DC 1 1_555 0.274  -0.619 3.213 -3.005 -2.471 44.485 -0.592 -0.632 3.217 -3.257  3.960 
44.647 11 AA_DG14DG15:DC0DC1_BB A 14 ? B 1  ? A 15 ? B 0  ? 
1 A DG 15 1_555 B DC 1 1_555 A DC 16 1_555 C DG 8 1_555 -2.173 -1.447 3.114 -1.249 6.964  19.801 -6.608 5.486  2.589 19.465  3.491 
21.015 12 AA_DG15DC16:DG8DC0_CB A 15 ? B 0  ? A 16 ? C 8  ? 
1 A DC 16 1_555 C DG 8 1_555 A DA 17 1_555 C DT 7 1_555 -0.519 -0.741 2.928 -8.318 -4.201 35.690 -0.644 -0.225 3.034 -6.714  
13.293  36.848 13 AA_DC16DA17:DT7DG8_CC A 16 ? C 8  ? A 17 ? C 7  ? 
1 A DA 17 1_555 C DT 7 1_555 A DC 18 1_555 C DG 6 1_555 0.507  -1.339 3.587 3.292  -5.526 24.964 -1.223 -0.075 3.823 -12.519 
-7.460  25.767 14 AA_DA17DC18:DG6DT7_CC A 17 ? C 7  ? A 18 ? C 6  ? 
1 A DC 18 1_555 C DG 6 1_555 A DT 19 1_555 C DA 5 1_555 -0.500 -0.969 3.270 2.217  -1.462 43.705 -1.160 0.882  3.271 -1.962  
-2.975  43.782 15 AA_DC18DT19:DA5DG6_CC A 18 ? C 6  ? A 19 ? C 5  ? 
1 A DT 19 1_555 C DA 5 1_555 A DC 20 1_555 C DG 4 1_555 1.159  1.807  3.262 4.823  -1.527 40.073 2.791  -1.132 3.305 -2.218  
-7.005  40.378 16 AA_DT19DC20:DG4DA5_CC A 19 ? C 5  ? A 20 ? C 4  ? 
1 A DC 20 1_555 C DG 4 1_555 A DA 21 1_555 C DT 3 1_555 -0.903 1.423  3.533 -3.908 0.477  34.782 2.288  0.855  3.628 0.794   6.512 
34.997 17 AA_DC20DA21:DT3DG4_CC A 20 ? C 4  ? A 21 ? C 3  ? 
# 
loop_
_pdbx_audit_support.funding_organization 
_pdbx_audit_support.country 
_pdbx_audit_support.grant_number 
_pdbx_audit_support.ordinal 
'National Science Foundation (NSF, United States)'                                         'United States' 1360635     1 
'National Institutes of Health/National Institute of General Medical Sciences (NIH/NIGMS)' 'United States' R01GM104960 2 
'National Science Foundation (NSF, United States)'                                         'United States' NSF2004250  3 
# 
loop_
_pdbx_entity_nonpoly.entity_id 
_pdbx_entity_nonpoly.name 
_pdbx_entity_nonpoly.comp_id 
5 'CACODYLATE ION' CAC 
6 'MAGNESIUM ION'  MG  
# 
_pdbx_initial_refinement_model.id               1 
_pdbx_initial_refinement_model.entity_id_list   ? 
_pdbx_initial_refinement_model.type             'experimental model' 
_pdbx_initial_refinement_model.source_name      PDB 
_pdbx_initial_refinement_model.accession_code   5VY6 
_pdbx_initial_refinement_model.details          ? 
# 
_pdbx_struct_assembly_auth_evidence.id                     1 
_pdbx_struct_assembly_auth_evidence.assembly_id            1 
_pdbx_struct_assembly_auth_evidence.experimental_support   none 
_pdbx_struct_assembly_auth_evidence.details                ? 
# 
